data_5ZQ5
#
_entry.id   5ZQ5
#
_cell.length_a   92.672
_cell.length_b   129.084
_cell.length_c   191.507
_cell.angle_alpha   90.00
_cell.angle_beta   90.00
_cell.angle_gamma   90.00
#
_symmetry.space_group_name_H-M   'P 21 21 21'
#
loop_
_entity.id
_entity.type
_entity.pdbx_description
1 polymer SidE
2 polymer Ubiquitin
3 water water
#
loop_
_entity_poly.entity_id
_entity_poly.type
_entity_poly.pdbx_seq_one_letter_code
_entity_poly.pdbx_strand_id
1 'polypeptide(L)'
;(MSE)SVPTWNGFSLYTDETVRNAARYAYDNYLGKPYTGTVEATPVNFGGQ(MSE)VYRQHHGLAHTLRT(MSE)AYAEI
IVEEARKAKLRGESLKTFADGRTLADVTPEELRKI(MSE)IAQAFFVTGRDDEESSKNYEKYHEQSRDAFLKYVEENKST
LIPDVFKDEKDVKFYADVIEDKDHKWADSPAHVLVNQGH(MSE)VDLVRVKQPPESYLEYYFSQLQPWIGSTATEAVFAT
QRQFFHATYEAVAGFDSENKEPHLVVDGLGRYVIGQDGNPIREESDDEDEEESGELKFFSQKKKLEENQRY(MSE)RVDE
YLKLDEVQKRFPGAGKKLDGGLPGLKEYQYLQRLNSINRARCENDVDFCLGQLQTAHHQTKITPIKRAFQSSSEKARRQP
N(MSE)DEIAAARIVQQI(MSE)ANPDCIHDDHVFLNGQKLEEKFFRDLLAKCD(MSE)AIVGSLLNDTDIRNIDTL
(MSE)QHERNTEFHSTDAKAKPVKLGETWEKTIRSGGGVTQIKHDLIFL(MSE)QNDAWYHTRVNAIAQNRDKDSTFKEV
LITAL(MSE)TPLTNKSL(MSE)DTSRSPAPKTLFRGLDLSEEFKNKLINQAETIIANTTEHLFTDLSTEAFKQIKLNDF
SQVSARTCASTSTNIEVPRTIFGSNTIFEILDPDGLLHPKQVGTHVSGSESEYSIYLPEDVALVPIKVSFDGKTGKGKDR
HIFTLVAVKSPDFTPRHESGYAVGPLLK(MSE)QTPKLEEIQRLVEQAREEPDLERVFNLQSRVARQAKFSTESGYKTFL
NEKVAPVLEQSLNGLLDNNVTILGKVLSAFPSDGQWSAFNSVEARQ(MSE)KIQ(MSE)DAIKQ(MSE)VEKKAVLEGQI
LPALAQCQNALEKQNIAGALQALRNIPSLEHHHHHH
;
A,C
2 'polypeptide(L)' GGSMQIFVKTLTGKTITLEVEPSDTIENVKAKIQDKEGIPPDQQALIFAGKQLEDGRTLSDYNIQKESTLHLVLRLRGG B,D
#
# COMPACT_ATOMS: atom_id res chain seq x y z
N SER A 2 17.92 -14.13 -68.80
CA SER A 2 18.13 -14.25 -70.24
C SER A 2 16.93 -13.74 -71.03
N VAL A 3 15.98 -13.11 -70.35
CA VAL A 3 14.84 -12.45 -70.98
C VAL A 3 15.05 -10.94 -70.84
N PRO A 4 15.27 -10.22 -71.93
CA PRO A 4 15.49 -8.77 -71.81
C PRO A 4 14.21 -8.05 -71.41
N THR A 5 14.37 -7.03 -70.57
CA THR A 5 13.23 -6.25 -70.11
C THR A 5 12.52 -5.60 -71.29
N TRP A 6 11.20 -5.69 -71.30
CA TRP A 6 10.39 -5.03 -72.31
C TRP A 6 10.46 -3.52 -72.12
N ASN A 7 10.14 -2.78 -73.19
CA ASN A 7 10.21 -1.32 -73.17
C ASN A 7 8.83 -0.67 -73.16
N GLY A 8 7.79 -1.43 -72.82
CA GLY A 8 6.44 -0.91 -72.81
C GLY A 8 5.78 -0.85 -74.17
N PHE A 9 6.42 -1.37 -75.23
CA PHE A 9 5.77 -1.39 -76.54
C PHE A 9 4.46 -2.15 -76.45
N SER A 10 3.40 -1.56 -76.98
CA SER A 10 2.10 -2.18 -76.88
C SER A 10 1.29 -1.87 -78.13
N LEU A 11 0.57 -2.89 -78.60
CA LEU A 11 -0.38 -2.69 -79.69
C LEU A 11 -1.33 -1.53 -79.39
N TYR A 12 -1.66 -1.31 -78.13
CA TYR A 12 -2.69 -0.35 -77.76
C TYR A 12 -2.16 1.07 -77.60
N THR A 13 -0.85 1.29 -77.54
CA THR A 13 -0.29 2.63 -77.50
C THR A 13 0.62 2.97 -78.66
N ASP A 14 1.09 2.00 -79.44
CA ASP A 14 1.97 2.31 -80.56
C ASP A 14 1.18 2.91 -81.71
N GLU A 15 1.75 3.97 -82.29
CA GLU A 15 1.10 4.78 -83.32
C GLU A 15 1.30 4.23 -84.72
N THR A 16 2.51 3.74 -85.03
CA THR A 16 2.74 3.12 -86.33
C THR A 16 1.78 1.96 -86.55
N VAL A 17 1.65 1.11 -85.54
CA VAL A 17 0.79 -0.06 -85.64
C VAL A 17 -0.66 0.37 -85.84
N ARG A 18 -1.09 1.40 -85.12
CA ARG A 18 -2.46 1.86 -85.26
C ARG A 18 -2.68 2.53 -86.61
N ASN A 19 -1.66 3.23 -87.11
CA ASN A 19 -1.76 3.84 -88.44
C ASN A 19 -1.93 2.80 -89.52
N ALA A 20 -1.17 1.69 -89.44
CA ALA A 20 -1.30 0.65 -90.44
C ALA A 20 -2.68 0.01 -90.40
N ALA A 21 -3.26 -0.12 -89.20
CA ALA A 21 -4.62 -0.65 -89.10
C ALA A 21 -5.63 0.33 -89.66
N ARG A 22 -5.45 1.64 -89.37
CA ARG A 22 -6.30 2.67 -89.97
C ARG A 22 -6.29 2.60 -91.50
N TYR A 23 -5.10 2.48 -92.09
CA TYR A 23 -4.98 2.43 -93.55
C TYR A 23 -5.60 1.15 -94.10
N ALA A 24 -5.42 0.04 -93.40
CA ALA A 24 -6.03 -1.22 -93.81
C ALA A 24 -7.55 -1.11 -93.84
N TYR A 25 -8.14 -0.50 -92.81
CA TYR A 25 -9.58 -0.30 -92.83
C TYR A 25 -9.98 0.68 -93.92
N ASP A 26 -9.35 1.86 -93.95
CA ASP A 26 -9.77 2.93 -94.86
C ASP A 26 -9.77 2.48 -96.31
N ASN A 27 -8.80 1.65 -96.70
CA ASN A 27 -8.59 1.32 -98.10
C ASN A 27 -9.05 -0.06 -98.51
N TYR A 28 -9.30 -0.97 -97.56
CA TYR A 28 -9.73 -2.32 -97.91
C TYR A 28 -10.83 -2.83 -96.99
N LEU A 29 -10.54 -2.96 -95.69
CA LEU A 29 -11.44 -3.64 -94.78
C LEU A 29 -12.79 -2.92 -94.62
N GLY A 30 -12.85 -1.63 -94.89
CA GLY A 30 -14.12 -0.91 -94.78
C GLY A 30 -14.88 -0.79 -96.09
N LYS A 31 -14.28 -1.27 -97.18
CA LYS A 31 -14.92 -1.20 -98.49
C LYS A 31 -15.66 -2.50 -98.78
N PRO A 32 -16.72 -2.45 -99.59
CA PRO A 32 -17.51 -3.65 -99.85
C PRO A 32 -16.69 -4.72 -100.56
N TYR A 33 -17.01 -5.98 -100.25
CA TYR A 33 -16.47 -7.08 -101.03
C TYR A 33 -16.90 -6.95 -102.48
N THR A 34 -15.99 -7.27 -103.39
CA THR A 34 -16.29 -7.23 -104.82
C THR A 34 -16.58 -8.61 -105.41
N GLY A 35 -16.39 -9.68 -104.63
CA GLY A 35 -16.59 -11.03 -105.10
C GLY A 35 -17.99 -11.55 -104.86
N THR A 36 -18.11 -12.87 -104.86
CA THR A 36 -19.40 -13.57 -104.80
C THR A 36 -19.76 -14.04 -103.40
N VAL A 37 -18.86 -14.76 -102.74
CA VAL A 37 -19.18 -15.49 -101.52
C VAL A 37 -19.36 -14.48 -100.37
N GLU A 38 -20.61 -14.27 -99.96
CA GLU A 38 -20.96 -13.46 -98.79
C GLU A 38 -20.41 -12.04 -98.91
N ALA A 39 -20.62 -11.43 -100.07
CA ALA A 39 -20.18 -10.05 -100.28
C ALA A 39 -21.17 -9.04 -99.73
N THR A 40 -22.37 -9.46 -99.37
CA THR A 40 -23.42 -8.51 -99.00
C THR A 40 -23.18 -7.96 -97.60
N PRO A 41 -23.28 -6.66 -97.40
CA PRO A 41 -23.03 -6.08 -96.08
C PRO A 41 -24.10 -6.52 -95.07
N VAL A 42 -23.78 -6.28 -93.81
CA VAL A 42 -24.64 -6.63 -92.68
C VAL A 42 -24.75 -5.43 -91.75
N ASN A 43 -25.90 -5.29 -91.10
CA ASN A 43 -26.16 -4.17 -90.21
C ASN A 43 -26.18 -4.64 -88.77
N PHE A 44 -25.60 -3.82 -87.89
CA PHE A 44 -25.63 -4.04 -86.44
C PHE A 44 -26.07 -2.73 -85.79
N GLY A 45 -27.30 -2.70 -85.29
CA GLY A 45 -27.83 -1.46 -84.75
C GLY A 45 -27.94 -0.35 -85.76
N GLY A 46 -28.17 -0.69 -87.02
CA GLY A 46 -28.31 0.29 -88.07
C GLY A 46 -27.03 0.69 -88.78
N GLN A 47 -25.88 0.22 -88.30
CA GLN A 47 -24.58 0.56 -88.89
C GLN A 47 -24.10 -0.59 -89.78
N VAL A 49 -21.72 -3.15 -91.79
CA VAL A 49 -20.46 -3.86 -91.71
C VAL A 49 -20.27 -4.60 -93.02
N TYR A 50 -19.21 -4.26 -93.76
CA TYR A 50 -19.03 -4.86 -95.08
C TYR A 50 -18.33 -6.21 -95.00
N ARG A 51 -17.42 -6.39 -94.04
CA ARG A 51 -16.64 -7.61 -93.91
C ARG A 51 -16.82 -8.12 -92.49
N GLN A 52 -17.84 -8.96 -92.30
CA GLN A 52 -18.25 -9.38 -90.97
C GLN A 52 -17.21 -10.32 -90.34
N HIS A 53 -16.72 -11.29 -91.11
CA HIS A 53 -15.78 -12.27 -90.60
C HIS A 53 -14.34 -11.78 -90.76
N HIS A 54 -13.92 -11.45 -91.98
CA HIS A 54 -12.53 -11.11 -92.22
C HIS A 54 -12.36 -9.60 -92.40
N GLY A 55 -12.77 -8.82 -91.42
CA GLY A 55 -12.69 -7.38 -91.50
C GLY A 55 -11.76 -6.75 -90.48
N LEU A 56 -12.14 -5.58 -89.96
CA LEU A 56 -11.27 -4.84 -89.05
C LEU A 56 -11.10 -5.57 -87.72
N ALA A 57 -12.22 -5.97 -87.10
CA ALA A 57 -12.16 -6.58 -85.78
C ALA A 57 -11.32 -7.85 -85.80
N HIS A 58 -11.54 -8.72 -86.79
CA HIS A 58 -10.71 -9.91 -86.93
C HIS A 58 -9.24 -9.54 -87.00
N THR A 59 -8.91 -8.59 -87.87
CA THR A 59 -7.51 -8.25 -88.07
C THR A 59 -6.89 -7.67 -86.80
N LEU A 60 -7.63 -6.86 -86.07
CA LEU A 60 -7.11 -6.30 -84.82
C LEU A 60 -6.91 -7.39 -83.77
N ARG A 61 -7.83 -8.37 -83.70
CA ARG A 61 -7.66 -9.46 -82.75
C ARG A 61 -6.39 -10.28 -83.04
N THR A 62 -6.11 -10.56 -84.33
CA THR A 62 -4.90 -11.34 -84.66
C THR A 62 -3.64 -10.63 -84.18
N ALA A 64 -3.62 -8.59 -81.56
CA ALA A 64 -3.69 -8.76 -80.11
C ALA A 64 -3.23 -10.15 -79.70
N TYR A 65 -3.54 -11.17 -80.51
CA TYR A 65 -3.05 -12.52 -80.23
C TYR A 65 -1.53 -12.55 -80.26
N ALA A 66 -0.93 -11.97 -81.30
CA ALA A 66 0.53 -11.95 -81.41
C ALA A 66 1.17 -11.26 -80.20
N GLU A 67 0.51 -10.23 -79.66
CA GLU A 67 1.05 -9.58 -78.47
C GLU A 67 1.05 -10.52 -77.28
N ILE A 68 -0.08 -11.17 -77.00
CA ILE A 68 -0.14 -12.03 -75.82
C ILE A 68 0.69 -13.28 -76.03
N ILE A 69 0.85 -13.74 -77.26
CA ILE A 69 1.68 -14.93 -77.49
C ILE A 69 3.13 -14.64 -77.13
N VAL A 70 3.63 -13.47 -77.53
CA VAL A 70 4.99 -13.09 -77.15
C VAL A 70 5.06 -12.87 -75.64
N GLU A 71 4.04 -12.23 -75.07
CA GLU A 71 4.01 -12.03 -73.63
C GLU A 71 4.14 -13.36 -72.90
N GLU A 72 3.29 -14.33 -73.25
CA GLU A 72 3.28 -15.60 -72.54
C GLU A 72 4.51 -16.42 -72.86
N ALA A 73 5.07 -16.27 -74.05
CA ALA A 73 6.33 -16.95 -74.37
C ALA A 73 7.46 -16.45 -73.47
N ARG A 74 7.51 -15.14 -73.24
CA ARG A 74 8.53 -14.60 -72.34
C ARG A 74 8.32 -15.08 -70.91
N LYS A 75 7.07 -15.11 -70.43
CA LYS A 75 6.79 -15.67 -69.11
C LYS A 75 7.23 -17.12 -69.02
N ALA A 76 6.94 -17.92 -70.05
CA ALA A 76 7.27 -19.34 -70.02
C ALA A 76 8.78 -19.54 -69.97
N LYS A 77 9.53 -18.72 -70.70
CA LYS A 77 10.99 -18.82 -70.65
C LYS A 77 11.50 -18.49 -69.25
N LEU A 78 10.89 -17.48 -68.61
CA LEU A 78 11.32 -17.10 -67.26
C LEU A 78 11.02 -18.20 -66.24
N ARG A 79 9.91 -18.89 -66.41
CA ARG A 79 9.60 -20.01 -65.53
C ARG A 79 10.51 -21.21 -65.75
N GLY A 80 11.36 -21.17 -66.76
CA GLY A 80 12.28 -22.26 -67.03
C GLY A 80 11.82 -23.24 -68.09
N GLU A 81 10.70 -22.99 -68.75
CA GLU A 81 10.25 -23.85 -69.83
C GLU A 81 11.18 -23.72 -71.04
N SER A 82 11.30 -24.80 -71.80
CA SER A 82 12.09 -24.81 -73.02
C SER A 82 11.13 -24.80 -74.20
N LEU A 83 11.23 -23.77 -75.03
CA LEU A 83 10.30 -23.53 -76.12
C LEU A 83 10.90 -24.03 -77.42
N LYS A 84 10.03 -24.28 -78.40
CA LYS A 84 10.49 -24.72 -79.71
C LYS A 84 11.36 -23.64 -80.34
N THR A 85 12.48 -24.05 -80.92
CA THR A 85 13.43 -23.14 -81.50
C THR A 85 13.27 -23.07 -83.01
N PHE A 86 13.57 -21.90 -83.56
CA PHE A 86 13.74 -21.74 -84.99
C PHE A 86 15.16 -22.13 -85.40
N ALA A 87 15.40 -22.19 -86.71
CA ALA A 87 16.70 -22.62 -87.20
C ALA A 87 17.85 -21.80 -86.61
N ASP A 88 17.64 -20.50 -86.38
CA ASP A 88 18.67 -19.64 -85.84
C ASP A 88 18.89 -19.80 -84.34
N GLY A 89 18.13 -20.68 -83.68
CA GLY A 89 18.25 -20.90 -82.26
C GLY A 89 17.29 -20.12 -81.40
N ARG A 90 16.58 -19.14 -81.95
CA ARG A 90 15.66 -18.33 -81.16
C ARG A 90 14.32 -19.03 -80.97
N THR A 91 13.56 -18.54 -80.00
CA THR A 91 12.17 -18.91 -79.79
C THR A 91 11.32 -17.64 -79.83
N LEU A 92 9.99 -17.81 -79.76
CA LEU A 92 9.11 -16.66 -79.73
C LEU A 92 9.40 -15.74 -78.54
N ALA A 93 10.01 -16.28 -77.48
CA ALA A 93 10.37 -15.46 -76.34
C ALA A 93 11.42 -14.40 -76.65
N ASP A 94 12.16 -14.57 -77.74
CA ASP A 94 13.24 -13.64 -78.12
C ASP A 94 12.77 -12.53 -79.06
N VAL A 95 11.47 -12.46 -79.36
CA VAL A 95 10.97 -11.44 -80.28
C VAL A 95 11.10 -10.06 -79.63
N THR A 96 11.70 -9.13 -80.36
CA THR A 96 11.93 -7.78 -79.84
C THR A 96 10.70 -6.92 -80.07
N PRO A 97 10.63 -5.76 -79.40
CA PRO A 97 9.57 -4.79 -79.73
C PRO A 97 9.60 -4.36 -81.19
N GLU A 98 10.79 -4.03 -81.70
CA GLU A 98 10.90 -3.59 -83.09
C GLU A 98 10.41 -4.68 -84.04
N GLU A 99 10.74 -5.93 -83.75
CA GLU A 99 10.30 -7.03 -84.61
C GLU A 99 8.79 -7.22 -84.49
N LEU A 100 8.25 -7.11 -83.28
CA LEU A 100 6.82 -7.30 -83.09
C LEU A 100 6.02 -6.22 -83.79
N ARG A 101 6.55 -4.99 -83.86
CA ARG A 101 5.88 -3.94 -84.63
C ARG A 101 5.77 -4.31 -86.10
N LYS A 102 6.89 -4.74 -86.70
CA LYS A 102 6.86 -5.13 -88.10
C LYS A 102 5.87 -6.28 -88.33
N ILE A 103 5.86 -7.23 -87.41
CA ILE A 103 4.96 -8.38 -87.56
C ILE A 103 3.51 -7.91 -87.55
N ILE A 105 2.34 -4.91 -88.29
CA ILE A 105 2.05 -4.17 -89.51
C ILE A 105 1.68 -5.14 -90.62
N ALA A 106 2.46 -6.22 -90.77
CA ALA A 106 2.12 -7.25 -91.75
C ALA A 106 0.75 -7.83 -91.46
N GLN A 107 0.50 -8.21 -90.20
CA GLN A 107 -0.80 -8.77 -89.83
C GLN A 107 -1.94 -7.85 -90.25
N ALA A 108 -1.73 -6.54 -90.15
CA ALA A 108 -2.79 -5.59 -90.48
C ALA A 108 -3.27 -5.74 -91.92
N PHE A 109 -2.39 -6.21 -92.81
CA PHE A 109 -2.71 -6.35 -94.22
C PHE A 109 -3.00 -7.79 -94.64
N PHE A 110 -2.96 -8.73 -93.70
CA PHE A 110 -2.97 -10.15 -94.08
C PHE A 110 -4.23 -10.55 -94.82
N VAL A 111 -5.32 -9.81 -94.66
CA VAL A 111 -6.62 -10.17 -95.22
C VAL A 111 -7.15 -9.06 -96.14
N THR A 112 -6.43 -7.93 -96.24
CA THR A 112 -6.90 -6.83 -97.08
C THR A 112 -7.13 -7.25 -98.52
N GLY A 113 -6.45 -8.29 -98.98
CA GLY A 113 -6.58 -8.73 -100.35
C GLY A 113 -7.78 -9.61 -100.66
N ARG A 114 -8.65 -9.87 -99.69
CA ARG A 114 -9.83 -10.69 -99.95
C ARG A 114 -10.84 -9.93 -100.81
N ASP A 115 -11.34 -10.59 -101.86
CA ASP A 115 -12.43 -10.05 -102.66
C ASP A 115 -13.80 -10.46 -102.14
N ASP A 116 -13.85 -11.51 -101.32
CA ASP A 116 -15.09 -12.01 -100.72
C ASP A 116 -14.68 -13.04 -99.66
N GLU A 117 -15.64 -13.79 -99.15
CA GLU A 117 -15.36 -14.80 -98.15
C GLU A 117 -15.09 -16.18 -98.76
N GLU A 118 -14.74 -16.23 -100.04
CA GLU A 118 -14.31 -17.47 -100.65
C GLU A 118 -13.07 -18.00 -99.95
N SER A 119 -13.12 -19.27 -99.54
CA SER A 119 -12.05 -19.85 -98.74
C SER A 119 -10.99 -20.52 -99.61
N SER A 120 -11.27 -21.73 -100.06
CA SER A 120 -10.24 -22.57 -100.69
C SER A 120 -9.86 -22.07 -102.07
N LYS A 121 -10.79 -21.45 -102.80
CA LYS A 121 -10.67 -21.36 -104.25
C LYS A 121 -9.54 -20.44 -104.69
N ASN A 122 -9.38 -19.28 -104.06
CA ASN A 122 -8.44 -18.25 -104.54
C ASN A 122 -7.50 -17.80 -103.43
N TYR A 123 -6.79 -18.77 -102.82
CA TYR A 123 -5.85 -18.43 -101.76
C TYR A 123 -4.76 -17.51 -102.26
N GLU A 124 -4.14 -17.84 -103.39
CA GLU A 124 -2.94 -17.13 -103.81
C GLU A 124 -3.27 -15.75 -104.37
N LYS A 125 -4.36 -15.63 -105.13
CA LYS A 125 -4.78 -14.32 -105.60
C LYS A 125 -5.03 -13.39 -104.42
N TYR A 126 -5.78 -13.87 -103.41
CA TYR A 126 -6.08 -13.02 -102.26
C TYR A 126 -4.82 -12.65 -101.50
N HIS A 127 -3.88 -13.59 -101.38
CA HIS A 127 -2.68 -13.30 -100.61
C HIS A 127 -1.71 -12.42 -101.38
N GLU A 128 -1.71 -12.52 -102.70
CA GLU A 128 -0.91 -11.60 -103.49
C GLU A 128 -1.46 -10.19 -103.39
N GLN A 129 -2.79 -10.05 -103.40
CA GLN A 129 -3.39 -8.72 -103.29
C GLN A 129 -3.16 -8.13 -101.91
N SER A 130 -3.18 -8.98 -100.89
CA SER A 130 -2.79 -8.53 -99.55
C SER A 130 -1.33 -8.06 -99.56
N ARG A 131 -0.43 -8.84 -100.17
CA ARG A 131 0.96 -8.43 -100.27
C ARG A 131 1.09 -7.09 -100.95
N ASP A 132 0.42 -6.93 -102.09
CA ASP A 132 0.52 -5.67 -102.84
C ASP A 132 -0.01 -4.50 -102.02
N ALA A 133 -1.10 -4.72 -101.28
CA ALA A 133 -1.62 -3.67 -100.41
C ALA A 133 -0.60 -3.27 -99.36
N PHE A 134 0.09 -4.25 -98.78
CA PHE A 134 1.17 -3.95 -97.84
C PHE A 134 2.28 -3.17 -98.52
N LEU A 135 2.67 -3.58 -99.74
CA LEU A 135 3.72 -2.87 -100.45
C LEU A 135 3.29 -1.44 -100.78
N LYS A 136 2.03 -1.26 -101.16
CA LYS A 136 1.53 0.08 -101.48
C LYS A 136 1.59 1.00 -100.27
N TYR A 137 1.23 0.48 -99.10
CA TYR A 137 1.23 1.28 -97.88
C TYR A 137 2.66 1.67 -97.49
N VAL A 138 3.59 0.72 -97.52
CA VAL A 138 4.99 1.04 -97.22
C VAL A 138 5.52 2.09 -98.19
N GLU A 139 5.23 1.93 -99.48
CA GLU A 139 5.74 2.87 -100.48
C GLU A 139 5.18 4.27 -100.25
N GLU A 140 3.89 4.37 -99.89
CA GLU A 140 3.28 5.66 -99.64
C GLU A 140 3.75 6.30 -98.34
N ASN A 141 4.40 5.53 -97.46
CA ASN A 141 4.91 6.02 -96.19
C ASN A 141 6.38 5.65 -95.98
N LYS A 142 7.11 5.47 -97.08
CA LYS A 142 8.56 5.27 -97.04
C LYS A 142 9.25 6.26 -96.11
N SER A 143 8.93 7.50 -96.18
CA SER A 143 9.64 8.43 -95.41
C SER A 143 9.49 8.22 -93.95
N THR A 144 8.29 7.96 -93.46
CA THR A 144 8.12 7.55 -92.08
C THR A 144 8.54 6.17 -91.67
N LEU A 145 8.24 5.22 -92.51
CA LEU A 145 8.58 3.83 -92.32
C LEU A 145 9.98 3.35 -92.41
N ILE A 146 10.76 3.92 -93.32
CA ILE A 146 12.15 3.52 -93.53
C ILE A 146 13.08 4.69 -93.20
N PRO A 147 14.16 4.41 -92.48
CA PRO A 147 14.47 3.04 -92.06
C PRO A 147 13.99 2.69 -90.64
N ASP A 148 13.31 3.62 -89.99
CA ASP A 148 12.98 3.50 -88.58
C ASP A 148 12.22 2.22 -88.21
N VAL A 149 11.27 1.80 -89.05
CA VAL A 149 10.54 0.64 -88.74
C VAL A 149 11.09 -0.47 -89.58
N PHE A 150 11.05 -0.33 -90.88
CA PHE A 150 11.66 -1.30 -91.77
C PHE A 150 13.04 -0.79 -92.18
N LYS A 151 14.06 -1.63 -92.01
CA LYS A 151 15.44 -1.16 -92.17
C LYS A 151 15.78 -0.86 -93.62
N ASP A 152 15.24 -1.63 -94.57
CA ASP A 152 15.48 -1.40 -95.99
C ASP A 152 14.45 -2.17 -96.79
N GLU A 153 14.60 -2.12 -98.13
CA GLU A 153 13.70 -2.85 -99.01
C GLU A 153 13.81 -4.36 -98.78
N LYS A 154 15.02 -4.84 -98.50
CA LYS A 154 15.21 -6.22 -98.09
C LYS A 154 14.28 -6.59 -96.94
N ASP A 155 14.21 -5.72 -95.93
CA ASP A 155 13.34 -5.96 -94.78
C ASP A 155 11.87 -5.97 -95.17
N VAL A 156 11.47 -5.02 -96.01
CA VAL A 156 10.06 -4.95 -96.43
C VAL A 156 9.69 -6.22 -97.19
N LYS A 157 10.56 -6.70 -98.08
CA LYS A 157 10.24 -7.89 -98.85
C LYS A 157 10.08 -9.11 -97.95
N PHE A 158 10.84 -9.20 -96.87
CA PHE A 158 10.69 -10.32 -95.94
C PHE A 158 9.25 -10.39 -95.43
N TYR A 159 8.70 -9.26 -94.98
CA TYR A 159 7.35 -9.26 -94.45
C TYR A 159 6.31 -9.36 -95.55
N ALA A 160 6.56 -8.72 -96.70
CA ALA A 160 5.72 -8.95 -97.87
C ALA A 160 5.66 -10.43 -98.23
N ASP A 161 6.81 -11.12 -98.15
CA ASP A 161 6.84 -12.55 -98.46
C ASP A 161 6.03 -13.36 -97.46
N VAL A 162 6.00 -12.93 -96.19
CA VAL A 162 5.21 -13.64 -95.20
C VAL A 162 3.72 -13.52 -95.53
N ILE A 163 3.30 -12.35 -96.01
CA ILE A 163 1.89 -12.14 -96.33
C ILE A 163 1.49 -12.97 -97.54
N GLU A 164 2.37 -13.04 -98.54
CA GLU A 164 2.05 -13.77 -99.76
C GLU A 164 1.87 -15.27 -99.49
N ASP A 165 2.69 -15.83 -98.59
CA ASP A 165 2.56 -17.22 -98.14
C ASP A 165 2.53 -18.19 -99.34
N LYS A 166 3.59 -18.15 -100.17
CA LYS A 166 3.62 -18.97 -101.38
C LYS A 166 3.98 -20.41 -101.12
N ASP A 167 4.63 -20.72 -100.00
CA ASP A 167 5.12 -22.07 -99.74
C ASP A 167 4.61 -22.67 -98.44
N HIS A 168 3.72 -21.96 -97.74
CA HIS A 168 3.13 -22.43 -96.48
C HIS A 168 4.20 -22.76 -95.44
N LYS A 169 5.27 -21.97 -95.43
CA LYS A 169 6.35 -22.13 -94.45
C LYS A 169 6.00 -21.40 -93.15
N TRP A 170 4.94 -21.89 -92.50
CA TRP A 170 4.37 -21.23 -91.33
C TRP A 170 5.19 -21.43 -90.06
N ALA A 171 6.33 -22.12 -90.13
CA ALA A 171 7.22 -22.29 -88.98
C ALA A 171 8.62 -21.78 -89.28
N ASP A 172 8.77 -20.95 -90.32
CA ASP A 172 10.09 -20.54 -90.76
C ASP A 172 10.73 -19.56 -89.79
N SER A 173 9.95 -18.63 -89.26
CA SER A 173 10.50 -17.53 -88.48
C SER A 173 9.47 -17.12 -87.44
N PRO A 174 9.87 -16.29 -86.47
CA PRO A 174 8.86 -15.72 -85.56
C PRO A 174 7.74 -14.98 -86.28
N ALA A 175 8.07 -14.25 -87.37
CA ALA A 175 7.02 -13.55 -88.11
C ALA A 175 6.05 -14.53 -88.76
N HIS A 176 6.57 -15.65 -89.28
CA HIS A 176 5.70 -16.65 -89.88
C HIS A 176 4.77 -17.25 -88.83
N VAL A 177 5.32 -17.63 -87.68
CA VAL A 177 4.50 -18.29 -86.67
C VAL A 177 3.45 -17.33 -86.13
N LEU A 178 3.84 -16.10 -85.82
CA LEU A 178 2.88 -15.16 -85.26
C LEU A 178 1.78 -14.81 -86.26
N VAL A 179 2.14 -14.56 -87.52
CA VAL A 179 1.12 -14.23 -88.52
C VAL A 179 0.18 -15.42 -88.72
N ASN A 180 0.74 -16.62 -88.85
CA ASN A 180 -0.10 -17.80 -89.08
C ASN A 180 -0.94 -18.13 -87.86
N GLN A 181 -0.33 -18.18 -86.67
CA GLN A 181 -1.08 -18.52 -85.47
C GLN A 181 -2.08 -17.43 -85.10
N GLY A 182 -1.72 -16.16 -85.28
CA GLY A 182 -2.68 -15.10 -85.05
C GLY A 182 -3.92 -15.26 -85.90
N HIS A 183 -3.74 -15.62 -87.16
CA HIS A 183 -4.88 -15.82 -88.05
C HIS A 183 -5.72 -17.01 -87.59
N VAL A 185 -5.83 -18.55 -84.42
CA VAL A 185 -6.46 -18.37 -83.11
C VAL A 185 -7.84 -17.74 -83.27
N ASP A 186 -8.03 -16.90 -84.29
CA ASP A 186 -9.32 -16.25 -84.48
C ASP A 186 -10.38 -17.18 -85.07
N LEU A 187 -10.02 -18.41 -85.43
CA LEU A 187 -11.00 -19.35 -85.97
C LEU A 187 -11.66 -20.21 -84.90
N VAL A 188 -11.29 -20.06 -83.67
CA VAL A 188 -11.96 -20.77 -82.64
C VAL A 188 -13.25 -20.03 -82.38
N ARG A 189 -14.37 -20.64 -82.67
CA ARG A 189 -15.61 -19.89 -82.76
C ARG A 189 -16.76 -20.77 -82.37
N VAL A 190 -17.95 -20.52 -82.87
CA VAL A 190 -19.08 -21.34 -82.53
C VAL A 190 -19.42 -22.42 -83.50
N LYS A 191 -18.54 -22.76 -84.38
CA LYS A 191 -18.77 -23.88 -85.26
C LYS A 191 -18.71 -25.19 -84.49
N GLN A 192 -19.57 -26.14 -84.86
CA GLN A 192 -19.63 -27.39 -84.13
C GLN A 192 -18.85 -28.47 -84.87
N PRO A 193 -18.24 -29.42 -84.13
CA PRO A 193 -18.22 -29.44 -82.66
C PRO A 193 -17.10 -28.53 -82.11
N PRO A 194 -17.43 -27.68 -81.15
CA PRO A 194 -16.43 -26.71 -80.67
C PRO A 194 -15.20 -27.38 -80.07
N GLU A 195 -15.35 -28.56 -79.47
CA GLU A 195 -14.22 -29.23 -78.84
C GLU A 195 -13.15 -29.59 -79.86
N SER A 196 -13.56 -29.99 -81.07
CA SER A 196 -12.60 -30.35 -82.11
C SER A 196 -11.79 -29.14 -82.56
N TYR A 197 -12.45 -27.99 -82.72
CA TYR A 197 -11.75 -26.79 -83.15
C TYR A 197 -10.75 -26.32 -82.10
N LEU A 198 -11.19 -26.25 -80.83
CA LEU A 198 -10.30 -25.77 -79.77
C LEU A 198 -9.08 -26.68 -79.60
N GLU A 199 -9.30 -28.00 -79.59
CA GLU A 199 -8.18 -28.91 -79.43
C GLU A 199 -7.20 -28.79 -80.58
N TYR A 200 -7.70 -28.54 -81.80
CA TYR A 200 -6.81 -28.48 -82.95
C TYR A 200 -5.90 -27.27 -82.88
N TYR A 201 -6.50 -26.08 -82.72
CA TYR A 201 -5.70 -24.86 -82.70
C TYR A 201 -4.84 -24.77 -81.45
N PHE A 202 -5.30 -25.36 -80.34
CA PHE A 202 -4.45 -25.48 -79.16
C PHE A 202 -3.20 -26.28 -79.47
N SER A 203 -3.35 -27.36 -80.25
CA SER A 203 -2.21 -28.21 -80.56
C SER A 203 -1.26 -27.56 -81.54
N GLN A 204 -1.76 -26.67 -82.41
CA GLN A 204 -0.88 -25.94 -83.31
C GLN A 204 0.02 -24.97 -82.56
N LEU A 205 -0.52 -24.30 -81.53
CA LEU A 205 0.22 -23.27 -80.82
C LEU A 205 1.12 -23.86 -79.75
N GLN A 206 0.61 -24.87 -79.02
CA GLN A 206 1.30 -25.44 -77.85
C GLN A 206 2.80 -25.65 -78.01
N PRO A 207 3.33 -26.21 -79.10
CA PRO A 207 4.78 -26.46 -79.16
C PRO A 207 5.63 -25.20 -79.12
N TRP A 208 5.08 -24.05 -79.50
CA TRP A 208 5.89 -22.84 -79.57
C TRP A 208 6.03 -22.14 -78.23
N ILE A 209 5.05 -22.27 -77.33
CA ILE A 209 5.05 -21.45 -76.12
C ILE A 209 4.77 -22.28 -74.88
N GLY A 210 4.35 -23.53 -75.06
CA GLY A 210 4.05 -24.41 -73.94
C GLY A 210 2.58 -24.40 -73.56
N SER A 211 2.21 -25.38 -72.73
CA SER A 211 0.80 -25.58 -72.39
C SER A 211 0.25 -24.43 -71.55
N THR A 212 1.00 -24.00 -70.53
CA THR A 212 0.51 -22.92 -69.68
C THR A 212 0.26 -21.66 -70.51
N ALA A 213 1.27 -21.25 -71.28
CA ALA A 213 1.12 -20.10 -72.16
C ALA A 213 -0.06 -20.27 -73.11
N THR A 214 -0.18 -21.45 -73.73
CA THR A 214 -1.25 -21.67 -74.70
C THR A 214 -2.62 -21.62 -74.04
N GLU A 215 -2.74 -22.16 -72.82
CA GLU A 215 -3.97 -21.97 -72.06
C GLU A 215 -4.26 -20.49 -71.85
N ALA A 216 -3.24 -19.72 -71.49
CA ALA A 216 -3.45 -18.29 -71.28
C ALA A 216 -3.90 -17.61 -72.57
N VAL A 217 -3.27 -17.96 -73.70
CA VAL A 217 -3.62 -17.32 -74.96
C VAL A 217 -5.09 -17.57 -75.30
N PHE A 218 -5.52 -18.83 -75.19
CA PHE A 218 -6.87 -19.16 -75.61
C PHE A 218 -7.91 -18.73 -74.59
N ALA A 219 -7.53 -18.68 -73.31
CA ALA A 219 -8.44 -18.09 -72.33
C ALA A 219 -8.64 -16.61 -72.63
N THR A 220 -7.55 -15.90 -72.95
CA THR A 220 -7.64 -14.48 -73.29
C THR A 220 -8.45 -14.27 -74.57
N GLN A 221 -8.32 -15.19 -75.53
CA GLN A 221 -9.05 -15.09 -76.79
C GLN A 221 -10.55 -14.95 -76.54
N ARG A 222 -11.10 -15.81 -75.66
CA ARG A 222 -12.51 -15.73 -75.33
C ARG A 222 -12.88 -14.35 -74.78
N GLN A 223 -11.98 -13.75 -74.00
CA GLN A 223 -12.21 -12.40 -73.50
C GLN A 223 -12.14 -11.37 -74.63
N PHE A 224 -11.20 -11.54 -75.55
CA PHE A 224 -11.17 -10.67 -76.72
C PHE A 224 -12.43 -10.83 -77.55
N PHE A 225 -12.95 -12.05 -77.63
CA PHE A 225 -14.22 -12.27 -78.34
C PHE A 225 -15.36 -11.53 -77.65
N HIS A 226 -15.41 -11.60 -76.32
CA HIS A 226 -16.44 -10.87 -75.59
C HIS A 226 -16.30 -9.37 -75.77
N ALA A 227 -15.06 -8.87 -75.73
CA ALA A 227 -14.83 -7.44 -75.86
C ALA A 227 -15.21 -6.93 -77.24
N THR A 228 -15.15 -7.79 -78.27
CA THR A 228 -15.46 -7.39 -79.63
C THR A 228 -16.79 -7.96 -80.11
N TYR A 229 -17.64 -8.42 -79.20
CA TYR A 229 -19.02 -8.78 -79.50
C TYR A 229 -19.10 -9.94 -80.48
N GLU A 230 -18.22 -10.92 -80.29
CA GLU A 230 -18.22 -12.17 -81.03
C GLU A 230 -18.70 -13.28 -80.11
N ALA A 231 -19.44 -14.24 -80.68
CA ALA A 231 -20.02 -15.30 -79.87
C ALA A 231 -18.92 -16.26 -79.41
N VAL A 232 -19.06 -16.77 -78.19
CA VAL A 232 -18.09 -17.65 -77.56
C VAL A 232 -18.77 -18.99 -77.29
N ALA A 233 -18.16 -20.07 -77.74
CA ALA A 233 -18.77 -21.38 -77.61
C ALA A 233 -18.46 -21.99 -76.25
N GLY A 234 -19.26 -22.99 -75.88
CA GLY A 234 -18.95 -23.82 -74.74
C GLY A 234 -18.03 -24.98 -75.13
N PHE A 235 -17.57 -25.70 -74.11
CA PHE A 235 -16.70 -26.86 -74.28
C PHE A 235 -17.26 -27.98 -73.43
N ASP A 236 -17.55 -29.12 -74.06
CA ASP A 236 -18.11 -30.28 -73.36
C ASP A 236 -17.27 -31.50 -73.73
N SER A 237 -16.43 -31.94 -72.78
CA SER A 237 -15.56 -33.08 -73.03
C SER A 237 -16.34 -34.37 -73.26
N GLU A 238 -17.63 -34.41 -72.88
CA GLU A 238 -18.46 -35.59 -73.05
C GLU A 238 -19.44 -35.46 -74.21
N ASN A 239 -19.18 -34.55 -75.14
CA ASN A 239 -20.04 -34.37 -76.29
C ASN A 239 -19.97 -35.60 -77.19
N LYS A 240 -21.12 -36.18 -77.51
CA LYS A 240 -21.15 -37.40 -78.30
C LYS A 240 -21.33 -37.13 -79.78
N GLU A 241 -21.37 -35.87 -80.20
CA GLU A 241 -21.39 -35.56 -81.63
C GLU A 241 -20.12 -36.11 -82.29
N PRO A 242 -20.16 -36.42 -83.58
CA PRO A 242 -18.97 -36.94 -84.26
C PRO A 242 -17.83 -35.94 -84.21
N HIS A 243 -16.63 -36.46 -83.94
CA HIS A 243 -15.43 -35.61 -83.93
C HIS A 243 -15.17 -35.06 -85.33
N LEU A 244 -14.63 -33.85 -85.38
CA LEU A 244 -14.24 -33.23 -86.64
C LEU A 244 -12.73 -33.15 -86.71
N VAL A 245 -12.14 -33.87 -87.67
CA VAL A 245 -10.73 -33.68 -87.99
C VAL A 245 -10.66 -32.35 -88.74
N VAL A 246 -10.20 -31.29 -88.05
CA VAL A 246 -10.23 -29.96 -88.63
C VAL A 246 -9.33 -29.89 -89.85
N ASP A 247 -8.11 -30.45 -89.75
CA ASP A 247 -7.21 -30.54 -90.90
C ASP A 247 -7.77 -31.51 -91.92
N GLY A 248 -8.59 -31.01 -92.84
CA GLY A 248 -9.26 -31.81 -93.84
C GLY A 248 -10.76 -31.86 -93.69
N LEU A 249 -11.30 -31.28 -92.63
CA LEU A 249 -12.74 -31.30 -92.33
C LEU A 249 -13.32 -32.72 -92.48
N GLY A 250 -12.60 -33.68 -91.90
CA GLY A 250 -12.98 -35.07 -92.05
C GLY A 250 -13.42 -35.76 -90.77
N ARG A 251 -13.18 -37.07 -90.70
CA ARG A 251 -13.72 -37.89 -89.62
C ARG A 251 -12.75 -39.01 -89.30
N TYR A 252 -12.78 -39.47 -88.05
CA TYR A 252 -12.19 -40.75 -87.68
C TYR A 252 -13.31 -41.78 -87.49
N VAL A 253 -12.95 -43.05 -87.63
CA VAL A 253 -13.94 -44.11 -87.69
C VAL A 253 -13.59 -45.20 -86.67
N ILE A 254 -14.64 -45.83 -86.14
CA ILE A 254 -14.53 -46.96 -85.24
C ILE A 254 -15.24 -48.14 -85.90
N GLY A 255 -14.54 -49.27 -86.00
CA GLY A 255 -15.00 -50.38 -86.82
C GLY A 255 -16.04 -51.25 -86.16
N GLN A 256 -16.09 -52.50 -86.62
CA GLN A 256 -17.06 -53.47 -86.10
C GLN A 256 -16.75 -53.85 -84.67
N ASP A 257 -15.47 -54.02 -84.35
CA ASP A 257 -15.02 -53.94 -82.97
C ASP A 257 -14.89 -52.48 -82.56
N GLY A 258 -14.95 -52.22 -81.26
CA GLY A 258 -14.88 -50.85 -80.78
C GLY A 258 -13.50 -50.22 -80.83
N ASN A 259 -12.86 -50.27 -82.00
CA ASN A 259 -11.50 -49.78 -82.17
C ASN A 259 -11.46 -48.67 -83.20
N PRO A 260 -10.74 -47.58 -82.94
CA PRO A 260 -10.50 -46.60 -84.00
C PRO A 260 -9.68 -47.23 -85.11
N ILE A 261 -10.11 -47.00 -86.35
CA ILE A 261 -9.36 -47.51 -87.48
C ILE A 261 -8.13 -46.62 -87.66
N ARG A 262 -6.96 -47.21 -87.40
CA ARG A 262 -5.68 -46.53 -87.55
C ARG A 262 -5.04 -46.96 -88.87
N GLU A 263 -3.72 -46.77 -88.99
CA GLU A 263 -2.97 -47.26 -90.14
C GLU A 263 -1.68 -47.91 -89.67
N GLU A 264 -1.07 -48.67 -90.58
CA GLU A 264 0.14 -49.46 -90.31
C GLU A 264 1.28 -48.65 -89.72
N GLY A 274 0.66 -46.89 -84.35
CA GLY A 274 -0.11 -46.61 -85.55
C GLY A 274 -0.47 -45.14 -85.68
N GLU A 275 -1.54 -44.85 -86.42
CA GLU A 275 -2.01 -43.49 -86.60
C GLU A 275 -3.39 -43.52 -87.26
N LEU A 276 -4.24 -42.58 -86.87
CA LEU A 276 -5.66 -42.65 -87.21
C LEU A 276 -5.89 -42.40 -88.70
N LYS A 277 -6.70 -43.26 -89.33
CA LYS A 277 -7.12 -43.09 -90.72
C LYS A 277 -7.97 -41.85 -90.87
N PHE A 278 -7.58 -40.95 -91.77
CA PHE A 278 -8.47 -39.88 -92.17
C PHE A 278 -9.57 -40.46 -93.06
N PHE A 279 -10.80 -40.01 -92.81
CA PHE A 279 -11.96 -40.48 -93.58
C PHE A 279 -12.68 -39.26 -94.12
N SER A 280 -12.89 -39.22 -95.43
CA SER A 280 -13.65 -38.13 -96.00
C SER A 280 -15.09 -38.17 -95.52
N GLN A 281 -15.66 -36.98 -95.29
CA GLN A 281 -17.04 -36.89 -94.84
C GLN A 281 -18.03 -37.49 -95.83
N LYS A 282 -17.76 -37.36 -97.13
CA LYS A 282 -18.66 -37.90 -98.15
C LYS A 282 -18.44 -39.40 -98.39
N LYS A 283 -17.44 -39.97 -97.75
CA LYS A 283 -17.19 -41.38 -97.91
C LYS A 283 -18.06 -42.21 -96.98
N LYS A 284 -19.30 -42.41 -97.33
CA LYS A 284 -20.20 -43.19 -96.52
C LYS A 284 -19.77 -44.65 -96.43
N LEU A 285 -19.91 -45.25 -95.27
CA LEU A 285 -19.28 -46.54 -95.06
C LEU A 285 -20.05 -47.78 -94.60
N GLU A 286 -19.31 -48.72 -94.06
CA GLU A 286 -19.77 -50.06 -93.79
C GLU A 286 -20.82 -50.23 -92.72
N GLU A 287 -21.50 -51.35 -92.82
CA GLU A 287 -22.53 -51.67 -91.88
C GLU A 287 -21.84 -51.77 -90.54
N ASN A 288 -22.41 -51.11 -89.57
CA ASN A 288 -21.90 -51.21 -88.23
C ASN A 288 -20.61 -50.46 -87.97
N GLN A 289 -20.19 -49.69 -88.94
CA GLN A 289 -19.06 -48.80 -88.69
C GLN A 289 -19.57 -47.45 -88.22
N ARG A 290 -18.70 -46.72 -87.52
CA ARG A 290 -19.11 -45.55 -86.75
C ARG A 290 -18.09 -44.45 -86.86
N TYR A 291 -18.56 -43.22 -86.87
CA TYR A 291 -17.68 -42.08 -86.67
C TYR A 291 -17.28 -42.00 -85.20
N ARG A 293 -16.69 -40.36 -81.82
CA ARG A 293 -17.31 -39.21 -81.17
C ARG A 293 -16.26 -38.27 -80.60
N VAL A 294 -16.71 -37.06 -80.26
CA VAL A 294 -15.84 -36.10 -79.59
C VAL A 294 -15.32 -36.67 -78.27
N ASP A 295 -16.22 -37.24 -77.47
CA ASP A 295 -15.83 -37.73 -76.15
C ASP A 295 -14.83 -38.88 -76.23
N GLU A 296 -14.87 -39.66 -77.32
CA GLU A 296 -13.86 -40.70 -77.50
C GLU A 296 -12.51 -40.11 -77.91
N TYR A 297 -12.53 -39.09 -78.78
CA TYR A 297 -11.29 -38.50 -79.24
C TYR A 297 -10.52 -37.86 -78.10
N LEU A 298 -11.19 -37.07 -77.27
CA LEU A 298 -10.52 -36.36 -76.19
C LEU A 298 -9.98 -37.30 -75.11
N LYS A 299 -10.51 -38.51 -75.01
CA LYS A 299 -10.00 -39.49 -74.05
C LYS A 299 -8.88 -40.35 -74.62
N LEU A 300 -8.47 -40.13 -75.87
CA LEU A 300 -7.32 -40.83 -76.40
C LEU A 300 -6.07 -40.44 -75.62
N ASP A 301 -5.18 -41.42 -75.42
CA ASP A 301 -3.94 -41.16 -74.69
C ASP A 301 -3.12 -40.08 -75.36
N GLU A 302 -3.03 -40.12 -76.70
CA GLU A 302 -2.26 -39.13 -77.43
C GLU A 302 -2.83 -37.72 -77.24
N VAL A 303 -4.15 -37.62 -77.14
CA VAL A 303 -4.77 -36.30 -76.99
C VAL A 303 -4.62 -35.80 -75.57
N GLN A 304 -4.77 -36.68 -74.57
CA GLN A 304 -4.66 -36.25 -73.18
C GLN A 304 -3.26 -35.79 -72.82
N LYS A 305 -2.23 -36.33 -73.48
CA LYS A 305 -0.87 -35.91 -73.20
C LYS A 305 -0.54 -34.54 -73.79
N ARG A 306 -1.29 -34.08 -74.78
CA ARG A 306 -1.05 -32.79 -75.40
C ARG A 306 -2.18 -31.79 -75.20
N PHE A 307 -3.26 -32.18 -74.52
CA PHE A 307 -4.41 -31.29 -74.34
C PHE A 307 -5.02 -31.49 -72.96
N PRO A 308 -5.11 -30.45 -72.15
CA PRO A 308 -5.62 -30.62 -70.79
C PRO A 308 -7.13 -30.48 -70.68
N GLY A 309 -7.84 -30.65 -71.80
CA GLY A 309 -9.28 -30.47 -71.81
C GLY A 309 -10.13 -31.67 -71.44
N ALA A 310 -9.53 -32.85 -71.26
CA ALA A 310 -10.31 -34.05 -71.00
C ALA A 310 -11.02 -33.96 -69.65
N GLY A 311 -12.29 -34.37 -69.64
CA GLY A 311 -13.10 -34.31 -68.43
C GLY A 311 -13.55 -32.93 -68.03
N LYS A 312 -13.15 -31.87 -68.75
CA LYS A 312 -13.45 -30.51 -68.35
C LYS A 312 -14.62 -29.93 -69.14
N LYS A 313 -15.18 -28.84 -68.63
CA LYS A 313 -16.34 -28.19 -69.22
C LYS A 313 -16.15 -26.68 -69.17
N LEU A 314 -16.49 -26.00 -70.26
CA LEU A 314 -16.54 -24.55 -70.31
C LEU A 314 -17.95 -24.11 -70.71
N ASP A 315 -18.45 -23.08 -70.03
CA ASP A 315 -19.75 -22.52 -70.35
C ASP A 315 -19.61 -21.52 -71.49
N GLY A 316 -20.58 -21.55 -72.41
CA GLY A 316 -20.60 -20.62 -73.52
C GLY A 316 -21.23 -19.30 -73.14
N GLY A 317 -21.21 -18.38 -74.10
CA GLY A 317 -21.81 -17.09 -73.86
C GLY A 317 -21.09 -16.32 -72.76
N LEU A 318 -21.83 -15.43 -72.11
CA LEU A 318 -21.29 -14.57 -71.08
C LEU A 318 -21.83 -14.97 -69.71
N PRO A 319 -20.95 -15.19 -68.72
CA PRO A 319 -21.44 -15.47 -67.37
C PRO A 319 -22.33 -14.34 -66.87
N GLY A 320 -23.54 -14.73 -66.41
CA GLY A 320 -24.49 -13.77 -65.88
C GLY A 320 -25.51 -13.26 -66.87
N LEU A 321 -25.46 -13.69 -68.14
CA LEU A 321 -26.40 -13.26 -69.16
C LEU A 321 -27.21 -14.46 -69.63
N LYS A 322 -28.53 -14.34 -69.59
CA LYS A 322 -29.39 -15.36 -70.18
C LYS A 322 -29.27 -15.31 -71.70
N GLU A 323 -29.59 -16.43 -72.34
CA GLU A 323 -29.38 -16.55 -73.78
C GLU A 323 -30.05 -15.41 -74.53
N TYR A 324 -31.31 -15.10 -74.22
CA TYR A 324 -31.99 -14.02 -74.92
C TYR A 324 -31.20 -12.72 -74.83
N GLN A 325 -30.47 -12.49 -73.74
CA GLN A 325 -29.69 -11.25 -73.61
C GLN A 325 -28.32 -11.28 -74.26
N TYR A 326 -27.68 -12.43 -74.28
CA TYR A 326 -26.44 -12.57 -75.00
C TYR A 326 -26.63 -12.22 -76.46
N LEU A 327 -27.79 -12.61 -77.02
CA LEU A 327 -28.06 -12.36 -78.43
C LEU A 327 -28.35 -10.89 -78.73
N GLN A 328 -29.09 -10.17 -77.87
CA GLN A 328 -29.25 -8.75 -78.15
C GLN A 328 -27.94 -8.01 -77.93
N ARG A 329 -27.07 -8.57 -77.09
CA ARG A 329 -25.73 -8.01 -76.97
C ARG A 329 -24.97 -8.21 -78.28
N LEU A 330 -25.01 -9.43 -78.84
CA LEU A 330 -24.23 -9.71 -80.04
C LEU A 330 -24.67 -8.87 -81.22
N ASN A 331 -25.91 -8.39 -81.21
CA ASN A 331 -26.43 -7.56 -82.29
C ASN A 331 -26.48 -6.09 -81.90
N SER A 332 -25.77 -5.70 -80.85
CA SER A 332 -25.69 -4.30 -80.47
C SER A 332 -24.95 -3.49 -81.53
N ILE A 333 -25.10 -2.17 -81.45
CA ILE A 333 -24.39 -1.29 -82.35
C ILE A 333 -22.89 -1.31 -82.09
N ASN A 334 -22.46 -1.74 -80.90
CA ASN A 334 -21.03 -1.79 -80.60
C ASN A 334 -20.29 -2.82 -81.46
N ARG A 335 -20.99 -3.84 -81.97
CA ARG A 335 -20.36 -4.77 -82.90
C ARG A 335 -19.92 -4.06 -84.17
N ALA A 336 -20.80 -3.22 -84.73
CA ALA A 336 -20.42 -2.42 -85.89
C ALA A 336 -19.34 -1.41 -85.57
N ARG A 337 -19.34 -0.87 -84.34
CA ARG A 337 -18.28 0.05 -83.94
C ARG A 337 -16.94 -0.68 -83.89
N CYS A 338 -16.92 -1.93 -83.42
CA CYS A 338 -15.69 -2.70 -83.39
C CYS A 338 -15.18 -2.97 -84.81
N GLU A 339 -16.09 -3.22 -85.74
CA GLU A 339 -15.73 -3.58 -87.11
C GLU A 339 -15.48 -2.38 -88.02
N ASN A 340 -15.72 -1.14 -87.56
CA ASN A 340 -15.52 0.04 -88.38
C ASN A 340 -14.73 1.16 -87.72
N ASP A 341 -14.49 1.10 -86.42
CA ASP A 341 -13.82 2.15 -85.67
C ASP A 341 -12.55 1.58 -85.04
N VAL A 342 -11.39 1.95 -85.58
CA VAL A 342 -10.13 1.35 -85.13
C VAL A 342 -9.85 1.70 -83.66
N ASP A 343 -10.11 2.95 -83.27
CA ASP A 343 -9.81 3.37 -81.91
C ASP A 343 -10.78 2.74 -80.91
N PHE A 344 -12.05 2.58 -81.30
CA PHE A 344 -13.00 1.91 -80.41
C PHE A 344 -12.64 0.45 -80.21
N CYS A 345 -12.28 -0.24 -81.31
CA CYS A 345 -11.98 -1.66 -81.20
C CYS A 345 -10.70 -1.91 -80.42
N LEU A 346 -9.67 -1.10 -80.67
CA LEU A 346 -8.47 -1.20 -79.84
C LEU A 346 -8.76 -0.88 -78.38
N GLY A 347 -9.67 0.06 -78.13
CA GLY A 347 -10.07 0.33 -76.76
C GLY A 347 -10.77 -0.84 -76.12
N GLN A 348 -11.66 -1.52 -76.87
CA GLN A 348 -12.29 -2.73 -76.37
C GLN A 348 -11.24 -3.79 -76.04
N LEU A 349 -10.27 -3.99 -76.95
CA LEU A 349 -9.27 -5.02 -76.75
C LEU A 349 -8.32 -4.67 -75.61
N GLN A 350 -7.91 -3.40 -75.52
CA GLN A 350 -7.01 -3.00 -74.44
C GLN A 350 -7.63 -3.25 -73.07
N THR A 351 -8.92 -2.93 -72.92
CA THR A 351 -9.59 -3.15 -71.64
C THR A 351 -9.64 -4.63 -71.29
N ALA A 352 -9.96 -5.48 -72.27
CA ALA A 352 -9.96 -6.92 -72.03
C ALA A 352 -8.56 -7.42 -71.71
N HIS A 353 -7.57 -6.94 -72.46
CA HIS A 353 -6.20 -7.37 -72.23
C HIS A 353 -5.72 -6.98 -70.84
N HIS A 354 -6.05 -5.77 -70.41
CA HIS A 354 -5.66 -5.31 -69.07
C HIS A 354 -6.34 -6.12 -67.98
N GLN A 355 -7.61 -6.47 -68.17
CA GLN A 355 -8.32 -7.25 -67.15
C GLN A 355 -7.73 -8.65 -67.00
N THR A 356 -7.20 -9.25 -68.07
CA THR A 356 -6.59 -10.57 -67.95
C THR A 356 -5.33 -10.56 -67.10
N LYS A 357 -4.77 -9.39 -66.81
CA LYS A 357 -3.63 -9.30 -65.91
C LYS A 357 -4.06 -9.11 -64.46
N ILE A 358 -5.33 -8.76 -64.22
CA ILE A 358 -5.84 -8.59 -62.87
C ILE A 358 -6.61 -9.82 -62.41
N THR A 359 -7.49 -10.35 -63.25
CA THR A 359 -8.34 -11.47 -62.86
C THR A 359 -7.57 -12.66 -62.30
N PRO A 360 -6.42 -13.08 -62.86
CA PRO A 360 -5.64 -14.15 -62.20
C PRO A 360 -5.14 -13.78 -60.82
N ILE A 361 -4.75 -12.53 -60.59
CA ILE A 361 -4.25 -12.13 -59.27
C ILE A 361 -5.35 -12.30 -58.23
N LYS A 362 -6.55 -11.81 -58.53
CA LYS A 362 -7.65 -11.94 -57.57
C LYS A 362 -8.05 -13.39 -57.37
N ARG A 363 -7.91 -14.22 -58.42
CA ARG A 363 -8.24 -15.63 -58.30
C ARG A 363 -7.35 -16.32 -57.26
N ALA A 364 -6.11 -15.86 -57.10
CA ALA A 364 -5.15 -16.52 -56.24
C ALA A 364 -5.32 -16.16 -54.77
N PHE A 365 -6.24 -15.27 -54.44
CA PHE A 365 -6.43 -14.88 -53.04
C PHE A 365 -7.90 -14.89 -52.68
N GLN A 366 -8.16 -14.96 -51.37
CA GLN A 366 -9.49 -14.75 -50.83
C GLN A 366 -10.08 -13.47 -51.38
N SER A 367 -11.31 -13.56 -51.84
CA SER A 367 -11.97 -12.37 -52.35
C SER A 367 -12.36 -11.45 -51.19
N SER A 368 -12.64 -10.19 -51.54
CA SER A 368 -13.18 -9.23 -50.61
C SER A 368 -14.29 -8.46 -51.30
N SER A 369 -15.30 -8.09 -50.53
CA SER A 369 -16.45 -7.36 -51.08
C SER A 369 -16.40 -5.86 -50.82
N GLU A 370 -15.97 -5.44 -49.63
CA GLU A 370 -16.06 -4.06 -49.22
C GLU A 370 -14.79 -3.30 -49.57
N LYS A 371 -14.96 -2.17 -50.26
CA LYS A 371 -13.85 -1.33 -50.70
C LYS A 371 -13.33 -0.40 -49.61
N ALA A 372 -14.11 -0.12 -48.57
CA ALA A 372 -13.70 0.83 -47.55
C ALA A 372 -12.73 0.21 -46.55
N ARG A 373 -11.96 1.07 -45.87
CA ARG A 373 -11.21 0.63 -44.71
C ARG A 373 -12.14 0.00 -43.69
N ARG A 374 -11.60 -0.95 -42.93
CA ARG A 374 -12.39 -1.58 -41.89
C ARG A 374 -12.66 -0.57 -40.76
N GLN A 375 -13.50 -1.00 -39.82
CA GLN A 375 -13.81 -0.22 -38.64
C GLN A 375 -12.66 -0.27 -37.64
N PRO A 376 -12.56 0.66 -36.76
CA PRO A 376 -11.48 0.70 -35.81
C PRO A 376 -11.46 -0.46 -34.88
N ASN A 377 -10.29 -0.94 -34.57
CA ASN A 377 -10.12 -1.95 -33.61
C ASN A 377 -9.75 -1.39 -32.27
N ASP A 379 -7.41 -1.40 -30.21
CA ASP A 379 -6.18 -0.71 -30.07
C ASP A 379 -6.05 0.59 -30.84
N GLU A 380 -6.73 0.70 -31.93
CA GLU A 380 -6.75 1.97 -32.63
C GLU A 380 -7.59 2.99 -31.87
N ILE A 381 -8.71 2.55 -31.28
CA ILE A 381 -9.53 3.44 -30.47
C ILE A 381 -8.72 3.96 -29.29
N ALA A 382 -8.01 3.06 -28.61
CA ALA A 382 -7.14 3.45 -27.51
C ALA A 382 -5.98 4.31 -27.99
N ALA A 383 -5.43 4.02 -29.17
CA ALA A 383 -4.35 4.84 -29.70
C ALA A 383 -4.83 6.25 -29.98
N ALA A 384 -6.01 6.40 -30.58
CA ALA A 384 -6.55 7.73 -30.84
C ALA A 384 -6.72 8.51 -29.54
N ARG A 385 -7.25 7.85 -28.50
CA ARG A 385 -7.46 8.54 -27.24
C ARG A 385 -6.16 8.99 -26.60
N ILE A 386 -5.14 8.13 -26.65
CA ILE A 386 -3.82 8.52 -26.15
C ILE A 386 -3.26 9.69 -26.97
N VAL A 387 -3.44 9.65 -28.29
CA VAL A 387 -3.05 10.78 -29.12
C VAL A 387 -3.75 12.04 -28.66
N GLN A 388 -5.06 11.95 -28.40
CA GLN A 388 -5.83 13.15 -28.05
C GLN A 388 -5.33 13.74 -26.74
N GLN A 389 -4.95 12.89 -25.79
CA GLN A 389 -4.56 13.37 -24.48
C GLN A 389 -3.12 13.88 -24.45
N ILE A 390 -2.24 13.33 -25.30
CA ILE A 390 -0.93 13.97 -25.48
C ILE A 390 -1.11 15.38 -26.02
N ALA A 392 -3.66 17.31 -25.86
CA ALA A 392 -4.35 18.19 -24.93
C ALA A 392 -3.41 18.72 -23.85
N ASN A 393 -2.44 17.90 -23.43
CA ASN A 393 -1.48 18.28 -22.40
C ASN A 393 -0.08 17.99 -22.90
N PRO A 394 0.49 18.88 -23.71
CA PRO A 394 1.87 18.65 -24.19
C PRO A 394 2.91 18.63 -23.09
N ASP A 395 2.57 19.07 -21.87
CA ASP A 395 3.50 19.00 -20.74
C ASP A 395 4.01 17.60 -20.47
N CYS A 396 3.26 16.57 -20.88
CA CYS A 396 3.63 15.17 -20.67
C CYS A 396 4.79 14.72 -21.54
N ILE A 397 5.28 15.57 -22.45
CA ILE A 397 6.31 15.19 -23.40
C ILE A 397 7.67 15.50 -22.80
N HIS A 398 8.45 14.45 -22.56
CA HIS A 398 9.81 14.57 -22.05
C HIS A 398 10.81 14.16 -23.12
N ASP A 399 12.10 14.34 -22.81
CA ASP A 399 13.13 14.02 -23.80
C ASP A 399 13.14 12.54 -24.12
N ASP A 400 12.87 11.71 -23.12
CA ASP A 400 13.07 10.27 -23.21
C ASP A 400 11.79 9.48 -23.45
N HIS A 401 10.63 10.10 -23.22
CA HIS A 401 9.40 9.35 -23.02
C HIS A 401 8.25 10.34 -22.94
N VAL A 402 7.04 9.80 -22.96
CA VAL A 402 5.84 10.54 -22.62
C VAL A 402 5.30 9.97 -21.32
N PHE A 403 4.93 10.84 -20.38
CA PHE A 403 4.41 10.44 -19.08
C PHE A 403 2.99 10.97 -18.94
N LEU A 404 2.01 10.07 -19.03
CA LEU A 404 0.61 10.47 -19.01
C LEU A 404 -0.16 9.59 -18.03
N ASN A 405 -0.76 10.20 -17.01
CA ASN A 405 -1.67 9.54 -16.08
C ASN A 405 -1.02 8.31 -15.44
N GLY A 406 0.23 8.48 -15.00
CA GLY A 406 0.96 7.45 -14.30
C GLY A 406 1.70 6.48 -15.18
N GLN A 407 1.44 6.47 -16.49
CA GLN A 407 2.08 5.55 -17.40
C GLN A 407 3.20 6.24 -18.17
N LYS A 408 4.29 5.52 -18.37
CA LYS A 408 5.44 6.00 -19.12
C LYS A 408 5.44 5.33 -20.49
N LEU A 409 5.28 6.13 -21.54
CA LEU A 409 5.28 5.64 -22.92
C LEU A 409 6.63 5.95 -23.54
N GLU A 410 7.39 4.91 -23.86
CA GLU A 410 8.71 5.07 -24.44
C GLU A 410 8.65 4.92 -25.95
N GLU A 411 9.83 4.95 -26.57
CA GLU A 411 9.92 5.02 -28.03
C GLU A 411 9.27 3.83 -28.70
N LYS A 412 9.46 2.62 -28.14
CA LYS A 412 8.92 1.42 -28.77
C LYS A 412 7.40 1.43 -28.80
N PHE A 413 6.77 2.04 -27.79
CA PHE A 413 5.32 2.14 -27.82
C PHE A 413 4.83 2.92 -29.04
N PHE A 414 5.52 4.02 -29.37
CA PHE A 414 5.08 4.83 -30.51
C PHE A 414 5.46 4.19 -31.84
N ARG A 415 6.62 3.51 -31.90
CA ARG A 415 6.92 2.75 -33.10
C ARG A 415 5.92 1.61 -33.31
N ASP A 416 5.43 1.02 -32.21
CA ASP A 416 4.45 -0.05 -32.34
C ASP A 416 3.14 0.47 -32.91
N LEU A 417 2.68 1.64 -32.47
CA LEU A 417 1.50 2.26 -33.07
C LEU A 417 1.73 2.49 -34.56
N LEU A 418 2.91 3.02 -34.92
CA LEU A 418 3.23 3.26 -36.32
C LEU A 418 3.17 1.97 -37.14
N ALA A 419 3.48 0.83 -36.51
CA ALA A 419 3.59 -0.43 -37.23
C ALA A 419 2.32 -1.26 -37.24
N LYS A 420 1.45 -1.12 -36.23
CA LYS A 420 0.32 -2.02 -36.05
C LYS A 420 -1.04 -1.37 -36.24
N CYS A 421 -1.19 -0.08 -35.94
CA CYS A 421 -2.45 0.61 -36.19
C CYS A 421 -2.49 1.09 -37.63
N ASP A 422 -3.68 1.04 -38.23
CA ASP A 422 -3.94 1.84 -39.41
C ASP A 422 -4.08 3.29 -38.95
N ALA A 424 -4.56 6.00 -40.61
CA ALA A 424 -5.69 6.71 -41.21
C ALA A 424 -6.96 6.46 -40.41
N ILE A 425 -7.20 5.21 -40.03
CA ILE A 425 -8.34 4.91 -39.17
C ILE A 425 -8.23 5.69 -37.86
N VAL A 426 -7.03 5.70 -37.27
CA VAL A 426 -6.81 6.45 -36.04
C VAL A 426 -7.07 7.93 -36.27
N GLY A 427 -6.62 8.44 -37.42
CA GLY A 427 -6.91 9.83 -37.75
C GLY A 427 -8.41 10.11 -37.81
N SER A 428 -9.18 9.15 -38.33
CA SER A 428 -10.62 9.36 -38.42
C SER A 428 -11.28 9.48 -37.06
N LEU A 429 -10.59 9.10 -35.98
CA LEU A 429 -11.11 9.20 -34.63
C LEU A 429 -10.69 10.48 -33.91
N LEU A 430 -9.92 11.34 -34.56
CA LEU A 430 -9.52 12.61 -33.97
C LEU A 430 -10.49 13.71 -34.38
N ASN A 431 -10.44 14.82 -33.63
CA ASN A 431 -11.41 15.90 -33.76
C ASN A 431 -10.68 17.21 -34.10
N ASP A 432 -11.46 18.26 -34.32
CA ASP A 432 -10.89 19.53 -34.74
C ASP A 432 -10.11 20.21 -33.62
N THR A 433 -10.40 19.91 -32.35
CA THR A 433 -9.60 20.51 -31.29
C THR A 433 -8.25 19.83 -31.14
N ASP A 434 -8.14 18.56 -31.53
CA ASP A 434 -6.81 17.94 -31.59
C ASP A 434 -5.96 18.62 -32.65
N ILE A 435 -6.54 18.86 -33.83
CA ILE A 435 -5.88 19.65 -34.86
C ILE A 435 -5.48 21.02 -34.31
N ARG A 436 -6.42 21.69 -33.63
CA ARG A 436 -6.13 23.01 -33.09
C ARG A 436 -5.00 22.96 -32.07
N ASN A 437 -4.86 21.85 -31.34
CA ASN A 437 -3.80 21.74 -30.35
C ASN A 437 -2.43 21.55 -30.98
N ILE A 438 -2.35 21.34 -32.30
CA ILE A 438 -1.05 21.23 -32.97
C ILE A 438 -0.20 22.46 -32.66
N ASP A 439 -0.83 23.64 -32.66
CA ASP A 439 -0.10 24.87 -32.30
C ASP A 439 0.47 24.78 -30.90
N THR A 440 -0.34 24.33 -29.93
CA THR A 440 0.16 24.15 -28.58
C THR A 440 1.33 23.19 -28.56
N LEU A 441 1.22 22.08 -29.29
CA LEU A 441 2.28 21.08 -29.34
C LEU A 441 3.55 21.67 -29.94
N GLN A 443 4.48 24.81 -29.95
CA GLN A 443 5.10 25.70 -28.96
C GLN A 443 5.98 24.90 -28.02
N HIS A 444 5.44 23.83 -27.45
CA HIS A 444 6.20 23.01 -26.51
C HIS A 444 7.42 22.39 -27.16
N GLU A 445 7.36 22.17 -28.48
CA GLU A 445 8.45 21.60 -29.26
C GLU A 445 9.14 22.65 -30.13
N ARG A 446 9.03 23.92 -29.75
CA ARG A 446 9.60 25.01 -30.53
C ARG A 446 11.05 24.76 -30.88
N ASN A 447 11.84 24.25 -29.94
CA ASN A 447 13.27 24.06 -30.14
C ASN A 447 13.65 22.61 -30.44
N THR A 448 12.68 21.69 -30.54
CA THR A 448 12.99 20.34 -30.97
C THR A 448 13.52 20.36 -32.40
N GLU A 449 14.69 19.76 -32.60
CA GLU A 449 15.37 19.80 -33.89
C GLU A 449 15.09 18.54 -34.69
N PHE A 450 14.52 18.71 -35.88
CA PHE A 450 14.32 17.60 -36.79
C PHE A 450 15.50 17.47 -37.73
N HIS A 451 15.74 16.25 -38.19
CA HIS A 451 16.88 15.94 -39.06
C HIS A 451 16.36 15.26 -40.32
N SER A 452 16.65 15.88 -41.47
CA SER A 452 16.45 15.22 -42.74
C SER A 452 17.27 13.94 -42.81
N THR A 453 16.79 12.96 -43.58
CA THR A 453 17.61 11.77 -43.83
C THR A 453 18.80 12.10 -44.72
N ASP A 454 18.72 13.21 -45.45
CA ASP A 454 19.86 13.78 -46.16
C ASP A 454 20.84 14.33 -45.12
N ALA A 455 21.94 13.59 -44.90
CA ALA A 455 22.85 13.93 -43.81
C ALA A 455 23.59 15.24 -44.04
N LYS A 456 23.63 15.74 -45.28
CA LYS A 456 24.23 17.04 -45.52
C LYS A 456 23.33 18.19 -45.12
N ALA A 457 22.02 17.95 -45.00
CA ALA A 457 21.10 19.01 -44.61
C ALA A 457 21.29 19.36 -43.13
N LYS A 458 21.12 20.63 -42.81
CA LYS A 458 21.25 21.10 -41.45
C LYS A 458 19.98 20.80 -40.66
N PRO A 459 20.09 20.67 -39.34
CA PRO A 459 18.89 20.43 -38.52
C PRO A 459 17.99 21.66 -38.50
N VAL A 460 16.69 21.39 -38.38
CA VAL A 460 15.64 22.41 -38.42
C VAL A 460 14.82 22.30 -37.16
N LYS A 461 14.62 23.44 -36.48
CA LYS A 461 13.80 23.45 -35.27
C LYS A 461 12.34 23.38 -35.67
N LEU A 462 11.67 22.31 -35.24
CA LEU A 462 10.33 21.99 -35.73
C LEU A 462 9.33 23.10 -35.39
N GLY A 463 9.09 23.32 -34.10
CA GLY A 463 8.02 24.23 -33.69
C GLY A 463 8.25 25.66 -34.09
N GLU A 464 9.51 26.11 -34.11
CA GLU A 464 9.80 27.48 -34.55
C GLU A 464 9.54 27.64 -36.04
N THR A 465 10.00 26.69 -36.85
CA THR A 465 9.73 26.76 -38.29
C THR A 465 8.24 26.71 -38.56
N TRP A 466 7.50 25.91 -37.78
CA TRP A 466 6.05 25.87 -37.92
C TRP A 466 5.43 27.23 -37.58
N GLU A 467 5.85 27.83 -36.47
CA GLU A 467 5.33 29.12 -36.06
C GLU A 467 5.63 30.21 -37.08
N LYS A 468 6.87 30.26 -37.56
CA LYS A 468 7.39 31.41 -38.30
C LYS A 468 7.35 31.24 -39.81
N THR A 469 7.10 30.05 -40.30
CA THR A 469 7.19 29.81 -41.74
C THR A 469 6.01 29.03 -42.29
N ILE A 470 5.56 27.98 -41.61
CA ILE A 470 4.54 27.10 -42.17
C ILE A 470 3.14 27.61 -41.89
N ARG A 471 2.89 28.04 -40.66
CA ARG A 471 1.53 28.31 -40.23
C ARG A 471 1.08 29.69 -40.65
N SER A 472 -0.17 29.81 -41.12
CA SER A 472 -0.65 31.04 -41.73
C SER A 472 -1.91 31.60 -41.09
N GLY A 473 -2.15 31.28 -39.83
CA GLY A 473 -3.37 31.75 -39.17
C GLY A 473 -4.61 30.99 -39.58
N GLY A 474 -5.75 31.62 -39.32
CA GLY A 474 -7.05 31.05 -39.65
C GLY A 474 -7.52 30.01 -38.65
N GLY A 475 -8.65 29.38 -39.01
CA GLY A 475 -9.26 28.34 -38.21
C GLY A 475 -8.70 26.96 -38.50
N VAL A 476 -9.50 25.95 -38.19
CA VAL A 476 -9.03 24.56 -38.22
C VAL A 476 -8.65 24.15 -39.63
N THR A 477 -9.50 24.47 -40.61
CA THR A 477 -9.25 24.04 -41.98
C THR A 477 -7.91 24.58 -42.49
N GLN A 478 -7.58 25.82 -42.13
CA GLN A 478 -6.30 26.39 -42.55
C GLN A 478 -5.14 25.66 -41.88
N ILE A 479 -5.30 25.26 -40.62
CA ILE A 479 -4.28 24.43 -39.97
C ILE A 479 -4.08 23.14 -40.75
N LYS A 480 -5.18 22.49 -41.14
CA LYS A 480 -5.08 21.25 -41.89
C LYS A 480 -4.28 21.44 -43.17
N HIS A 481 -4.59 22.49 -43.92
CA HIS A 481 -3.85 22.76 -45.16
C HIS A 481 -2.38 23.09 -44.88
N ASP A 482 -2.12 23.84 -43.80
CA ASP A 482 -0.72 24.13 -43.44
C ASP A 482 0.04 22.84 -43.13
N LEU A 483 -0.56 21.94 -42.35
CA LEU A 483 0.10 20.68 -42.03
C LEU A 483 0.36 19.86 -43.29
N ILE A 484 -0.63 19.79 -44.17
CA ILE A 484 -0.45 19.11 -45.45
C ILE A 484 0.65 19.79 -46.26
N PHE A 485 0.73 21.12 -46.17
CA PHE A 485 1.80 21.82 -46.87
C PHE A 485 3.15 21.47 -46.29
N LEU A 486 3.25 21.39 -44.96
CA LEU A 486 4.51 21.00 -44.33
C LEU A 486 5.00 19.67 -44.89
N GLN A 488 4.10 18.28 -47.82
CA GLN A 488 4.36 18.36 -49.24
C GLN A 488 5.65 19.10 -49.54
N ASN A 489 6.01 20.08 -48.70
CA ASN A 489 7.02 21.07 -49.06
C ASN A 489 8.37 20.88 -48.38
N ASP A 490 8.43 20.29 -47.18
CA ASP A 490 9.64 20.33 -46.36
C ASP A 490 10.26 18.94 -46.23
N ALA A 491 11.31 18.70 -47.02
CA ALA A 491 11.97 17.40 -47.00
C ALA A 491 12.68 17.13 -45.66
N TRP A 492 13.15 18.18 -44.97
CA TRP A 492 13.76 17.95 -43.66
C TRP A 492 12.78 17.27 -42.70
N TYR A 493 11.48 17.40 -42.95
CA TYR A 493 10.45 16.84 -42.10
C TYR A 493 9.86 15.54 -42.66
N HIS A 494 9.50 15.52 -43.95
CA HIS A 494 8.85 14.31 -44.43
C HIS A 494 9.83 13.18 -44.71
N THR A 495 11.11 13.46 -44.95
CA THR A 495 12.06 12.35 -45.05
C THR A 495 12.21 11.65 -43.71
N ARG A 496 12.32 12.41 -42.61
CA ARG A 496 12.43 11.79 -41.29
C ARG A 496 11.15 11.06 -40.92
N VAL A 497 10.00 11.69 -41.19
CA VAL A 497 8.72 11.10 -40.84
C VAL A 497 8.48 9.81 -41.63
N ASN A 498 8.75 9.84 -42.94
CA ASN A 498 8.52 8.67 -43.77
C ASN A 498 9.41 7.51 -43.35
N ALA A 499 10.69 7.79 -43.08
CA ALA A 499 11.61 6.73 -42.70
C ALA A 499 11.22 6.08 -41.39
N ILE A 500 10.79 6.87 -40.42
CA ILE A 500 10.37 6.33 -39.14
C ILE A 500 9.08 5.51 -39.29
N ALA A 501 8.10 6.06 -40.03
CA ALA A 501 6.82 5.39 -40.18
C ALA A 501 6.98 4.02 -40.85
N GLN A 502 7.90 3.92 -41.81
CA GLN A 502 8.20 2.67 -42.49
C GLN A 502 9.29 1.87 -41.79
N ASN A 503 9.72 2.31 -40.60
CA ASN A 503 10.69 1.59 -39.79
C ASN A 503 11.95 1.24 -40.58
N ARG A 504 12.44 2.21 -41.36
CA ARG A 504 13.70 2.07 -42.07
C ARG A 504 14.65 3.20 -41.74
N ASP A 505 14.33 4.02 -40.75
CA ASP A 505 15.15 5.13 -40.30
C ASP A 505 16.36 4.62 -39.51
N LYS A 506 17.40 5.46 -39.47
CA LYS A 506 18.51 5.24 -38.56
C LYS A 506 18.82 6.55 -37.83
N ASP A 507 19.17 6.42 -36.56
CA ASP A 507 19.60 7.56 -35.73
C ASP A 507 18.53 8.65 -35.66
N SER A 508 17.33 8.24 -35.23
CA SER A 508 16.26 9.18 -34.97
C SER A 508 16.19 9.47 -33.48
N THR A 509 15.73 10.66 -33.14
CA THR A 509 15.52 10.99 -31.74
C THR A 509 14.14 10.52 -31.28
N PHE A 510 13.98 10.42 -29.96
CA PHE A 510 12.68 10.04 -29.43
C PHE A 510 11.59 10.99 -29.94
N LYS A 511 11.88 12.29 -29.91
CA LYS A 511 10.88 13.28 -30.32
C LYS A 511 10.54 13.17 -31.80
N GLU A 512 11.51 12.81 -32.64
CA GLU A 512 11.20 12.58 -34.04
C GLU A 512 10.23 11.41 -34.20
N VAL A 513 10.42 10.36 -33.40
CA VAL A 513 9.52 9.21 -33.45
C VAL A 513 8.14 9.60 -32.94
N LEU A 514 8.11 10.30 -31.80
CA LEU A 514 6.83 10.72 -31.23
C LEU A 514 6.07 11.63 -32.18
N ILE A 515 6.74 12.63 -32.76
CA ILE A 515 6.05 13.53 -33.68
C ILE A 515 5.56 12.76 -34.89
N THR A 516 6.36 11.81 -35.39
CA THR A 516 5.90 10.91 -36.46
C THR A 516 4.61 10.21 -36.06
N ALA A 517 4.56 9.67 -34.84
CA ALA A 517 3.38 8.94 -34.40
C ALA A 517 2.17 9.85 -34.14
N LEU A 518 2.38 11.13 -33.86
CA LEU A 518 1.26 12.05 -33.68
C LEU A 518 0.80 12.66 -35.01
N THR A 520 1.23 11.59 -38.13
CA THR A 520 0.70 10.68 -39.16
C THR A 520 -0.81 10.55 -39.08
N PRO A 521 -1.43 10.28 -37.93
CA PRO A 521 -2.90 10.31 -37.90
C PRO A 521 -3.47 11.72 -38.05
N LEU A 522 -2.77 12.74 -37.53
CA LEU A 522 -3.28 14.09 -37.69
C LEU A 522 -3.25 14.52 -39.16
N THR A 523 -2.19 14.15 -39.88
CA THR A 523 -2.12 14.46 -41.30
C THR A 523 -3.21 13.71 -42.07
N ASN A 524 -3.42 12.44 -41.73
CA ASN A 524 -4.48 11.68 -42.38
C ASN A 524 -5.84 12.34 -42.15
N LYS A 525 -6.14 12.75 -40.91
CA LYS A 525 -7.39 13.46 -40.68
C LYS A 525 -7.48 14.71 -41.53
N SER A 526 -6.39 15.50 -41.57
CA SER A 526 -6.37 16.73 -42.34
C SER A 526 -6.63 16.46 -43.82
N LEU A 527 -6.08 15.36 -44.34
CA LEU A 527 -6.31 15.02 -45.74
C LEU A 527 -7.74 14.56 -45.98
N ASP A 529 -10.43 15.26 -44.12
CA ASP A 529 -11.40 16.34 -43.92
C ASP A 529 -11.41 17.35 -45.06
N THR A 530 -10.30 17.50 -45.79
CA THR A 530 -10.22 18.57 -46.78
C THR A 530 -10.30 18.09 -48.23
N SER A 531 -9.94 16.84 -48.52
CA SER A 531 -9.90 16.40 -49.91
C SER A 531 -11.31 16.30 -50.48
N ARG A 532 -11.50 16.87 -51.67
CA ARG A 532 -12.77 16.77 -52.36
C ARG A 532 -12.63 16.25 -53.79
N SER A 533 -11.42 16.14 -54.31
CA SER A 533 -11.23 15.64 -55.65
C SER A 533 -11.70 14.19 -55.74
N PRO A 534 -12.30 13.77 -56.85
CA PRO A 534 -12.66 12.36 -57.00
C PRO A 534 -11.41 11.49 -57.07
N ALA A 535 -11.52 10.30 -56.49
CA ALA A 535 -10.36 9.41 -56.38
C ALA A 535 -9.86 8.99 -57.75
N PRO A 536 -8.67 9.44 -58.16
CA PRO A 536 -8.12 9.01 -59.44
C PRO A 536 -7.72 7.54 -59.37
N LYS A 537 -7.69 6.90 -60.53
CA LYS A 537 -7.44 5.47 -60.60
C LYS A 537 -6.08 5.14 -61.18
N THR A 538 -5.30 6.14 -61.59
CA THR A 538 -3.91 5.96 -61.99
C THR A 538 -3.07 7.00 -61.29
N LEU A 539 -2.20 6.55 -60.38
CA LEU A 539 -1.31 7.42 -59.62
C LEU A 539 0.13 7.01 -59.88
N PHE A 540 1.02 8.00 -59.85
CA PHE A 540 2.42 7.79 -60.14
C PHE A 540 3.25 8.17 -58.93
N ARG A 541 4.21 7.32 -58.60
CA ARG A 541 5.06 7.53 -57.43
C ARG A 541 6.50 7.36 -57.85
N GLY A 542 7.31 8.39 -57.64
CA GLY A 542 8.72 8.37 -57.98
C GLY A 542 9.56 8.04 -56.76
N LEU A 543 10.62 7.27 -56.99
CA LEU A 543 11.58 6.94 -55.95
C LEU A 543 12.98 6.92 -56.55
N ASP A 544 13.96 7.17 -55.69
CA ASP A 544 15.37 7.16 -56.07
C ASP A 544 15.99 5.95 -55.38
N LEU A 545 16.14 4.86 -56.11
CA LEU A 545 16.59 3.61 -55.53
C LEU A 545 18.02 3.29 -55.98
N SER A 546 18.74 2.58 -55.11
CA SER A 546 20.06 2.11 -55.48
C SER A 546 19.95 1.05 -56.58
N GLU A 547 21.00 0.95 -57.38
CA GLU A 547 21.00 -0.01 -58.48
C GLU A 547 20.80 -1.43 -57.99
N GLU A 548 21.37 -1.76 -56.83
CA GLU A 548 21.17 -3.10 -56.27
C GLU A 548 19.72 -3.31 -55.85
N PHE A 549 19.12 -2.33 -55.18
CA PHE A 549 17.76 -2.50 -54.69
C PHE A 549 16.76 -2.64 -55.84
N LYS A 550 16.94 -1.85 -56.90
CA LYS A 550 15.99 -1.88 -58.00
C LYS A 550 16.02 -3.21 -58.72
N ASN A 551 17.19 -3.79 -58.92
CA ASN A 551 17.25 -5.08 -59.60
C ASN A 551 16.60 -6.17 -58.78
N LYS A 552 16.68 -6.08 -57.45
CA LYS A 552 15.87 -6.95 -56.61
C LYS A 552 14.39 -6.78 -56.90
N LEU A 553 13.93 -5.53 -57.03
CA LEU A 553 12.52 -5.30 -57.33
C LEU A 553 12.16 -5.77 -58.73
N ILE A 554 13.08 -5.60 -59.68
CA ILE A 554 12.80 -6.01 -61.06
C ILE A 554 12.57 -7.51 -61.12
N ASN A 555 13.48 -8.30 -60.54
CA ASN A 555 13.30 -9.75 -60.62
C ASN A 555 12.18 -10.24 -59.71
N GLN A 556 11.91 -9.52 -58.62
CA GLN A 556 10.72 -9.81 -57.82
C GLN A 556 9.45 -9.63 -58.66
N ALA A 557 9.37 -8.52 -59.40
CA ALA A 557 8.19 -8.25 -60.20
C ALA A 557 8.11 -9.19 -61.40
N GLU A 558 9.23 -9.47 -62.05
CA GLU A 558 9.21 -10.40 -63.17
C GLU A 558 8.85 -11.80 -62.72
N THR A 559 9.27 -12.21 -61.52
CA THR A 559 8.88 -13.54 -61.05
C THR A 559 7.38 -13.60 -60.78
N ILE A 560 6.81 -12.54 -60.20
CA ILE A 560 5.37 -12.50 -59.96
C ILE A 560 4.62 -12.53 -61.29
N ILE A 561 4.99 -11.64 -62.21
CA ILE A 561 4.31 -11.55 -63.50
C ILE A 561 4.38 -12.89 -64.24
N ALA A 562 5.56 -13.54 -64.23
CA ALA A 562 5.74 -14.78 -64.98
C ALA A 562 4.90 -15.91 -64.41
N ASN A 563 4.48 -15.81 -63.16
CA ASN A 563 3.66 -16.85 -62.54
C ASN A 563 2.25 -16.36 -62.26
N THR A 564 1.78 -15.43 -63.08
CA THR A 564 0.40 -14.98 -63.09
C THR A 564 -0.10 -15.15 -64.52
N THR A 565 -0.93 -16.15 -64.74
CA THR A 565 -1.41 -16.45 -66.08
C THR A 565 -2.90 -16.74 -66.02
N GLU A 566 -3.62 -16.31 -67.05
CA GLU A 566 -4.95 -16.83 -67.26
C GLU A 566 -4.88 -18.31 -67.56
N HIS A 567 -6.04 -18.97 -67.50
CA HIS A 567 -6.08 -20.40 -67.78
C HIS A 567 -7.44 -20.78 -68.31
N LEU A 568 -7.49 -21.95 -68.94
CA LEU A 568 -8.73 -22.58 -69.39
C LEU A 568 -9.12 -23.74 -68.49
N PHE A 569 -8.21 -24.70 -68.30
CA PHE A 569 -8.51 -25.92 -67.57
C PHE A 569 -7.61 -26.16 -66.36
N THR A 570 -6.44 -25.51 -66.29
CA THR A 570 -5.44 -25.80 -65.27
C THR A 570 -5.15 -24.53 -64.46
N ASP A 571 -5.70 -24.46 -63.24
CA ASP A 571 -5.61 -23.28 -62.40
C ASP A 571 -4.29 -23.28 -61.63
N LEU A 572 -3.36 -22.38 -62.00
CA LEU A 572 -2.09 -22.25 -61.31
C LEU A 572 -2.12 -21.15 -60.23
N SER A 573 -3.30 -20.85 -59.69
CA SER A 573 -3.42 -19.81 -58.66
C SER A 573 -2.50 -20.07 -57.48
N THR A 574 -2.34 -21.33 -57.08
CA THR A 574 -1.50 -21.62 -55.93
C THR A 574 -0.07 -21.13 -56.12
N GLU A 575 0.44 -21.19 -57.35
CA GLU A 575 1.81 -20.74 -57.58
C GLU A 575 1.89 -19.22 -57.61
N ALA A 576 0.84 -18.56 -58.11
CA ALA A 576 0.79 -17.10 -58.05
C ALA A 576 0.76 -16.61 -56.61
N PHE A 577 -0.04 -17.26 -55.76
CA PHE A 577 -0.07 -16.92 -54.34
C PHE A 577 1.33 -17.03 -53.73
N LYS A 578 2.01 -18.14 -54.00
CA LYS A 578 3.33 -18.40 -53.41
C LYS A 578 4.34 -17.34 -53.81
N GLN A 579 4.39 -17.01 -55.11
CA GLN A 579 5.40 -16.06 -55.58
C GLN A 579 5.07 -14.63 -55.17
N ILE A 580 3.79 -14.27 -55.12
CA ILE A 580 3.41 -12.93 -54.69
C ILE A 580 3.75 -12.72 -53.22
N LYS A 581 3.54 -13.74 -52.39
CA LYS A 581 3.93 -13.63 -51.00
C LYS A 581 5.45 -13.63 -50.84
N LEU A 582 6.15 -14.36 -51.71
CA LEU A 582 7.61 -14.38 -51.61
C LEU A 582 8.22 -13.06 -52.07
N ASN A 583 7.63 -12.40 -53.06
CA ASN A 583 8.24 -11.28 -53.74
C ASN A 583 7.48 -9.96 -53.56
N ASP A 584 6.45 -9.94 -52.72
CA ASP A 584 5.70 -8.70 -52.51
C ASP A 584 6.62 -7.59 -52.01
N PHE A 585 6.52 -6.42 -52.64
CA PHE A 585 7.21 -5.23 -52.15
C PHE A 585 6.23 -4.09 -51.90
N SER A 586 5.01 -4.43 -51.49
CA SER A 586 4.03 -3.41 -51.12
C SER A 586 4.50 -2.57 -49.93
N GLN A 587 5.39 -3.12 -49.10
CA GLN A 587 5.86 -2.40 -47.92
C GLN A 587 6.63 -1.14 -48.30
N VAL A 588 7.12 -1.04 -49.54
CA VAL A 588 7.81 0.16 -50.01
C VAL A 588 6.87 1.36 -50.03
N SER A 589 5.56 1.13 -50.14
CA SER A 589 4.59 2.22 -50.20
C SER A 589 3.66 2.24 -48.99
N ALA A 590 4.02 1.58 -47.90
CA ALA A 590 3.11 1.35 -46.79
C ALA A 590 3.49 2.17 -45.57
N ARG A 591 2.54 2.24 -44.62
CA ARG A 591 2.67 2.75 -43.27
C ARG A 591 2.86 4.25 -43.17
N THR A 592 2.82 5.00 -44.26
CA THR A 592 3.03 6.43 -44.21
C THR A 592 2.12 7.11 -45.23
N CYS A 593 2.07 8.45 -45.14
CA CYS A 593 1.30 9.24 -46.09
C CYS A 593 2.14 9.37 -47.35
N ALA A 594 1.93 8.44 -48.29
CA ALA A 594 2.80 8.31 -49.44
C ALA A 594 2.39 9.29 -50.53
N SER A 595 3.35 10.07 -51.02
CA SER A 595 3.08 11.11 -52.00
C SER A 595 3.01 10.52 -53.40
N THR A 596 1.96 10.85 -54.15
CA THR A 596 1.76 10.40 -55.52
C THR A 596 1.29 11.58 -56.36
N SER A 597 1.30 11.38 -57.68
CA SER A 597 0.83 12.38 -58.62
C SER A 597 0.11 11.71 -59.79
N THR A 598 -0.88 12.41 -60.35
CA THR A 598 -1.54 11.94 -61.56
C THR A 598 -0.77 12.26 -62.82
N ASN A 599 0.29 13.04 -62.70
CA ASN A 599 1.15 13.41 -63.82
C ASN A 599 2.48 12.67 -63.65
N ILE A 600 2.74 11.70 -64.53
CA ILE A 600 3.98 10.94 -64.45
C ILE A 600 5.20 11.85 -64.58
N GLU A 601 5.04 13.02 -65.19
CA GLU A 601 6.18 13.91 -65.37
C GLU A 601 6.67 14.53 -64.06
N VAL A 602 5.87 14.49 -63.00
CA VAL A 602 6.34 15.00 -61.72
C VAL A 602 7.42 14.06 -61.19
N PRO A 603 7.17 12.75 -61.04
CA PRO A 603 8.29 11.86 -60.66
C PRO A 603 9.36 11.75 -61.72
N ARG A 604 8.98 11.71 -63.00
CA ARG A 604 9.96 11.42 -64.05
C ARG A 604 10.83 12.63 -64.37
N THR A 605 10.21 13.79 -64.60
CA THR A 605 10.95 14.94 -65.08
C THR A 605 11.42 15.87 -63.96
N ILE A 606 10.48 16.35 -63.14
CA ILE A 606 10.83 17.33 -62.11
C ILE A 606 11.82 16.73 -61.13
N PHE A 607 11.51 15.54 -60.62
CA PHE A 607 12.33 14.94 -59.58
C PHE A 607 13.33 13.91 -60.10
N GLY A 608 13.26 13.56 -61.38
CA GLY A 608 14.27 12.72 -61.99
C GLY A 608 14.38 11.34 -61.38
N SER A 609 13.27 10.77 -60.94
CA SER A 609 13.32 9.46 -60.31
C SER A 609 13.78 8.40 -61.31
N ASN A 610 14.54 7.44 -60.83
CA ASN A 610 14.89 6.29 -61.63
C ASN A 610 13.88 5.16 -61.47
N THR A 611 12.95 5.29 -60.53
CA THR A 611 11.94 4.27 -60.28
C THR A 611 10.57 4.95 -60.23
N ILE A 612 9.66 4.51 -61.07
CA ILE A 612 8.29 5.01 -61.06
C ILE A 612 7.34 3.84 -60.84
N PHE A 613 6.48 3.97 -59.84
CA PHE A 613 5.39 3.01 -59.63
C PHE A 613 4.14 3.62 -60.27
N GLU A 614 3.65 2.97 -61.31
CA GLU A 614 2.34 3.29 -61.88
C GLU A 614 1.32 2.50 -61.08
N ILE A 615 0.61 3.17 -60.18
CA ILE A 615 -0.27 2.53 -59.23
C ILE A 615 -1.70 2.63 -59.77
N LEU A 616 -2.29 1.47 -60.07
CA LEU A 616 -3.65 1.39 -60.59
C LEU A 616 -4.58 0.91 -59.48
N ASP A 617 -5.70 1.61 -59.32
CA ASP A 617 -6.67 1.30 -58.28
C ASP A 617 -8.07 1.22 -58.88
N PRO A 618 -8.33 0.24 -59.76
CA PRO A 618 -9.63 0.19 -60.44
C PRO A 618 -10.79 -0.08 -59.49
N ASP A 619 -10.55 -0.78 -58.39
CA ASP A 619 -11.59 -1.11 -57.43
C ASP A 619 -11.72 -0.09 -56.31
N GLY A 620 -11.02 1.03 -56.39
CA GLY A 620 -11.16 2.08 -55.40
C GLY A 620 -10.82 1.65 -53.98
N LEU A 621 -9.62 1.09 -53.80
CA LEU A 621 -9.21 0.58 -52.49
C LEU A 621 -8.21 1.46 -51.79
N LEU A 622 -7.62 2.43 -52.47
CA LEU A 622 -6.56 3.22 -51.88
C LEU A 622 -7.04 4.49 -51.18
N HIS A 623 -8.22 4.99 -51.56
CA HIS A 623 -8.78 6.22 -50.99
C HIS A 623 -7.75 7.35 -50.96
N PRO A 624 -7.19 7.72 -52.12
CA PRO A 624 -6.20 8.80 -52.13
C PRO A 624 -6.87 10.15 -51.90
N LYS A 625 -6.11 11.07 -51.31
CA LYS A 625 -6.60 12.39 -50.91
C LYS A 625 -5.75 13.46 -51.57
N GLN A 626 -6.42 14.50 -52.07
CA GLN A 626 -5.72 15.59 -52.74
C GLN A 626 -4.76 16.30 -51.80
N VAL A 627 -3.55 16.58 -52.30
CA VAL A 627 -2.54 17.32 -51.58
C VAL A 627 -2.35 18.67 -52.27
N GLY A 628 -2.63 19.75 -51.55
CA GLY A 628 -2.31 21.08 -52.06
C GLY A 628 -3.22 21.52 -53.20
N THR A 629 -2.63 22.28 -54.13
CA THR A 629 -3.33 22.85 -55.27
C THR A 629 -3.10 21.99 -56.51
N HIS A 630 -4.10 21.98 -57.41
CA HIS A 630 -4.03 21.21 -58.65
C HIS A 630 -4.12 22.10 -59.87
N VAL A 631 -3.58 23.32 -59.79
CA VAL A 631 -3.55 24.23 -60.94
C VAL A 631 -2.58 23.68 -61.98
N SER A 632 -2.68 24.19 -63.20
CA SER A 632 -1.69 23.87 -64.22
C SER A 632 -0.30 24.28 -63.74
N GLY A 633 0.66 23.38 -63.87
CA GLY A 633 2.00 23.62 -63.39
C GLY A 633 2.27 23.17 -61.97
N SER A 634 1.24 22.73 -61.24
CA SER A 634 1.41 22.18 -59.92
C SER A 634 1.90 20.74 -60.00
N GLU A 635 2.02 20.08 -58.86
CA GLU A 635 2.50 18.71 -58.82
C GLU A 635 1.36 17.67 -58.91
N SER A 636 0.11 18.12 -58.91
CA SER A 636 -1.05 17.23 -59.03
C SER A 636 -0.96 16.09 -58.01
N GLU A 637 -0.66 16.46 -56.77
CA GLU A 637 -0.24 15.50 -55.76
C GLU A 637 -1.44 14.90 -55.05
N TYR A 638 -1.33 13.61 -54.77
CA TYR A 638 -2.27 12.88 -53.92
C TYR A 638 -1.48 12.09 -52.89
N SER A 639 -2.10 11.85 -51.73
CA SER A 639 -1.51 11.07 -50.66
C SER A 639 -2.31 9.79 -50.46
N ILE A 640 -1.61 8.66 -50.30
CA ILE A 640 -2.25 7.41 -49.96
C ILE A 640 -1.61 6.87 -48.69
N TYR A 641 -2.44 6.40 -47.78
CA TYR A 641 -2.02 5.62 -46.63
C TYR A 641 -2.55 4.21 -46.86
N LEU A 642 -1.65 3.28 -47.20
CA LEU A 642 -2.05 1.97 -47.68
C LEU A 642 -2.82 1.21 -46.62
N PRO A 643 -4.04 0.72 -46.93
CA PRO A 643 -4.74 -0.16 -45.99
C PRO A 643 -3.98 -1.45 -45.75
N GLU A 644 -4.23 -2.05 -44.59
CA GLU A 644 -3.43 -3.18 -44.13
C GLU A 644 -3.62 -4.44 -44.98
N ASP A 645 -4.71 -4.54 -45.73
CA ASP A 645 -5.02 -5.74 -46.49
C ASP A 645 -4.97 -5.50 -48.00
N VAL A 646 -4.36 -4.41 -48.43
CA VAL A 646 -4.22 -4.09 -49.85
C VAL A 646 -2.77 -4.28 -50.25
N ALA A 647 -2.56 -5.06 -51.30
CA ALA A 647 -1.24 -5.26 -51.89
C ALA A 647 -1.17 -4.54 -53.23
N LEU A 648 -0.01 -3.99 -53.54
CA LEU A 648 0.24 -3.39 -54.86
C LEU A 648 1.01 -4.43 -55.66
N VAL A 649 0.28 -5.20 -56.47
CA VAL A 649 0.85 -6.34 -57.17
C VAL A 649 1.34 -5.92 -58.55
N PRO A 650 2.60 -6.20 -58.88
CA PRO A 650 3.11 -5.83 -60.20
C PRO A 650 2.46 -6.65 -61.31
N ILE A 651 2.11 -5.97 -62.39
CA ILE A 651 1.62 -6.62 -63.60
C ILE A 651 2.50 -6.35 -64.80
N LYS A 652 3.44 -5.42 -64.72
CA LYS A 652 4.26 -5.04 -65.86
C LYS A 652 5.51 -4.32 -65.36
N VAL A 653 6.62 -4.55 -66.05
CA VAL A 653 7.87 -3.81 -65.84
C VAL A 653 8.35 -3.32 -67.20
N SER A 654 8.65 -2.02 -67.30
CA SER A 654 9.07 -1.41 -68.55
C SER A 654 10.35 -0.63 -68.34
N PHE A 655 11.32 -0.86 -69.23
CA PHE A 655 12.48 0.01 -69.30
C PHE A 655 12.08 1.30 -69.98
N ASP A 656 12.39 2.44 -69.35
CA ASP A 656 11.83 3.72 -69.73
C ASP A 656 12.90 4.73 -70.15
N GLY A 657 14.11 4.27 -70.42
CA GLY A 657 15.18 5.18 -70.79
C GLY A 657 16.01 5.58 -69.59
N LYS A 658 16.71 6.71 -69.73
CA LYS A 658 17.68 7.15 -68.74
C LYS A 658 17.24 8.45 -68.08
N THR A 659 17.60 8.58 -66.81
CA THR A 659 17.33 9.81 -66.06
C THR A 659 18.27 10.91 -66.54
N GLY A 660 18.13 12.09 -65.94
CA GLY A 660 19.05 13.17 -66.22
C GLY A 660 20.50 12.78 -65.93
N LYS A 661 20.72 12.05 -64.84
CA LYS A 661 22.05 11.63 -64.42
C LYS A 661 22.52 10.36 -65.13
N GLY A 662 21.81 9.88 -66.14
CA GLY A 662 22.28 8.80 -66.96
C GLY A 662 21.95 7.40 -66.48
N LYS A 663 21.29 7.26 -65.34
CA LYS A 663 20.93 5.95 -64.83
C LYS A 663 19.60 5.48 -65.42
N ASP A 664 19.48 4.16 -65.60
CA ASP A 664 18.27 3.59 -66.17
C ASP A 664 17.05 3.92 -65.31
N ARG A 665 15.94 4.17 -65.98
CA ARG A 665 14.66 4.37 -65.32
C ARG A 665 13.69 3.26 -65.70
N HIS A 666 12.99 2.71 -64.71
CA HIS A 666 12.02 1.64 -64.93
C HIS A 666 10.66 2.04 -64.37
N ILE A 667 9.61 1.58 -65.02
CA ILE A 667 8.24 1.80 -64.58
C ILE A 667 7.66 0.45 -64.15
N PHE A 668 7.27 0.37 -62.89
CA PHE A 668 6.55 -0.78 -62.34
C PHE A 668 5.07 -0.43 -62.31
N THR A 669 4.25 -1.19 -63.03
CA THR A 669 2.81 -0.99 -62.99
C THR A 669 2.23 -1.91 -61.91
N LEU A 670 1.64 -1.33 -60.86
CA LEU A 670 1.11 -2.09 -59.74
C LEU A 670 -0.40 -1.95 -59.71
N VAL A 671 -1.08 -3.03 -59.34
CA VAL A 671 -2.52 -3.04 -59.17
C VAL A 671 -2.83 -3.25 -57.70
N ALA A 672 -3.66 -2.37 -57.15
CA ALA A 672 -4.08 -2.54 -55.77
C ALA A 672 -5.09 -3.68 -55.68
N VAL A 673 -4.84 -4.61 -54.77
CA VAL A 673 -5.67 -5.80 -54.60
C VAL A 673 -5.95 -5.98 -53.12
N LYS A 674 -7.22 -6.16 -52.77
CA LYS A 674 -7.64 -6.29 -51.38
C LYS A 674 -7.99 -7.75 -51.08
N SER A 675 -7.45 -8.28 -49.98
CA SER A 675 -7.73 -9.66 -49.62
C SER A 675 -7.43 -9.88 -48.15
N PRO A 676 -8.25 -10.65 -47.44
CA PRO A 676 -7.90 -11.06 -46.06
C PRO A 676 -6.55 -11.76 -45.96
N ASP A 677 -6.06 -12.38 -47.04
CA ASP A 677 -4.77 -13.04 -46.98
C ASP A 677 -3.62 -12.07 -46.78
N PHE A 678 -3.84 -10.77 -47.05
CA PHE A 678 -2.82 -9.77 -46.81
C PHE A 678 -2.89 -9.15 -45.43
N THR A 679 -3.94 -9.46 -44.66
CA THR A 679 -4.10 -8.89 -43.34
C THR A 679 -2.97 -9.33 -42.40
N PRO A 680 -2.27 -8.40 -41.77
CA PRO A 680 -1.21 -8.79 -40.83
C PRO A 680 -1.78 -9.36 -39.53
N ARG A 681 -0.95 -10.15 -38.87
CA ARG A 681 -1.29 -10.73 -37.57
C ARG A 681 -0.55 -9.92 -36.51
N HIS A 682 -1.30 -9.17 -35.71
CA HIS A 682 -0.73 -8.40 -34.61
C HIS A 682 -1.41 -8.80 -33.31
N GLU A 683 -0.62 -8.90 -32.25
CA GLU A 683 -1.19 -9.15 -30.94
C GLU A 683 -1.85 -7.87 -30.43
N SER A 684 -2.99 -8.03 -29.77
CA SER A 684 -3.73 -6.91 -29.21
C SER A 684 -3.10 -6.43 -27.91
N GLY A 685 -3.57 -5.28 -27.44
CA GLY A 685 -3.20 -4.77 -26.13
C GLY A 685 -2.05 -3.79 -26.12
N TYR A 686 -1.37 -3.58 -27.25
CA TYR A 686 -0.22 -2.68 -27.26
C TYR A 686 -0.60 -1.26 -26.86
N ALA A 687 -1.81 -0.82 -27.17
CA ALA A 687 -2.33 0.49 -26.77
C ALA A 687 -3.41 0.41 -25.72
N VAL A 688 -4.29 -0.59 -25.81
CA VAL A 688 -5.35 -0.73 -24.81
C VAL A 688 -4.75 -0.98 -23.43
N GLY A 689 -3.63 -1.68 -23.37
CA GLY A 689 -2.96 -1.97 -22.13
C GLY A 689 -2.60 -0.72 -21.35
N PRO A 690 -1.79 0.17 -21.95
CA PRO A 690 -1.47 1.43 -21.28
C PRO A 690 -2.68 2.32 -21.02
N LEU A 691 -3.65 2.34 -21.94
CA LEU A 691 -4.82 3.19 -21.72
C LEU A 691 -5.61 2.76 -20.49
N LEU A 692 -5.77 1.45 -20.29
CA LEU A 692 -6.53 0.97 -19.15
C LEU A 692 -5.84 1.30 -17.83
N LYS A 693 -4.51 1.16 -17.78
CA LYS A 693 -3.80 1.51 -16.55
C LYS A 693 -3.93 2.99 -16.22
N GLN A 695 -6.49 4.76 -16.45
CA GLN A 695 -7.85 5.06 -16.00
C GLN A 695 -8.23 4.33 -14.73
N THR A 696 -7.34 3.55 -14.15
CA THR A 696 -7.64 2.92 -12.88
C THR A 696 -7.88 4.01 -11.83
N PRO A 697 -9.01 3.99 -11.14
CA PRO A 697 -9.38 5.12 -10.26
C PRO A 697 -8.65 5.08 -8.94
N LYS A 698 -8.17 6.27 -8.54
CA LYS A 698 -7.60 6.47 -7.20
C LYS A 698 -8.72 6.99 -6.29
N LEU A 699 -9.44 6.06 -5.69
CA LEU A 699 -10.67 6.38 -4.97
C LEU A 699 -10.33 6.93 -3.58
N GLU A 700 -9.78 8.14 -3.57
CA GLU A 700 -9.38 8.74 -2.31
C GLU A 700 -10.56 9.04 -1.40
N GLU A 701 -11.77 9.24 -1.95
CA GLU A 701 -12.93 9.46 -1.10
C GLU A 701 -13.25 8.21 -0.29
N ILE A 702 -13.10 7.04 -0.89
CA ILE A 702 -13.28 5.80 -0.14
C ILE A 702 -12.10 5.59 0.81
N GLN A 703 -10.88 5.94 0.36
CA GLN A 703 -9.71 5.85 1.25
C GLN A 703 -9.87 6.76 2.46
N ARG A 704 -10.49 7.92 2.28
CA ARG A 704 -10.72 8.82 3.42
C ARG A 704 -11.79 8.26 4.34
N LEU A 705 -12.85 7.65 3.77
CA LEU A 705 -13.86 7.00 4.59
C LEU A 705 -13.23 5.93 5.47
N VAL A 706 -12.33 5.14 4.89
CA VAL A 706 -11.65 4.10 5.66
C VAL A 706 -10.92 4.71 6.85
N GLU A 707 -10.13 5.76 6.61
CA GLU A 707 -9.34 6.38 7.66
C GLU A 707 -10.18 7.17 8.66
N GLN A 708 -11.43 7.49 8.33
CA GLN A 708 -12.34 8.04 9.33
C GLN A 708 -12.90 6.95 10.22
N ALA A 709 -13.06 5.73 9.70
CA ALA A 709 -13.33 4.60 10.58
C ALA A 709 -12.08 4.16 11.33
N ARG A 710 -10.91 4.69 10.96
CA ARG A 710 -9.68 4.40 11.70
C ARG A 710 -9.64 5.15 13.03
N GLU A 711 -10.12 6.40 13.05
CA GLU A 711 -9.88 7.31 14.17
C GLU A 711 -10.27 6.69 15.50
N GLU A 712 -9.50 7.03 16.52
CA GLU A 712 -9.75 6.46 17.84
C GLU A 712 -10.66 7.37 18.65
N PRO A 713 -11.52 6.79 19.47
CA PRO A 713 -12.31 7.60 20.41
C PRO A 713 -11.41 8.14 21.52
N ASP A 714 -11.80 9.29 22.06
CA ASP A 714 -11.05 9.92 23.15
C ASP A 714 -11.59 9.38 24.47
N LEU A 715 -11.13 8.17 24.81
CA LEU A 715 -11.56 7.54 26.06
C LEU A 715 -11.12 8.34 27.27
N GLU A 716 -9.91 8.91 27.23
CA GLU A 716 -9.44 9.74 28.33
C GLU A 716 -10.39 10.89 28.61
N ARG A 717 -10.93 11.49 27.54
CA ARG A 717 -11.84 12.62 27.69
C ARG A 717 -13.14 12.19 28.36
N VAL A 718 -13.65 11.01 28.01
CA VAL A 718 -14.84 10.49 28.68
C VAL A 718 -14.55 10.16 30.13
N PHE A 719 -13.40 9.52 30.38
CA PHE A 719 -12.99 9.23 31.75
C PHE A 719 -12.82 10.51 32.55
N ASN A 720 -12.19 11.53 31.97
CA ASN A 720 -11.96 12.78 32.69
C ASN A 720 -13.27 13.51 32.98
N LEU A 721 -14.26 13.38 32.08
CA LEU A 721 -15.56 14.02 32.24
C LEU A 721 -16.34 13.38 33.36
N GLN A 722 -16.18 12.09 33.50
CA GLN A 722 -16.69 11.38 34.67
C GLN A 722 -16.16 12.01 35.94
N SER A 723 -14.86 12.30 35.97
CA SER A 723 -14.26 12.93 37.13
C SER A 723 -14.90 14.29 37.41
N ARG A 724 -15.17 15.05 36.34
CA ARG A 724 -15.76 16.38 36.53
C ARG A 724 -17.22 16.28 36.97
N VAL A 725 -17.99 15.39 36.33
CA VAL A 725 -19.38 15.20 36.73
C VAL A 725 -19.46 14.88 38.21
N ALA A 726 -18.63 13.94 38.67
CA ALA A 726 -18.61 13.58 40.08
C ALA A 726 -18.26 14.78 40.96
N ARG A 727 -17.22 15.52 40.60
CA ARG A 727 -16.82 16.68 41.39
C ARG A 727 -17.80 17.83 41.21
N GLN A 728 -18.47 17.91 40.05
CA GLN A 728 -19.58 18.84 39.90
C GLN A 728 -20.77 18.43 40.77
N ALA A 729 -20.97 17.13 40.95
CA ALA A 729 -22.10 16.64 41.72
C ALA A 729 -21.91 16.83 43.22
N LYS A 730 -20.69 16.58 43.72
CA LYS A 730 -20.42 16.59 45.16
C LYS A 730 -20.93 17.83 45.86
N PHE A 731 -21.23 18.85 45.08
CA PHE A 731 -21.81 20.02 45.62
C PHE A 731 -23.16 20.31 45.01
N SER A 732 -24.14 20.58 45.84
CA SER A 732 -25.40 21.08 45.38
C SER A 732 -25.23 22.50 44.94
N THR A 733 -25.74 22.83 43.77
CA THR A 733 -25.74 24.19 43.34
C THR A 733 -26.99 24.76 42.74
N GLU A 734 -27.27 24.37 41.50
CA GLU A 734 -28.57 24.61 40.89
C GLU A 734 -29.43 23.44 41.36
N SER A 735 -30.73 23.65 41.50
CA SER A 735 -31.55 22.58 41.95
C SER A 735 -32.17 22.00 40.74
N GLY A 736 -32.13 20.68 40.58
CA GLY A 736 -31.46 19.80 41.50
C GLY A 736 -30.50 19.09 40.59
N TYR A 737 -29.72 19.92 39.95
CA TYR A 737 -28.87 19.55 38.90
C TYR A 737 -27.91 18.54 39.45
N LYS A 738 -27.70 18.50 40.75
CA LYS A 738 -26.97 17.40 41.35
C LYS A 738 -27.71 16.12 41.17
N THR A 739 -29.03 16.14 41.31
CA THR A 739 -29.75 14.91 41.12
C THR A 739 -29.59 14.51 39.69
N PHE A 740 -29.76 15.47 38.81
CA PHE A 740 -29.67 15.25 37.37
C PHE A 740 -28.31 14.68 37.00
N LEU A 741 -27.24 15.25 37.56
CA LEU A 741 -25.89 14.78 37.29
C LEU A 741 -25.71 13.32 37.69
N ASN A 742 -26.12 12.97 38.91
CA ASN A 742 -25.86 11.62 39.42
C ASN A 742 -26.71 10.57 38.74
N GLU A 743 -27.96 10.89 38.41
CA GLU A 743 -28.90 9.92 37.90
C GLU A 743 -29.02 9.90 36.38
N LYS A 744 -28.89 11.05 35.73
CA LYS A 744 -29.02 11.13 34.27
C LYS A 744 -27.67 11.16 33.55
N VAL A 745 -26.70 11.90 34.06
CA VAL A 745 -25.45 12.11 33.34
C VAL A 745 -24.42 11.03 33.65
N ALA A 746 -24.25 10.69 34.92
CA ALA A 746 -23.22 9.72 35.30
C ALA A 746 -23.47 8.34 34.69
N PRO A 747 -24.68 7.75 34.75
CA PRO A 747 -24.86 6.45 34.08
C PRO A 747 -24.56 6.49 32.59
N VAL A 748 -24.97 7.56 31.91
CA VAL A 748 -24.77 7.66 30.46
C VAL A 748 -23.28 7.68 30.14
N LEU A 749 -22.47 8.38 30.94
CA LEU A 749 -21.03 8.39 30.72
C LEU A 749 -20.41 7.04 31.06
N GLU A 750 -20.92 6.39 32.11
CA GLU A 750 -20.44 5.05 32.45
C GLU A 750 -20.74 4.06 31.33
N GLN A 751 -21.95 4.12 30.77
CA GLN A 751 -22.30 3.23 29.68
C GLN A 751 -21.55 3.59 28.40
N SER A 752 -21.37 4.88 28.13
CA SER A 752 -20.60 5.30 26.95
C SER A 752 -19.18 4.75 27.01
N LEU A 753 -18.50 4.98 28.12
CA LEU A 753 -17.13 4.49 28.28
C LEU A 753 -17.06 2.97 28.12
N ASN A 754 -17.98 2.25 28.78
CA ASN A 754 -18.01 0.80 28.65
C ASN A 754 -18.36 0.38 27.23
N GLY A 755 -19.21 1.13 26.54
CA GLY A 755 -19.50 0.84 25.15
C GLY A 755 -18.31 1.09 24.25
N LEU A 756 -17.50 2.11 24.55
CA LEU A 756 -16.32 2.41 23.75
C LEU A 756 -15.08 1.65 24.20
N LEU A 757 -15.04 1.17 25.45
CA LEU A 757 -13.95 0.31 25.88
C LEU A 757 -13.95 -1.02 25.14
N ASP A 758 -15.06 -1.75 25.22
CA ASP A 758 -15.40 -2.73 24.20
C ASP A 758 -15.75 -1.95 22.94
N ASN A 759 -16.21 -2.62 21.90
CA ASN A 759 -16.78 -1.88 20.80
C ASN A 759 -18.20 -2.38 20.59
N ASN A 760 -18.99 -2.35 21.66
CA ASN A 760 -20.32 -2.90 21.67
C ASN A 760 -21.27 -1.89 21.02
N VAL A 761 -21.56 -2.10 19.74
CA VAL A 761 -22.47 -1.23 19.02
C VAL A 761 -23.86 -1.25 19.66
N THR A 762 -24.26 -2.40 20.21
CA THR A 762 -25.58 -2.51 20.83
C THR A 762 -25.64 -1.68 22.10
N ILE A 763 -24.57 -1.67 22.89
CA ILE A 763 -24.51 -0.77 24.04
C ILE A 763 -24.50 0.69 23.57
N LEU A 764 -23.66 0.99 22.57
CA LEU A 764 -23.55 2.35 22.08
C LEU A 764 -24.85 2.87 21.49
N GLY A 765 -25.65 1.99 20.88
CA GLY A 765 -26.88 2.44 20.25
C GLY A 765 -27.91 2.94 21.25
N LYS A 766 -28.12 2.19 22.34
CA LYS A 766 -29.17 2.58 23.27
C LYS A 766 -28.71 3.56 24.32
N VAL A 767 -27.40 3.69 24.55
CA VAL A 767 -26.94 4.81 25.36
C VAL A 767 -27.22 6.11 24.63
N LEU A 768 -27.20 6.08 23.29
CA LEU A 768 -27.55 7.26 22.50
C LEU A 768 -28.94 7.76 22.88
N SER A 769 -29.89 6.85 23.06
CA SER A 769 -31.23 7.25 23.50
C SER A 769 -31.24 7.72 24.95
N ALA A 770 -30.27 7.30 25.76
CA ALA A 770 -30.25 7.66 27.17
C ALA A 770 -29.66 9.05 27.42
N PHE A 771 -28.94 9.60 26.46
CA PHE A 771 -28.41 10.95 26.62
C PHE A 771 -29.56 11.93 26.83
N PRO A 772 -29.49 12.77 27.87
CA PRO A 772 -30.61 13.69 28.13
C PRO A 772 -30.90 14.62 26.96
N SER A 773 -32.18 14.97 26.83
CA SER A 773 -32.62 15.89 25.79
C SER A 773 -32.21 17.32 26.12
N ASP A 774 -32.20 18.17 25.09
CA ASP A 774 -31.87 19.57 25.30
C ASP A 774 -32.88 20.26 26.22
N GLY A 775 -34.14 19.84 26.15
CA GLY A 775 -35.14 20.38 27.07
C GLY A 775 -34.87 19.98 28.51
N GLN A 776 -34.28 18.80 28.72
CA GLN A 776 -33.87 18.41 30.07
C GLN A 776 -32.78 19.34 30.60
N TRP A 777 -31.87 19.77 29.73
CA TRP A 777 -30.79 20.65 30.16
C TRP A 777 -31.27 22.09 30.33
N SER A 778 -32.36 22.46 29.64
CA SER A 778 -32.91 23.79 29.78
C SER A 778 -33.21 24.15 31.24
N ALA A 779 -33.37 23.14 32.10
CA ALA A 779 -33.71 23.37 33.49
C ALA A 779 -32.57 24.00 34.29
N PHE A 780 -31.33 23.93 33.80
CA PHE A 780 -30.16 24.38 34.54
C PHE A 780 -29.43 25.44 33.73
N ASN A 781 -29.23 26.61 34.34
CA ASN A 781 -28.70 27.77 33.63
C ASN A 781 -27.34 28.23 34.19
N SER A 782 -26.76 27.48 35.11
CA SER A 782 -25.46 27.86 35.64
C SER A 782 -24.39 27.78 34.55
N VAL A 783 -23.30 28.52 34.76
CA VAL A 783 -22.19 28.50 33.82
C VAL A 783 -21.62 27.09 33.70
N GLU A 784 -21.43 26.41 34.83
CA GLU A 784 -20.90 25.06 34.80
C GLU A 784 -21.90 24.05 34.26
N ALA A 785 -23.20 24.34 34.32
CA ALA A 785 -24.18 23.46 33.69
C ALA A 785 -24.16 23.61 32.17
N ARG A 786 -24.02 24.84 31.68
CA ARG A 786 -23.91 25.07 30.25
C ARG A 786 -22.61 24.49 29.69
N GLN A 787 -21.51 24.71 30.42
CA GLN A 787 -20.24 24.06 30.08
C GLN A 787 -20.43 22.56 29.96
N LYS A 789 -23.29 20.69 29.23
CA LYS A 789 -24.03 20.20 28.06
C LYS A 789 -23.16 20.24 26.81
N ILE A 790 -22.35 21.29 26.69
CA ILE A 790 -21.41 21.36 25.56
C ILE A 790 -20.48 20.16 25.57
N GLN A 791 -19.95 19.81 26.74
CA GLN A 791 -19.12 18.61 26.82
C GLN A 791 -19.95 17.36 26.55
N ASP A 793 -22.66 17.08 24.70
CA ASP A 793 -22.92 16.99 23.27
C ASP A 793 -21.71 16.39 22.54
N ALA A 794 -20.50 16.72 23.00
CA ALA A 794 -19.31 16.17 22.37
C ALA A 794 -19.21 14.67 22.60
N ILE A 795 -19.51 14.20 23.82
CA ILE A 795 -19.47 12.76 24.06
C ILE A 795 -20.54 12.05 23.24
N LYS A 796 -21.71 12.66 23.10
CA LYS A 796 -22.77 12.05 22.30
C LYS A 796 -22.36 11.94 20.84
N GLN A 797 -21.67 12.96 20.32
CA GLN A 797 -21.21 12.91 18.94
C GLN A 797 -20.20 11.77 18.74
N VAL A 799 -19.99 8.93 20.52
CA VAL A 799 -20.70 7.66 20.57
C VAL A 799 -21.49 7.43 19.29
N GLU A 800 -22.11 8.50 18.77
CA GLU A 800 -22.97 8.36 17.59
C GLU A 800 -22.15 8.03 16.35
N LYS A 801 -20.99 8.69 16.18
CA LYS A 801 -20.13 8.37 15.04
C LYS A 801 -19.70 6.91 15.07
N LYS A 802 -19.33 6.40 16.25
CA LYS A 802 -18.97 5.00 16.35
C LYS A 802 -20.18 4.09 16.22
N ALA A 803 -21.34 4.52 16.70
CA ALA A 803 -22.53 3.67 16.62
C ALA A 803 -23.02 3.54 15.19
N VAL A 804 -22.96 4.63 14.41
CA VAL A 804 -23.46 4.58 13.05
C VAL A 804 -22.45 3.90 12.12
N LEU A 805 -21.16 4.19 12.32
CA LEU A 805 -20.14 3.58 11.46
C LEU A 805 -20.04 2.08 11.71
N GLU A 806 -19.92 1.67 12.97
CA GLU A 806 -19.74 0.26 13.27
C GLU A 806 -21.03 -0.55 13.16
N GLY A 807 -22.19 0.06 13.31
CA GLY A 807 -23.43 -0.69 13.35
C GLY A 807 -24.33 -0.52 12.14
N GLN A 808 -24.00 0.44 11.27
CA GLN A 808 -24.84 0.71 10.11
C GLN A 808 -24.02 0.80 8.82
N ILE A 809 -23.10 1.76 8.76
CA ILE A 809 -22.47 2.10 7.49
C ILE A 809 -21.46 1.05 7.08
N LEU A 810 -20.56 0.67 7.99
CA LEU A 810 -19.53 -0.29 7.63
C LEU A 810 -20.12 -1.68 7.37
N PRO A 811 -21.05 -2.19 8.20
CA PRO A 811 -21.69 -3.47 7.84
C PRO A 811 -22.46 -3.41 6.54
N ALA A 812 -23.10 -2.27 6.24
CA ALA A 812 -23.79 -2.15 4.95
C ALA A 812 -22.81 -2.23 3.78
N LEU A 813 -21.67 -1.55 3.89
CA LEU A 813 -20.68 -1.58 2.83
C LEU A 813 -20.09 -2.98 2.69
N ALA A 814 -19.89 -3.68 3.81
CA ALA A 814 -19.41 -5.05 3.76
C ALA A 814 -20.44 -5.98 3.15
N GLN A 815 -21.71 -5.81 3.51
CA GLN A 815 -22.76 -6.63 2.91
C GLN A 815 -22.91 -6.34 1.42
N CYS A 816 -22.79 -5.06 1.03
CA CYS A 816 -22.87 -4.67 -0.37
C CYS A 816 -21.77 -5.33 -1.17
N GLN A 817 -20.56 -5.32 -0.65
CA GLN A 817 -19.41 -5.87 -1.36
C GLN A 817 -19.51 -7.38 -1.46
N ASN A 818 -19.97 -8.04 -0.40
CA ASN A 818 -20.18 -9.49 -0.48
C ASN A 818 -21.23 -9.83 -1.52
N ALA A 819 -22.21 -8.94 -1.72
CA ALA A 819 -23.20 -9.15 -2.78
C ALA A 819 -22.60 -8.89 -4.15
N LEU A 820 -21.72 -7.90 -4.26
CA LEU A 820 -20.99 -7.69 -5.51
C LEU A 820 -20.01 -8.82 -5.76
N GLU A 821 -19.50 -9.46 -4.70
CA GLU A 821 -18.57 -10.58 -4.85
C GLU A 821 -19.27 -11.84 -5.31
N LYS A 822 -20.58 -11.93 -5.06
CA LYS A 822 -21.43 -12.95 -5.65
C LYS A 822 -22.17 -12.43 -6.87
N GLN A 823 -21.81 -11.22 -7.32
CA GLN A 823 -22.36 -10.60 -8.53
C GLN A 823 -23.88 -10.56 -8.53
N ASN A 824 -24.48 -10.59 -7.34
CA ASN A 824 -25.87 -10.23 -7.10
C ASN A 824 -25.87 -8.72 -6.87
N ILE A 825 -26.05 -7.97 -7.96
CA ILE A 825 -25.98 -6.52 -7.85
C ILE A 825 -27.24 -5.96 -7.20
N ALA A 826 -28.38 -6.63 -7.36
CA ALA A 826 -29.60 -6.17 -6.72
C ALA A 826 -29.45 -6.21 -5.21
N GLY A 827 -28.82 -7.27 -4.68
CA GLY A 827 -28.52 -7.32 -3.27
C GLY A 827 -27.46 -6.31 -2.85
N ALA A 828 -26.57 -5.95 -3.77
CA ALA A 828 -25.59 -4.91 -3.46
C ALA A 828 -26.27 -3.60 -3.12
N LEU A 829 -27.17 -3.14 -3.99
CA LEU A 829 -27.90 -1.90 -3.72
C LEU A 829 -28.87 -2.07 -2.56
N GLN A 830 -29.43 -3.28 -2.41
CA GLN A 830 -30.23 -3.57 -1.23
C GLN A 830 -29.45 -3.26 0.04
N ALA A 831 -28.21 -3.74 0.12
CA ALA A 831 -27.40 -3.57 1.33
C ALA A 831 -27.25 -2.10 1.71
N LEU A 832 -27.16 -1.21 0.71
CA LEU A 832 -27.07 0.22 1.01
C LEU A 832 -28.43 0.79 1.36
N ARG A 833 -29.43 0.53 0.52
CA ARG A 833 -30.75 1.13 0.71
C ARG A 833 -31.51 0.53 1.88
N ASN A 834 -31.19 -0.66 2.28
CA ASN A 834 -31.95 -1.29 3.32
C ASN A 834 -31.39 -1.25 4.70
N ILE A 835 -30.53 -0.33 4.96
CA ILE A 835 -29.94 -0.10 6.28
C ILE A 835 -30.99 0.13 7.35
N PRO A 836 -31.03 -0.69 8.40
CA PRO A 836 -32.01 -0.49 9.47
C PRO A 836 -31.50 0.44 10.56
N SER A 837 -32.42 1.27 11.08
CA SER A 837 -32.06 2.17 12.16
C SER A 837 -31.77 1.39 13.43
N LEU A 838 -30.96 2.00 14.30
CA LEU A 838 -30.57 1.36 15.54
C LEU A 838 -31.76 1.15 16.46
N MET B 4 26.63 34.40 -66.95
CA MET B 4 26.06 33.06 -66.78
C MET B 4 24.56 33.06 -67.06
N GLN B 5 24.11 32.12 -67.88
CA GLN B 5 22.70 31.95 -68.18
C GLN B 5 22.26 30.53 -67.85
N ILE B 6 21.06 30.41 -67.27
CA ILE B 6 20.48 29.13 -66.89
C ILE B 6 19.04 29.10 -67.38
N PHE B 7 18.47 27.90 -67.42
CA PHE B 7 17.12 27.67 -67.93
C PHE B 7 16.29 27.02 -66.85
N VAL B 8 15.10 27.56 -66.59
CA VAL B 8 14.19 26.92 -65.67
C VAL B 8 13.02 26.42 -66.52
N LYS B 9 12.83 25.10 -66.51
CA LYS B 9 11.81 24.44 -67.31
C LYS B 9 10.63 24.11 -66.42
N THR B 10 9.44 24.21 -66.97
CA THR B 10 8.20 24.16 -66.22
C THR B 10 7.37 22.98 -66.68
N LEU B 11 6.29 22.72 -65.94
CA LEU B 11 5.39 21.64 -66.31
C LEU B 11 4.46 22.03 -67.44
N THR B 12 4.10 23.32 -67.55
CA THR B 12 3.21 23.75 -68.62
C THR B 12 3.88 23.68 -69.99
N GLY B 13 5.21 23.65 -70.04
CA GLY B 13 5.96 23.56 -71.28
C GLY B 13 6.87 24.74 -71.56
N LYS B 14 6.70 25.85 -70.85
CA LYS B 14 7.58 27.00 -71.04
C LYS B 14 9.01 26.65 -70.64
N THR B 15 9.96 27.29 -71.32
CA THR B 15 11.38 27.24 -70.95
C THR B 15 11.80 28.68 -70.68
N ILE B 16 12.09 28.99 -69.41
CA ILE B 16 12.45 30.34 -69.01
C ILE B 16 13.98 30.45 -69.01
N THR B 17 14.49 31.43 -69.73
CA THR B 17 15.92 31.71 -69.77
C THR B 17 16.22 32.89 -68.86
N LEU B 18 17.22 32.73 -67.99
CA LEU B 18 17.56 33.75 -67.00
C LEU B 18 19.05 34.07 -67.08
N GLU B 19 19.38 35.35 -67.02
CA GLU B 19 20.75 35.77 -66.81
C GLU B 19 20.96 35.93 -65.30
N VAL B 20 21.90 35.18 -64.75
CA VAL B 20 22.13 35.11 -63.32
C VAL B 20 23.63 35.12 -63.07
N GLU B 21 23.99 35.46 -61.86
CA GLU B 21 25.38 35.30 -61.42
C GLU B 21 25.48 34.10 -60.48
N PRO B 22 26.65 33.49 -60.37
CA PRO B 22 26.79 32.35 -59.44
C PRO B 22 26.52 32.71 -58.00
N SER B 23 26.72 33.97 -57.61
CA SER B 23 26.45 34.40 -56.24
C SER B 23 24.99 34.78 -56.03
N ASP B 24 24.14 34.68 -57.05
CA ASP B 24 22.72 34.96 -56.89
C ASP B 24 22.11 34.00 -55.89
N THR B 25 21.17 34.50 -55.10
CA THR B 25 20.45 33.69 -54.15
C THR B 25 19.30 32.97 -54.85
N ILE B 26 18.68 32.02 -54.14
CA ILE B 26 17.49 31.39 -54.71
C ILE B 26 16.30 32.34 -54.62
N GLU B 27 16.26 33.19 -53.59
CA GLU B 27 15.21 34.21 -53.46
C GLU B 27 15.12 35.08 -54.70
N ASN B 28 16.27 35.52 -55.21
CA ASN B 28 16.33 36.45 -56.33
C ASN B 28 16.40 35.76 -57.69
N VAL B 29 16.63 34.45 -57.73
CA VAL B 29 16.29 33.70 -58.93
C VAL B 29 14.78 33.58 -59.05
N LYS B 30 14.09 33.36 -57.92
CA LYS B 30 12.63 33.41 -57.92
C LYS B 30 12.11 34.80 -58.23
N ALA B 31 12.81 35.85 -57.79
CA ALA B 31 12.39 37.21 -58.09
C ALA B 31 12.49 37.49 -59.58
N LYS B 32 13.55 37.01 -60.23
CA LYS B 32 13.71 37.23 -61.67
C LYS B 32 12.77 36.35 -62.48
N ILE B 33 12.47 35.14 -61.98
CA ILE B 33 11.41 34.33 -62.59
C ILE B 33 10.09 35.07 -62.52
N GLN B 34 9.83 35.76 -61.40
CA GLN B 34 8.58 36.50 -61.26
C GLN B 34 8.52 37.66 -62.24
N ASP B 35 9.60 38.43 -62.35
CA ASP B 35 9.58 39.56 -63.27
C ASP B 35 9.30 39.09 -64.70
N LYS B 36 9.82 37.92 -65.08
CA LYS B 36 9.62 37.45 -66.45
C LYS B 36 8.19 36.95 -66.65
N GLU B 37 7.74 35.99 -65.83
CA GLU B 37 6.48 35.28 -66.07
C GLU B 37 5.40 35.58 -65.06
N GLY B 38 5.67 36.41 -64.05
CA GLY B 38 4.61 36.86 -63.17
C GLY B 38 4.10 35.82 -62.20
N ILE B 39 4.86 34.77 -61.95
CA ILE B 39 4.53 33.79 -60.90
C ILE B 39 5.11 34.30 -59.60
N PRO B 40 4.30 34.52 -58.57
CA PRO B 40 4.82 35.03 -57.29
C PRO B 40 5.78 34.03 -56.65
N PRO B 41 6.86 34.52 -56.03
CA PRO B 41 7.88 33.59 -55.48
C PRO B 41 7.38 32.66 -54.40
N ASP B 42 6.30 33.01 -53.69
CA ASP B 42 5.79 32.13 -52.63
C ASP B 42 5.20 30.84 -53.19
N GLN B 43 4.79 30.82 -54.46
CA GLN B 43 4.27 29.63 -55.10
C GLN B 43 5.34 28.82 -55.81
N GLN B 44 6.59 29.27 -55.80
CA GLN B 44 7.65 28.67 -56.60
C GLN B 44 8.41 27.63 -55.78
N ALA B 45 8.45 26.41 -56.29
CA ALA B 45 9.36 25.36 -55.83
C ALA B 45 10.33 25.09 -56.98
N LEU B 46 11.60 25.43 -56.75
CA LEU B 46 12.64 25.23 -57.76
C LEU B 46 13.46 24.01 -57.41
N ILE B 47 13.68 23.13 -58.40
CA ILE B 47 14.35 21.86 -58.21
C ILE B 47 15.55 21.80 -59.15
N PHE B 48 16.67 21.29 -58.65
CA PHE B 48 17.86 21.07 -59.47
C PHE B 48 18.35 19.66 -59.20
N ALA B 49 18.36 18.84 -60.25
CA ALA B 49 18.80 17.46 -60.15
C ALA B 49 18.10 16.73 -59.00
N GLY B 50 16.78 16.89 -58.93
CA GLY B 50 15.97 16.21 -57.95
C GLY B 50 15.94 16.83 -56.57
N LYS B 51 16.69 17.90 -56.33
CA LYS B 51 16.75 18.54 -55.02
C LYS B 51 16.05 19.89 -55.06
N GLN B 52 15.16 20.12 -54.09
CA GLN B 52 14.53 21.43 -53.99
C GLN B 52 15.54 22.47 -53.52
N LEU B 53 15.50 23.65 -54.12
CA LEU B 53 16.42 24.73 -53.80
C LEU B 53 15.85 25.59 -52.69
N GLU B 54 16.70 26.00 -51.75
CA GLU B 54 16.26 26.74 -50.57
C GLU B 54 16.59 28.22 -50.72
N ASP B 55 15.65 29.06 -50.32
CA ASP B 55 15.90 30.49 -50.27
C ASP B 55 17.08 30.80 -49.36
N GLY B 56 17.88 31.78 -49.75
CA GLY B 56 18.99 32.19 -48.93
C GLY B 56 20.33 31.62 -49.37
N ARG B 57 20.35 30.38 -49.84
CA ARG B 57 21.57 29.82 -50.40
C ARG B 57 21.73 30.29 -51.85
N THR B 58 22.98 30.22 -52.33
CA THR B 58 23.31 30.77 -53.64
C THR B 58 23.21 29.70 -54.74
N LEU B 59 23.24 30.17 -55.98
CA LEU B 59 23.31 29.24 -57.12
C LEU B 59 24.61 28.44 -57.09
N SER B 60 25.72 29.10 -56.78
CA SER B 60 27.00 28.41 -56.67
C SER B 60 27.04 27.47 -55.47
N ASP B 61 26.21 27.72 -54.45
CA ASP B 61 26.12 26.78 -53.33
C ASP B 61 25.62 25.41 -53.81
N TYR B 62 24.66 25.40 -54.73
CA TYR B 62 24.15 24.17 -55.31
C TYR B 62 24.93 23.76 -56.56
N ASN B 63 26.02 24.41 -56.90
CA ASN B 63 26.79 24.07 -58.08
C ASN B 63 26.02 24.12 -59.35
N ILE B 64 25.17 25.10 -59.45
CA ILE B 64 24.48 25.36 -60.66
C ILE B 64 25.38 26.21 -61.49
N GLN B 65 25.78 25.71 -62.64
CA GLN B 65 26.75 26.40 -63.45
C GLN B 65 26.19 26.81 -64.76
N LYS B 66 27.04 27.17 -65.69
CA LYS B 66 26.58 27.71 -66.97
C LYS B 66 25.66 26.71 -67.67
N GLU B 67 24.53 27.23 -68.19
CA GLU B 67 23.59 26.45 -68.98
C GLU B 67 23.01 25.28 -68.20
N SER B 68 22.90 25.40 -66.88
CA SER B 68 22.19 24.41 -66.09
C SER B 68 20.69 24.57 -66.29
N THR B 69 19.95 23.48 -66.10
CA THR B 69 18.50 23.49 -66.19
C THR B 69 17.91 23.28 -64.81
N LEU B 70 17.07 24.22 -64.38
CA LEU B 70 16.30 24.09 -63.15
C LEU B 70 14.88 23.68 -63.47
N HIS B 71 14.15 23.24 -62.45
CA HIS B 71 12.77 22.82 -62.62
C HIS B 71 11.87 23.58 -61.66
N LEU B 72 10.72 24.02 -62.17
CA LEU B 72 9.79 24.86 -61.42
C LEU B 72 8.42 24.20 -61.40
N VAL B 73 7.88 23.99 -60.19
CA VAL B 73 6.53 23.50 -60.00
C VAL B 73 5.79 24.45 -59.08
N LEU B 74 4.52 24.72 -59.40
CA LEU B 74 3.69 25.50 -58.50
C LEU B 74 3.32 24.66 -57.28
N ARG B 75 3.53 25.22 -56.10
CA ARG B 75 3.17 24.56 -54.85
C ARG B 75 2.57 25.58 -53.91
N LEU B 76 1.32 25.34 -53.52
CA LEU B 76 0.58 26.24 -52.64
C LEU B 76 -0.21 25.42 -51.65
N ARG B 77 -0.51 26.04 -50.51
CA ARG B 77 -1.41 25.44 -49.55
C ARG B 77 -2.79 25.25 -50.19
N GLY B 78 -3.51 24.24 -49.72
CA GLY B 78 -4.87 24.02 -50.18
C GLY B 78 -5.82 25.09 -49.66
N GLY B 79 -7.03 25.05 -50.17
CA GLY B 79 -8.06 26.00 -49.77
C GLY B 79 -7.95 27.35 -50.46
N MET C 4 29.70 -37.99 58.40
CA MET C 4 29.22 -36.61 58.50
C MET C 4 27.83 -36.54 59.12
N GLN C 5 27.59 -35.52 59.93
CA GLN C 5 26.28 -35.31 60.51
C GLN C 5 25.94 -33.83 60.45
N ILE C 6 24.67 -33.54 60.15
CA ILE C 6 24.14 -32.20 60.14
C ILE C 6 22.87 -32.20 60.97
N PHE C 7 22.44 -31.00 61.37
CA PHE C 7 21.20 -30.79 62.10
C PHE C 7 20.39 -29.72 61.40
N VAL C 8 19.11 -30.00 61.16
CA VAL C 8 18.19 -29.04 60.56
C VAL C 8 17.25 -28.54 61.66
N LYS C 9 17.15 -27.21 61.80
CA LYS C 9 16.40 -26.57 62.86
C LYS C 9 15.06 -26.12 62.30
N THR C 10 14.06 -26.06 63.18
CA THR C 10 12.71 -25.73 62.75
C THR C 10 12.21 -24.49 63.48
N LEU C 11 11.08 -23.97 63.02
CA LEU C 11 10.47 -22.82 63.68
C LEU C 11 9.78 -23.21 64.97
N THR C 12 9.34 -24.47 65.08
CA THR C 12 8.68 -24.94 66.30
C THR C 12 9.66 -25.26 67.42
N GLY C 13 10.96 -25.10 67.19
CA GLY C 13 11.97 -25.18 68.23
C GLY C 13 12.86 -26.41 68.18
N LYS C 14 12.34 -27.52 67.64
CA LYS C 14 13.08 -28.77 67.68
C LYS C 14 14.30 -28.74 66.77
N THR C 15 15.35 -29.45 67.20
CA THR C 15 16.60 -29.55 66.45
C THR C 15 16.80 -31.02 66.08
N ILE C 16 16.77 -31.30 64.79
CA ILE C 16 16.74 -32.67 64.26
C ILE C 16 18.11 -32.99 63.67
N THR C 17 18.75 -34.02 64.22
CA THR C 17 20.07 -34.45 63.75
C THR C 17 19.94 -35.53 62.69
N LEU C 18 20.76 -35.42 61.64
CA LEU C 18 20.74 -36.38 60.54
C LEU C 18 22.16 -36.85 60.25
N GLU C 19 22.32 -38.16 60.10
CA GLU C 19 23.59 -38.73 59.65
C GLU C 19 23.54 -38.84 58.13
N VAL C 20 24.36 -38.03 57.45
CA VAL C 20 24.37 -37.91 56.00
C VAL C 20 25.82 -37.97 55.51
N GLU C 21 26.00 -37.95 54.19
CA GLU C 21 27.35 -37.91 53.61
C GLU C 21 27.28 -37.08 52.33
N PRO C 22 28.32 -36.30 52.02
CA PRO C 22 28.19 -35.27 50.97
C PRO C 22 27.57 -35.68 49.63
N SER C 23 27.78 -36.90 49.15
CA SER C 23 27.23 -37.28 47.84
C SER C 23 25.71 -37.32 47.85
N ASP C 24 25.09 -36.95 48.96
CA ASP C 24 23.67 -37.13 49.18
C ASP C 24 22.92 -35.92 48.65
N THR C 25 21.92 -36.18 47.80
CA THR C 25 21.07 -35.14 47.26
C THR C 25 20.20 -34.61 48.38
N ILE C 26 19.25 -33.77 48.00
CA ILE C 26 18.42 -32.97 48.85
C ILE C 26 17.15 -33.73 49.15
N GLU C 27 16.65 -34.36 48.10
CA GLU C 27 15.56 -35.30 48.26
C GLU C 27 16.03 -36.35 49.26
N ASN C 28 17.34 -36.60 49.21
CA ASN C 28 18.04 -37.51 50.02
C ASN C 28 17.70 -37.12 51.44
N VAL C 29 17.93 -35.85 51.71
CA VAL C 29 17.80 -35.33 53.06
C VAL C 29 16.39 -35.28 53.54
N LYS C 30 15.49 -34.83 52.68
CA LYS C 30 14.16 -34.68 53.17
C LYS C 30 13.70 -36.03 53.58
N ALA C 31 14.03 -37.01 52.74
CA ALA C 31 13.48 -38.32 52.94
C ALA C 31 13.77 -38.71 54.36
N LYS C 32 14.97 -38.42 54.76
CA LYS C 32 15.48 -38.78 56.08
C LYS C 32 14.74 -38.03 57.18
N ILE C 33 14.41 -36.76 56.94
CA ILE C 33 13.64 -36.00 57.94
C ILE C 33 12.23 -36.57 58.06
N GLN C 34 11.72 -37.17 56.98
CA GLN C 34 10.38 -37.75 57.03
C GLN C 34 10.34 -38.99 57.92
N ASP C 35 11.42 -39.76 57.99
CA ASP C 35 11.37 -40.98 58.78
C ASP C 35 11.51 -40.71 60.28
N LYS C 36 12.42 -39.82 60.64
CA LYS C 36 12.54 -39.35 62.00
C LYS C 36 11.42 -38.45 62.46
N GLU C 37 11.02 -37.56 61.59
CA GLU C 37 9.95 -36.67 61.96
C GLU C 37 8.69 -36.90 61.19
N GLY C 38 8.77 -37.64 60.09
CA GLY C 38 7.56 -37.97 59.37
C GLY C 38 6.85 -36.69 59.02
N ILE C 39 7.60 -35.75 58.47
CA ILE C 39 6.99 -34.58 57.87
C ILE C 39 7.19 -34.85 56.40
N PRO C 40 6.10 -34.95 55.65
CA PRO C 40 6.25 -35.45 54.28
C PRO C 40 6.99 -34.51 53.41
N PRO C 41 7.72 -35.05 52.51
CA PRO C 41 8.79 -34.33 51.80
C PRO C 41 8.25 -33.10 51.08
N ASP C 42 7.07 -33.19 50.51
CA ASP C 42 6.59 -32.12 49.65
C ASP C 42 6.00 -30.94 50.43
N GLN C 43 6.02 -31.01 51.77
CA GLN C 43 5.76 -29.85 52.63
C GLN C 43 7.05 -29.21 53.11
N GLN C 44 8.20 -29.82 52.84
CA GLN C 44 9.48 -29.39 53.40
C GLN C 44 10.17 -28.41 52.46
N ALA C 45 10.67 -27.31 53.03
CA ALA C 45 11.54 -26.38 52.33
C ALA C 45 12.78 -26.17 53.18
N LEU C 46 13.94 -26.52 52.63
CA LEU C 46 15.20 -26.49 53.37
C LEU C 46 16.01 -25.25 53.00
N ILE C 47 16.49 -24.55 54.02
CA ILE C 47 17.23 -23.30 53.85
C ILE C 47 18.59 -23.47 54.51
N PHE C 48 19.64 -23.08 53.79
CA PHE C 48 21.01 -23.08 54.30
C PHE C 48 21.66 -21.75 53.95
N ALA C 49 22.05 -21.00 54.98
CA ALA C 49 22.65 -19.67 54.81
C ALA C 49 21.73 -18.75 54.01
N GLY C 50 20.42 -18.90 54.20
CA GLY C 50 19.46 -18.03 53.55
C GLY C 50 19.08 -18.41 52.15
N LYS C 51 19.55 -19.55 51.63
CA LYS C 51 19.28 -19.97 50.26
C LYS C 51 18.48 -21.26 50.26
N GLN C 52 17.38 -21.28 49.51
CA GLN C 52 16.58 -22.49 49.38
C GLN C 52 17.35 -23.57 48.62
N LEU C 53 17.24 -24.81 49.09
CA LEU C 53 17.92 -25.95 48.50
C LEU C 53 16.93 -26.77 47.68
N GLU C 54 17.32 -27.11 46.44
CA GLU C 54 16.44 -27.68 45.43
C GLU C 54 16.64 -29.17 45.19
N ASP C 55 15.56 -29.84 44.83
CA ASP C 55 15.59 -31.26 44.55
C ASP C 55 16.69 -31.60 43.55
N GLY C 56 17.24 -32.82 43.68
CA GLY C 56 18.22 -33.31 42.74
C GLY C 56 19.67 -32.98 43.06
N ARG C 57 19.98 -31.69 43.21
CA ARG C 57 21.34 -31.29 43.54
C ARG C 57 21.72 -31.79 44.93
N THR C 58 23.01 -32.03 45.12
CA THR C 58 23.50 -32.78 46.26
C THR C 58 23.91 -31.88 47.42
N LEU C 59 24.16 -32.51 48.57
CA LEU C 59 24.64 -31.82 49.75
C LEU C 59 26.00 -31.18 49.50
N SER C 60 26.84 -31.83 48.69
CA SER C 60 28.13 -31.22 48.36
C SER C 60 27.97 -29.97 47.50
N ASP C 61 26.94 -29.93 46.64
CA ASP C 61 26.79 -28.82 45.70
C ASP C 61 26.58 -27.49 46.41
N TYR C 62 25.83 -27.49 47.51
CA TYR C 62 25.48 -26.29 48.26
C TYR C 62 26.42 -26.00 49.41
N ASN C 63 27.61 -26.59 49.42
CA ASN C 63 28.69 -26.21 50.32
C ASN C 63 28.46 -26.74 51.69
N ILE C 64 27.35 -27.41 51.88
CA ILE C 64 26.97 -27.85 53.19
C ILE C 64 28.05 -28.77 53.66
N GLN C 65 28.36 -28.74 54.94
CA GLN C 65 29.48 -29.51 55.44
C GLN C 65 29.30 -29.99 56.86
N LYS C 66 30.39 -30.35 57.51
CA LYS C 66 30.32 -30.98 58.79
C LYS C 66 29.69 -30.06 59.79
N GLU C 67 28.77 -30.64 60.57
CA GLU C 67 28.02 -29.94 61.62
C GLU C 67 27.41 -28.62 61.14
N SER C 68 27.05 -28.55 59.86
CA SER C 68 26.37 -27.38 59.35
C SER C 68 24.93 -27.34 59.85
N THR C 69 24.30 -26.17 59.69
CA THR C 69 22.93 -25.96 60.14
C THR C 69 22.04 -25.73 58.94
N LEU C 70 20.96 -26.51 58.85
CA LEU C 70 19.94 -26.29 57.85
C LEU C 70 18.64 -25.87 58.55
N HIS C 71 17.81 -25.12 57.85
CA HIS C 71 16.56 -24.65 58.41
C HIS C 71 15.40 -25.22 57.61
N LEU C 72 14.36 -25.66 58.31
CA LEU C 72 13.20 -26.31 57.70
C LEU C 72 11.96 -25.51 58.00
N VAL C 73 11.23 -25.12 56.95
CA VAL C 73 9.93 -24.50 57.08
C VAL C 73 8.92 -25.38 56.37
N LEU C 74 7.72 -25.46 56.94
CA LEU C 74 6.60 -26.09 56.26
C LEU C 74 6.02 -25.10 55.25
N ARG C 75 5.92 -25.54 53.98
CA ARG C 75 5.42 -24.68 52.91
C ARG C 75 4.32 -25.44 52.18
N LEU C 76 3.08 -24.98 52.33
CA LEU C 76 1.91 -25.60 51.73
C LEU C 76 1.17 -24.61 50.83
N ARG C 77 0.42 -25.16 49.88
CA ARG C 77 -0.56 -24.35 49.17
C ARG C 77 -1.72 -24.01 50.09
N GLY C 78 -2.32 -22.85 49.84
CA GLY C 78 -3.50 -22.45 50.57
C GLY C 78 -4.71 -23.28 50.17
N GLY C 79 -5.82 -23.02 50.87
CA GLY C 79 -7.06 -23.73 50.61
C GLY C 79 -7.03 -25.18 51.05
N VAL D 3 26.67 10.74 66.39
CA VAL D 3 25.50 10.08 66.96
C VAL D 3 25.50 8.60 66.61
N PRO D 4 25.74 7.75 67.61
CA PRO D 4 25.78 6.31 67.36
C PRO D 4 24.40 5.68 67.32
N THR D 5 24.32 4.55 66.61
CA THR D 5 23.05 3.85 66.44
C THR D 5 22.67 3.14 67.73
N TRP D 6 21.48 3.41 68.23
CA TRP D 6 20.96 2.75 69.41
C TRP D 6 20.76 1.26 69.14
N ASN D 7 20.73 0.48 70.23
CA ASN D 7 20.64 -0.98 70.12
C ASN D 7 19.26 -1.52 70.50
N GLY D 8 18.25 -0.67 70.58
CA GLY D 8 16.92 -1.11 70.93
C GLY D 8 16.62 -1.19 72.41
N PHE D 9 17.60 -0.90 73.27
CA PHE D 9 17.38 -0.87 74.71
C PHE D 9 16.23 0.08 75.05
N SER D 10 15.30 -0.39 75.87
CA SER D 10 14.10 0.38 76.18
C SER D 10 13.67 0.09 77.62
N LEU D 11 13.16 1.13 78.28
CA LEU D 11 12.60 0.98 79.61
C LEU D 11 11.55 -0.13 79.65
N TYR D 12 10.80 -0.29 78.57
CA TYR D 12 9.65 -1.17 78.54
C TYR D 12 9.98 -2.60 78.13
N THR D 13 11.25 -2.91 77.86
CA THR D 13 11.65 -4.25 77.47
C THR D 13 12.88 -4.77 78.19
N ASP D 14 13.65 -3.93 78.87
CA ASP D 14 14.81 -4.38 79.62
C ASP D 14 14.36 -5.06 80.92
N GLU D 15 14.88 -6.26 81.17
CA GLU D 15 14.48 -7.01 82.34
C GLU D 15 15.12 -6.47 83.61
N THR D 16 16.39 -6.07 83.53
CA THR D 16 17.12 -5.60 84.71
C THR D 16 16.45 -4.37 85.31
N VAL D 17 16.10 -3.40 84.46
CA VAL D 17 15.50 -2.16 84.96
C VAL D 17 14.14 -2.43 85.58
N ARG D 18 13.39 -3.38 85.01
CA ARG D 18 12.05 -3.67 85.55
C ARG D 18 12.14 -4.33 86.93
N ASN D 19 13.04 -5.30 87.10
CA ASN D 19 13.20 -5.95 88.39
C ASN D 19 13.64 -4.95 89.45
N ALA D 20 14.50 -4.00 89.08
CA ALA D 20 14.86 -2.93 89.99
C ALA D 20 13.63 -2.13 90.41
N ALA D 21 12.67 -1.96 89.49
CA ALA D 21 11.43 -1.28 89.84
C ALA D 21 10.59 -2.14 90.77
N ARG D 22 10.59 -3.46 90.59
CA ARG D 22 9.87 -4.34 91.49
C ARG D 22 10.44 -4.28 92.91
N TYR D 23 11.77 -4.44 93.03
CA TYR D 23 12.39 -4.43 94.36
C TYR D 23 12.11 -3.12 95.08
N ALA D 24 12.11 -2.00 94.34
CA ALA D 24 11.79 -0.73 94.95
C ALA D 24 10.34 -0.69 95.41
N TYR D 25 9.42 -1.19 94.59
CA TYR D 25 8.01 -1.18 95.00
C TYR D 25 7.77 -2.11 96.16
N ASP D 26 8.27 -3.35 96.05
CA ASP D 26 7.92 -4.38 97.03
C ASP D 26 8.48 -4.09 98.41
N ASN D 27 9.63 -3.44 98.47
CA ASN D 27 10.32 -3.11 99.69
C ASN D 27 10.21 -1.72 100.21
N TYR D 28 9.73 -0.76 99.43
CA TYR D 28 9.54 0.58 99.92
C TYR D 28 8.28 1.29 99.47
N LEU D 29 8.17 1.45 98.18
CA LEU D 29 7.19 2.28 97.55
C LEU D 29 5.79 1.82 97.84
N GLY D 30 5.62 0.53 97.94
CA GLY D 30 4.31 -0.05 98.22
C GLY D 30 3.99 -0.22 99.68
N LYS D 31 4.88 0.16 100.57
CA LYS D 31 4.65 0.00 102.00
C LYS D 31 4.16 1.32 102.61
N PRO D 32 3.41 1.25 103.72
CA PRO D 32 2.88 2.49 104.32
C PRO D 32 4.00 3.39 104.82
N TYR D 33 3.73 4.70 104.78
CA TYR D 33 4.65 5.66 105.38
C TYR D 33 4.71 5.48 106.89
N THR D 34 5.91 5.59 107.44
CA THR D 34 6.11 5.52 108.89
C THR D 34 6.14 6.89 109.54
N GLY D 35 6.16 7.96 108.76
CA GLY D 35 6.22 9.31 109.28
C GLY D 35 4.86 9.95 109.42
N THR D 36 4.87 11.27 109.65
CA THR D 36 3.66 12.02 109.94
C THR D 36 2.95 12.52 108.69
N VAL D 37 3.66 13.21 107.80
CA VAL D 37 3.01 13.99 106.74
C VAL D 37 2.52 13.06 105.63
N GLU D 38 1.20 13.09 105.39
CA GLU D 38 0.56 12.30 104.33
C GLU D 38 0.75 10.80 104.56
N ALA D 39 0.82 10.38 105.83
CA ALA D 39 0.90 8.95 106.12
C ALA D 39 -0.38 8.22 105.74
N THR D 40 -1.52 8.90 105.83
CA THR D 40 -2.80 8.22 105.63
C THR D 40 -2.97 7.84 104.16
N PRO D 41 -3.32 6.59 103.85
CA PRO D 41 -3.48 6.19 102.45
C PRO D 41 -4.73 6.80 101.82
N VAL D 42 -4.74 6.81 100.49
CA VAL D 42 -5.90 7.23 99.71
C VAL D 42 -6.31 6.07 98.81
N ASN D 43 -7.61 5.99 98.54
CA ASN D 43 -8.22 4.86 97.87
C ASN D 43 -8.69 5.27 96.48
N PHE D 44 -8.38 4.44 95.48
CA PHE D 44 -8.77 4.68 94.09
C PHE D 44 -9.57 3.47 93.57
N GLY D 45 -10.88 3.64 93.44
CA GLY D 45 -11.72 2.58 92.93
C GLY D 45 -11.67 1.29 93.72
N GLY D 46 -11.45 1.37 95.03
CA GLY D 46 -11.43 0.19 95.88
C GLY D 46 -10.05 -0.35 96.18
N GLN D 47 -9.01 0.14 95.52
CA GLN D 47 -7.65 -0.32 95.73
C GLN D 47 -6.85 0.77 96.44
N VAL D 49 -3.63 2.96 97.77
CA VAL D 49 -2.32 3.49 97.42
C VAL D 49 -1.74 4.15 98.66
N TYR D 50 -0.58 3.66 99.10
CA TYR D 50 0.06 4.15 100.31
C TYR D 50 0.91 5.39 100.06
N ARG D 51 1.55 5.47 98.90
CA ARG D 51 2.38 6.62 98.54
C ARG D 51 1.86 7.14 97.19
N GLN D 52 0.86 8.01 97.26
CA GLN D 52 0.20 8.49 96.05
C GLN D 52 1.07 9.47 95.27
N HIS D 53 1.89 10.26 95.97
CA HIS D 53 2.66 11.30 95.33
C HIS D 53 4.05 10.81 94.92
N HIS D 54 4.79 10.22 95.85
CA HIS D 54 6.13 9.74 95.56
C HIS D 54 6.18 8.22 95.60
N GLY D 55 5.37 7.57 94.78
CA GLY D 55 5.30 6.12 94.75
C GLY D 55 5.75 5.52 93.44
N LEU D 56 5.12 4.41 93.06
CA LEU D 56 5.55 3.66 91.88
C LEU D 56 5.33 4.45 90.60
N ALA D 57 4.12 4.97 90.40
CA ALA D 57 3.80 5.70 89.17
C ALA D 57 4.72 6.90 88.99
N HIS D 58 4.98 7.64 90.07
CA HIS D 58 5.93 8.75 89.98
C HIS D 58 7.32 8.25 89.64
N THR D 59 7.76 7.17 90.30
CA THR D 59 9.12 6.67 90.07
C THR D 59 9.29 6.20 88.63
N LEU D 60 8.34 5.42 88.12
CA LEU D 60 8.46 4.93 86.75
C LEU D 60 8.37 6.07 85.74
N ARG D 61 7.60 7.12 86.03
CA ARG D 61 7.52 8.24 85.10
C ARG D 61 8.85 8.97 85.02
N THR D 62 9.56 9.11 86.15
CA THR D 62 10.86 9.76 86.11
C THR D 62 11.84 8.98 85.24
N ALA D 64 10.88 7.07 82.68
CA ALA D 64 10.41 7.29 81.31
C ALA D 64 10.81 8.67 80.80
N TYR D 65 10.87 9.68 81.67
CA TYR D 65 11.35 10.99 81.27
C TYR D 65 12.81 10.93 80.84
N ALA D 66 13.65 10.24 81.63
CA ALA D 66 15.05 10.13 81.29
C ALA D 66 15.26 9.45 79.95
N GLU D 67 14.39 8.49 79.62
CA GLU D 67 14.50 7.81 78.33
C GLU D 67 14.25 8.79 77.18
N ILE D 68 13.11 9.48 77.21
CA ILE D 68 12.78 10.38 76.11
C ILE D 68 13.72 11.59 76.09
N ILE D 69 14.26 11.99 77.24
CA ILE D 69 15.21 13.09 77.25
C ILE D 69 16.48 12.72 76.48
N VAL D 70 16.94 11.49 76.65
CA VAL D 70 18.06 11.01 75.84
C VAL D 70 17.65 10.88 74.38
N GLU D 71 16.47 10.30 74.13
CA GLU D 71 15.95 10.22 72.76
C GLU D 71 15.93 11.59 72.10
N GLU D 72 15.32 12.57 72.76
CA GLU D 72 15.20 13.89 72.16
C GLU D 72 16.56 14.58 72.05
N ALA D 73 17.49 14.31 72.97
CA ALA D 73 18.82 14.91 72.87
C ALA D 73 19.58 14.35 71.68
N ARG D 74 19.49 13.04 71.45
CA ARG D 74 20.13 12.45 70.27
C ARG D 74 19.56 13.06 68.99
N LYS D 75 18.24 13.28 68.95
CA LYS D 75 17.63 13.92 67.79
C LYS D 75 18.19 15.33 67.59
N ALA D 76 18.16 16.13 68.66
CA ALA D 76 18.65 17.51 68.57
C ALA D 76 20.09 17.55 68.09
N LYS D 77 20.92 16.62 68.57
CA LYS D 77 22.30 16.56 68.09
C LYS D 77 22.34 16.25 66.60
N LEU D 78 21.50 15.32 66.14
CA LEU D 78 21.47 14.99 64.72
C LEU D 78 20.93 16.14 63.87
N ARG D 79 20.03 16.94 64.43
CA ARG D 79 19.55 18.13 63.73
C ARG D 79 20.60 19.23 63.67
N GLY D 80 21.72 19.08 64.37
CA GLY D 80 22.79 20.06 64.35
C GLY D 80 22.81 21.01 65.54
N GLU D 81 21.92 20.84 66.51
CA GLU D 81 21.84 21.76 67.63
C GLU D 81 23.05 21.60 68.55
N SER D 82 23.38 22.66 69.25
CA SER D 82 24.44 22.66 70.24
C SER D 82 23.80 22.44 71.61
N LEU D 83 24.21 21.36 72.28
CA LEU D 83 23.66 21.03 73.58
C LEU D 83 24.70 21.34 74.65
N LYS D 84 24.21 21.51 75.88
CA LYS D 84 25.09 21.85 76.99
C LYS D 84 26.10 20.74 77.22
N THR D 85 27.36 21.12 77.40
CA THR D 85 28.46 20.18 77.59
C THR D 85 28.78 20.02 79.06
N PHE D 86 29.28 18.84 79.42
CA PHE D 86 29.77 18.59 80.75
C PHE D 86 31.26 18.91 80.82
N ALA D 87 31.88 18.60 81.95
CA ALA D 87 33.30 18.90 82.13
C ALA D 87 34.14 18.21 81.07
N ASP D 88 33.85 16.95 80.78
CA ASP D 88 34.63 16.19 79.82
C ASP D 88 34.19 16.42 78.37
N GLY D 89 33.35 17.44 78.13
CA GLY D 89 32.90 17.73 76.80
C GLY D 89 31.74 16.90 76.30
N ARG D 90 31.21 15.99 77.11
CA ARG D 90 30.11 15.15 76.69
C ARG D 90 28.80 15.91 76.77
N THR D 91 27.78 15.33 76.15
CA THR D 91 26.45 15.91 76.05
C THR D 91 25.45 14.84 76.43
N LEU D 92 24.27 15.24 76.91
CA LEU D 92 23.22 14.27 77.19
C LEU D 92 22.97 13.34 76.01
N ALA D 93 23.24 13.80 74.79
CA ALA D 93 23.10 12.95 73.62
C ALA D 93 24.12 11.81 73.62
N ASP D 94 25.21 11.93 74.37
CA ASP D 94 26.26 10.93 74.40
C ASP D 94 25.97 9.78 75.36
N VAL D 95 24.82 9.79 76.05
CA VAL D 95 24.50 8.73 76.99
C VAL D 95 24.28 7.42 76.24
N THR D 96 24.98 6.38 76.66
CA THR D 96 24.90 5.07 76.03
C THR D 96 23.79 4.23 76.66
N PRO D 97 23.35 3.17 75.97
CA PRO D 97 22.32 2.30 76.56
C PRO D 97 22.72 1.74 77.92
N GLU D 98 23.95 1.25 78.06
CA GLU D 98 24.40 0.72 79.34
C GLU D 98 24.42 1.80 80.40
N GLU D 99 24.85 3.01 80.03
CA GLU D 99 24.83 4.14 80.96
C GLU D 99 23.42 4.42 81.45
N LEU D 100 22.47 4.53 80.52
CA LEU D 100 21.10 4.85 80.87
C LEU D 100 20.44 3.76 81.71
N ARG D 101 20.79 2.49 81.47
CA ARG D 101 20.26 1.42 82.31
C ARG D 101 20.70 1.59 83.76
N LYS D 102 21.95 2.01 83.95
CA LYS D 102 22.40 2.33 85.31
C LYS D 102 21.69 3.57 85.84
N ILE D 103 21.39 4.53 84.97
CA ILE D 103 20.69 5.75 85.42
C ILE D 103 19.32 5.39 85.97
N ILE D 105 18.01 2.55 86.95
CA ILE D 105 18.04 1.71 88.15
C ILE D 105 18.19 2.58 89.39
N ALA D 106 19.06 3.58 89.33
CA ALA D 106 19.19 4.53 90.44
C ALA D 106 17.92 5.36 90.62
N GLN D 107 17.25 5.68 89.51
CA GLN D 107 15.99 6.40 89.60
C GLN D 107 14.91 5.58 90.30
N ALA D 108 14.96 4.25 90.17
CA ALA D 108 13.99 3.41 90.85
C ALA D 108 14.05 3.57 92.36
N PHE D 109 15.21 3.94 92.89
CA PHE D 109 15.41 4.06 94.32
C PHE D 109 15.54 5.50 94.80
N PHE D 110 15.37 6.49 93.91
CA PHE D 110 15.66 7.87 94.29
C PHE D 110 14.75 8.37 95.40
N VAL D 111 13.55 7.81 95.53
CA VAL D 111 12.56 8.29 96.48
C VAL D 111 12.11 7.20 97.46
N THR D 112 12.69 6.00 97.37
CA THR D 112 12.29 4.92 98.26
C THR D 112 12.62 5.21 99.71
N GLY D 113 13.66 6.02 99.96
CA GLY D 113 14.08 6.36 101.29
C GLY D 113 13.19 7.31 102.03
N ARG D 114 12.04 7.66 101.48
CA ARG D 114 11.12 8.59 102.13
C ARG D 114 10.36 7.90 103.25
N ASP D 115 10.34 8.51 104.42
CA ASP D 115 9.50 8.06 105.51
C ASP D 115 8.13 8.72 105.52
N ASP D 116 7.96 9.79 104.78
CA ASP D 116 6.70 10.51 104.67
C ASP D 116 6.84 11.53 103.55
N GLU D 117 5.85 12.41 103.39
CA GLU D 117 5.86 13.40 102.33
C GLU D 117 6.46 14.73 102.76
N GLU D 118 7.22 14.78 103.84
CA GLU D 118 7.81 16.02 104.24
C GLU D 118 8.86 16.41 103.26
N SER D 119 8.74 17.60 102.76
CA SER D 119 9.70 18.16 101.81
C SER D 119 10.39 19.40 102.36
N SER D 120 10.33 19.57 103.65
CA SER D 120 10.88 20.73 104.24
C SER D 120 12.09 20.41 105.10
N LYS D 121 12.41 19.14 105.23
CA LYS D 121 13.55 18.76 106.03
C LYS D 121 13.85 17.31 105.90
N ASN D 122 14.96 16.92 106.44
CA ASN D 122 15.33 15.52 106.47
C ASN D 122 15.41 14.98 105.04
N TYR D 123 15.66 15.90 104.13
CA TYR D 123 16.02 15.54 102.77
C TYR D 123 17.30 14.75 102.92
N GLU D 124 18.17 15.16 103.84
CA GLU D 124 19.38 14.44 104.03
C GLU D 124 19.16 13.04 104.47
N LYS D 125 18.25 12.85 105.39
CA LYS D 125 17.96 11.55 105.90
C LYS D 125 17.27 10.64 104.92
N TYR D 126 16.33 11.19 104.22
CA TYR D 126 15.54 10.39 103.29
C TYR D 126 16.37 9.95 102.09
N HIS D 127 17.23 10.84 101.59
CA HIS D 127 18.12 10.44 100.50
C HIS D 127 19.18 9.45 100.99
N GLU D 128 19.53 9.51 102.28
CA GLU D 128 20.42 8.50 102.84
C GLU D 128 19.74 7.13 102.86
N GLN D 129 18.45 7.09 103.21
CA GLN D 129 17.73 5.82 103.18
C GLN D 129 17.55 5.34 101.75
N SER D 130 17.33 6.26 100.82
CA SER D 130 17.26 5.89 99.41
C SER D 130 18.55 5.21 98.97
N ARG D 131 19.69 5.82 99.29
CA ARG D 131 20.98 5.22 98.93
C ARG D 131 21.15 3.86 99.58
N ASP D 132 20.85 3.78 100.87
CA ASP D 132 20.93 2.50 101.57
C ASP D 132 20.05 1.45 100.89
N ALA D 133 18.83 1.84 100.49
CA ALA D 133 17.96 0.91 99.77
C ALA D 133 18.61 0.45 98.48
N PHE D 134 19.21 1.38 97.73
CA PHE D 134 19.81 1.04 96.44
C PHE D 134 21.00 0.10 96.62
N LEU D 135 21.86 0.41 97.60
CA LEU D 135 23.02 -0.45 97.85
C LEU D 135 22.59 -1.83 98.34
N LYS D 136 21.52 -1.89 99.14
CA LYS D 136 21.01 -3.16 99.61
C LYS D 136 20.53 -4.02 98.43
N TYR D 137 19.83 -3.41 97.48
CA TYR D 137 19.43 -4.13 96.28
C TYR D 137 20.64 -4.58 95.48
N VAL D 138 21.64 -3.71 95.33
CA VAL D 138 22.82 -4.04 94.53
C VAL D 138 23.57 -5.20 95.16
N GLU D 139 23.78 -5.16 96.48
CA GLU D 139 24.51 -6.23 97.15
C GLU D 139 23.76 -7.55 97.05
N GLU D 140 22.44 -7.52 97.18
CA GLU D 140 21.66 -8.75 97.15
C GLU D 140 21.72 -9.42 95.78
N ASN D 141 21.73 -8.62 94.72
CA ASN D 141 21.80 -9.13 93.35
C ASN D 141 23.19 -8.88 92.76
N LYS D 142 24.19 -9.03 93.58
CA LYS D 142 25.50 -8.69 93.18
C LYS D 142 25.85 -9.55 92.01
N SER D 143 25.41 -10.79 92.06
CA SER D 143 25.88 -11.72 91.09
C SER D 143 25.49 -11.34 89.71
N THR D 144 24.23 -11.00 89.50
CA THR D 144 23.78 -10.51 88.22
C THR D 144 24.24 -9.13 87.79
N LEU D 145 24.25 -8.19 88.74
CA LEU D 145 24.58 -6.80 88.47
C LEU D 145 26.01 -6.60 87.97
N ILE D 146 26.94 -7.33 88.57
CA ILE D 146 28.35 -7.22 88.21
C ILE D 146 28.82 -8.50 87.52
N PRO D 147 29.52 -8.36 86.40
CA PRO D 147 29.86 -7.03 85.87
C PRO D 147 28.87 -6.49 84.84
N ASP D 148 27.80 -7.25 84.57
CA ASP D 148 26.89 -6.96 83.47
C ASP D 148 26.29 -5.55 83.49
N VAL D 149 25.90 -5.05 84.66
CA VAL D 149 25.30 -3.76 84.72
C VAL D 149 26.26 -2.74 85.22
N PHE D 150 26.94 -3.03 86.30
CA PHE D 150 27.86 -2.08 86.87
C PHE D 150 29.20 -2.72 86.68
N LYS D 151 30.18 -1.94 86.29
CA LYS D 151 31.53 -2.42 86.07
C LYS D 151 32.14 -2.93 87.35
N ASP D 152 31.89 -2.26 88.45
CA ASP D 152 32.42 -2.71 89.74
C ASP D 152 31.65 -2.02 90.85
N GLU D 153 32.16 -2.13 92.09
CA GLU D 153 31.52 -1.42 93.20
C GLU D 153 31.83 0.08 93.15
N LYS D 154 32.95 0.47 92.54
CA LYS D 154 33.24 1.88 92.35
C LYS D 154 32.20 2.52 91.44
N ASP D 155 31.78 1.80 90.40
CA ASP D 155 30.65 2.25 89.58
C ASP D 155 29.37 2.34 90.42
N VAL D 156 29.18 1.39 91.33
CA VAL D 156 27.98 1.37 92.16
C VAL D 156 27.94 2.58 93.09
N LYS D 157 29.09 2.98 93.62
CA LYS D 157 29.12 4.12 94.53
C LYS D 157 28.77 5.42 93.84
N PHE D 158 29.15 5.57 92.56
CA PHE D 158 28.82 6.79 91.84
C PHE D 158 27.32 7.00 91.77
N TYR D 159 26.57 5.94 91.44
CA TYR D 159 25.13 6.05 91.38
C TYR D 159 24.52 6.09 92.78
N ALA D 160 25.15 5.43 93.75
CA ALA D 160 24.74 5.64 95.14
C ALA D 160 25.00 7.07 95.57
N ASP D 161 26.06 7.68 95.06
CA ASP D 161 26.36 9.07 95.38
C ASP D 161 25.32 10.02 94.78
N VAL D 162 24.91 9.76 93.54
CA VAL D 162 23.89 10.60 92.91
C VAL D 162 22.58 10.52 93.68
N ILE D 163 22.24 9.31 94.16
CA ILE D 163 21.02 9.15 94.95
C ILE D 163 21.13 9.91 96.26
N GLU D 164 22.27 9.82 96.93
CA GLU D 164 22.42 10.47 98.24
C GLU D 164 22.36 11.99 98.09
N ASP D 165 23.07 12.54 97.11
CA ASP D 165 23.05 13.97 96.80
C ASP D 165 23.50 14.79 98.02
N LYS D 166 24.78 14.60 98.35
CA LYS D 166 25.35 15.28 99.52
C LYS D 166 25.47 16.79 99.28
N ASP D 167 25.77 17.19 98.05
CA ASP D 167 26.22 18.55 97.79
C ASP D 167 25.43 19.25 96.69
N HIS D 168 24.42 18.58 96.17
CA HIS D 168 23.63 19.11 95.10
C HIS D 168 24.45 19.52 93.91
N LYS D 169 25.32 18.65 93.46
CA LYS D 169 26.04 18.89 92.23
C LYS D 169 25.20 18.43 91.05
N TRP D 170 24.15 19.16 90.76
CA TRP D 170 23.13 18.70 89.85
C TRP D 170 23.54 18.74 88.41
N ALA D 171 24.62 19.40 88.07
CA ALA D 171 25.09 19.44 86.71
C ALA D 171 26.37 18.72 86.42
N ASP D 172 26.78 17.88 87.31
CA ASP D 172 28.06 17.23 87.21
C ASP D 172 28.27 16.26 86.09
N SER D 173 27.29 15.44 85.84
CA SER D 173 27.37 14.36 84.88
C SER D 173 26.00 14.13 84.30
N PRO D 174 25.89 13.34 83.22
CA PRO D 174 24.55 12.92 82.76
C PRO D 174 23.74 12.22 83.84
N ALA D 175 24.39 11.52 84.77
CA ALA D 175 23.65 10.84 85.82
C ALA D 175 22.94 11.84 86.72
N HIS D 176 23.67 12.86 87.19
CA HIS D 176 23.05 13.85 88.06
C HIS D 176 21.94 14.59 87.33
N VAL D 177 22.17 14.97 86.08
CA VAL D 177 21.19 15.76 85.33
C VAL D 177 19.90 14.95 85.13
N LEU D 178 20.03 13.72 84.64
CA LEU D 178 18.84 12.93 84.29
C LEU D 178 18.03 12.58 85.51
N VAL D 179 18.69 12.26 86.63
CA VAL D 179 17.96 11.92 87.84
C VAL D 179 17.28 13.15 88.42
N ASN D 180 17.96 14.30 88.39
CA ASN D 180 17.36 15.54 88.88
C ASN D 180 16.24 16.00 87.95
N GLN D 181 16.51 16.07 86.65
CA GLN D 181 15.50 16.56 85.70
C GLN D 181 14.30 15.60 85.62
N GLY D 182 14.57 14.29 85.67
CA GLY D 182 13.46 13.35 85.70
C GLY D 182 12.58 13.53 86.92
N HIS D 183 13.20 13.85 88.05
CA HIS D 183 12.42 14.15 89.25
C HIS D 183 11.63 15.44 89.10
N VAL D 185 10.65 17.02 86.19
CA VAL D 185 9.64 16.96 85.15
C VAL D 185 8.31 16.45 85.70
N ASP D 186 8.36 15.58 86.70
CA ASP D 186 7.12 15.07 87.28
C ASP D 186 6.40 16.08 88.14
N LEU D 187 7.05 17.17 88.43
CA LEU D 187 6.44 18.19 89.19
C LEU D 187 5.53 19.09 88.45
N VAL D 188 5.51 19.04 87.12
CA VAL D 188 4.62 19.87 86.38
C VAL D 188 3.30 19.21 86.46
N ARG D 189 2.38 19.86 87.12
CA ARG D 189 1.13 19.24 87.44
C ARG D 189 0.14 20.36 87.44
N VAL D 190 -0.92 20.23 88.18
CA VAL D 190 -1.94 21.26 88.22
C VAL D 190 -1.87 22.30 89.32
N LYS D 191 -0.71 22.47 89.91
CA LYS D 191 -0.53 23.57 90.84
C LYS D 191 -0.66 24.90 90.11
N GLN D 192 -1.38 25.81 90.71
CA GLN D 192 -1.69 27.06 90.03
C GLN D 192 -0.76 28.17 90.48
N PRO D 193 -0.42 29.11 89.58
CA PRO D 193 -0.82 29.10 88.16
C PRO D 193 0.03 28.16 87.33
N PRO D 194 -0.61 27.35 86.49
CA PRO D 194 0.16 26.31 85.75
C PRO D 194 1.21 26.90 84.84
N GLU D 195 0.97 28.10 84.31
CA GLU D 195 1.92 28.71 83.40
C GLU D 195 3.26 28.97 84.08
N SER D 196 3.24 29.38 85.34
CA SER D 196 4.48 29.68 86.04
C SER D 196 5.31 28.41 86.26
N TYR D 197 4.66 27.31 86.64
CA TYR D 197 5.37 26.07 86.89
C TYR D 197 5.98 25.51 85.61
N LEU D 198 5.19 25.47 84.54
CA LEU D 198 5.69 24.90 83.28
C LEU D 198 6.88 25.69 82.76
N GLU D 199 6.83 27.02 82.82
CA GLU D 199 7.94 27.83 82.34
C GLU D 199 9.21 27.56 83.13
N TYR D 200 9.08 27.43 84.45
CA TYR D 200 10.27 27.19 85.28
C TYR D 200 10.93 25.87 84.92
N TYR D 201 10.15 24.78 84.87
CA TYR D 201 10.74 23.47 84.61
C TYR D 201 11.16 23.33 83.15
N PHE D 202 10.42 23.94 82.23
CA PHE D 202 10.89 24.06 80.85
C PHE D 202 12.25 24.75 80.81
N SER D 203 12.40 25.84 81.57
CA SER D 203 13.64 26.59 81.55
C SER D 203 14.79 25.80 82.16
N GLN D 204 14.50 24.89 83.09
CA GLN D 204 15.56 24.08 83.70
C GLN D 204 16.07 23.02 82.75
N LEU D 205 15.19 22.42 81.94
CA LEU D 205 15.62 21.38 81.03
C LEU D 205 16.17 21.94 79.73
N GLN D 206 15.67 23.10 79.30
CA GLN D 206 15.97 23.64 77.97
C GLN D 206 17.45 23.73 77.64
N PRO D 207 18.35 24.20 78.52
CA PRO D 207 19.76 24.28 78.13
C PRO D 207 20.40 22.95 77.78
N TRP D 208 19.94 21.85 78.38
CA TRP D 208 20.61 20.58 78.17
C TRP D 208 20.25 19.94 76.83
N ILE D 209 19.03 20.13 76.34
CA ILE D 209 18.58 19.40 75.16
C ILE D 209 18.03 20.33 74.08
N GLY D 210 17.83 21.60 74.40
CA GLY D 210 17.29 22.55 73.46
C GLY D 210 15.77 22.65 73.50
N SER D 211 15.26 23.68 72.84
CA SER D 211 13.83 24.00 72.93
C SER D 211 12.97 22.97 72.22
N THR D 212 13.34 22.59 70.99
CA THR D 212 12.56 21.57 70.29
C THR D 212 12.47 20.29 71.11
N ALA D 213 13.60 19.87 71.70
CA ALA D 213 13.59 18.66 72.52
C ALA D 213 12.80 18.87 73.80
N THR D 214 12.95 20.04 74.43
CA THR D 214 12.25 20.30 75.68
C THR D 214 10.74 20.37 75.46
N GLU D 215 10.31 20.90 74.31
CA GLU D 215 8.89 20.87 73.98
C GLU D 215 8.39 19.44 73.83
N ALA D 216 9.20 18.58 73.21
CA ALA D 216 8.78 17.20 73.02
C ALA D 216 8.68 16.46 74.35
N VAL D 217 9.60 16.76 75.28
CA VAL D 217 9.59 16.09 76.57
C VAL D 217 8.34 16.45 77.36
N PHE D 218 8.03 17.75 77.44
CA PHE D 218 6.87 18.16 78.23
C PHE D 218 5.56 17.89 77.51
N ALA D 219 5.56 17.83 76.18
CA ALA D 219 4.38 17.35 75.49
C ALA D 219 4.15 15.87 75.79
N THR D 220 5.22 15.07 75.72
CA THR D 220 5.10 13.66 76.05
C THR D 220 4.71 13.46 77.52
N GLN D 221 5.22 14.33 78.40
CA GLN D 221 4.93 14.22 79.82
C GLN D 221 3.43 14.28 80.08
N ARG D 222 2.72 15.13 79.34
CA ARG D 222 1.27 15.19 79.51
C ARG D 222 0.61 13.88 79.09
N GLN D 223 1.13 13.24 78.03
CA GLN D 223 0.58 11.96 77.59
C GLN D 223 0.87 10.86 78.62
N PHE D 224 2.06 10.90 79.22
CA PHE D 224 2.37 9.97 80.31
C PHE D 224 1.48 10.22 81.51
N PHE D 225 1.16 11.49 81.79
CA PHE D 225 0.22 11.81 82.86
C PHE D 225 -1.16 11.24 82.57
N HIS D 226 -1.63 11.39 81.33
CA HIS D 226 -2.91 10.78 80.95
C HIS D 226 -2.86 9.27 81.08
N ALA D 227 -1.74 8.66 80.65
CA ALA D 227 -1.62 7.20 80.68
C ALA D 227 -1.57 6.65 82.10
N THR D 228 -1.14 7.45 83.07
CA THR D 228 -1.08 7.03 84.46
C THR D 228 -2.14 7.68 85.32
N TYR D 229 -3.15 8.28 84.70
CA TYR D 229 -4.36 8.74 85.38
C TYR D 229 -4.07 9.88 86.36
N GLU D 230 -3.21 10.81 85.94
CA GLU D 230 -2.90 12.02 86.67
C GLU D 230 -3.56 13.21 85.97
N ALA D 231 -4.05 14.16 86.75
CA ALA D 231 -4.68 15.34 86.16
C ALA D 231 -3.65 16.15 85.39
N VAL D 232 -4.09 16.74 84.29
CA VAL D 232 -3.22 17.54 83.41
C VAL D 232 -3.79 18.95 83.36
N ALA D 233 -2.94 19.93 83.66
CA ALA D 233 -3.40 21.30 83.73
C ALA D 233 -3.47 21.93 82.34
N GLY D 234 -4.19 23.05 82.26
CA GLY D 234 -4.20 23.85 81.06
C GLY D 234 -3.13 24.92 81.10
N PHE D 235 -3.09 25.73 80.04
CA PHE D 235 -2.12 26.80 79.90
C PHE D 235 -2.82 27.97 79.21
N ASP D 236 -2.74 29.15 79.82
CA ASP D 236 -3.33 30.36 79.29
C ASP D 236 -2.28 31.46 79.32
N SER D 237 -1.84 31.89 78.13
CA SER D 237 -0.75 32.85 78.04
C SER D 237 -1.15 34.24 78.54
N GLU D 238 -2.44 34.56 78.57
CA GLU D 238 -2.91 35.85 79.07
C GLU D 238 -3.69 35.69 80.38
N ASN D 239 -3.42 34.62 81.12
CA ASN D 239 -3.99 34.45 82.45
C ASN D 239 -3.65 35.66 83.31
N LYS D 240 -4.55 36.03 84.22
CA LYS D 240 -4.41 37.28 84.94
C LYS D 240 -3.98 37.10 86.40
N GLU D 241 -3.74 35.87 86.84
CA GLU D 241 -3.17 35.64 88.15
C GLU D 241 -1.82 36.34 88.27
N PRO D 242 -1.40 36.66 89.50
CA PRO D 242 -0.02 37.09 89.69
C PRO D 242 0.95 35.97 89.35
N HIS D 243 2.05 36.34 88.71
CA HIS D 243 3.10 35.38 88.42
C HIS D 243 3.61 34.75 89.72
N LEU D 244 4.09 33.53 89.62
CA LEU D 244 4.69 32.83 90.74
C LEU D 244 6.15 32.53 90.41
N VAL D 245 7.06 33.14 91.18
CA VAL D 245 8.47 32.81 91.09
C VAL D 245 8.66 31.47 91.76
N VAL D 246 8.82 30.42 90.97
CA VAL D 246 8.81 29.07 91.51
C VAL D 246 9.99 28.86 92.45
N ASP D 247 11.19 29.27 92.03
CA ASP D 247 12.36 29.15 92.88
C ASP D 247 12.24 30.17 94.01
N GLY D 248 11.91 29.68 95.20
CA GLY D 248 11.67 30.55 96.34
C GLY D 248 10.23 30.93 96.57
N LEU D 249 9.31 30.48 95.70
CA LEU D 249 7.87 30.70 95.87
C LEU D 249 7.54 32.18 96.06
N GLY D 250 8.29 33.06 95.41
CA GLY D 250 8.11 34.49 95.52
C GLY D 250 7.32 35.08 94.37
N ARG D 251 7.38 36.41 94.28
CA ARG D 251 6.69 37.15 93.23
C ARG D 251 7.55 38.32 92.76
N TYR D 252 7.27 38.89 91.61
CA TYR D 252 8.05 40.02 91.12
C TYR D 252 7.13 41.24 91.02
N VAL D 253 7.68 42.44 90.88
CA VAL D 253 6.85 43.64 91.06
C VAL D 253 6.85 44.72 90.02
N ILE D 254 5.69 45.31 89.86
CA ILE D 254 5.53 46.43 88.97
C ILE D 254 5.32 47.65 89.87
N GLY D 255 6.12 48.70 89.69
CA GLY D 255 6.23 49.81 90.62
C GLY D 255 5.03 50.70 90.44
N GLN D 256 4.85 51.76 91.20
CA GLN D 256 3.84 52.75 90.84
C GLN D 256 4.30 53.25 89.46
N ASP D 257 5.62 53.41 89.35
CA ASP D 257 6.22 53.69 88.08
C ASP D 257 5.93 52.44 87.28
N GLY D 258 6.06 52.67 85.97
CA GLY D 258 5.58 51.80 84.93
C GLY D 258 6.15 50.42 84.75
N ASN D 259 7.46 50.36 84.98
CA ASN D 259 8.26 49.16 84.78
C ASN D 259 8.21 48.16 85.93
N PRO D 260 8.50 46.92 85.58
CA PRO D 260 8.72 45.83 86.52
C PRO D 260 10.01 46.15 87.25
N ILE D 261 10.06 45.89 88.56
CA ILE D 261 11.21 46.28 89.32
C ILE D 261 12.32 45.28 89.24
N ARG D 262 13.53 45.72 89.03
CA ARG D 262 14.68 44.85 89.16
C ARG D 262 15.91 45.56 89.62
N GLU D 263 16.91 44.77 89.89
CA GLU D 263 18.23 45.19 90.35
C GLU D 263 19.08 45.65 89.16
N LEU D 276 16.37 40.82 87.36
CA LEU D 276 15.12 41.36 87.87
C LEU D 276 14.94 40.95 89.36
N LYS D 277 14.33 41.84 90.17
CA LYS D 277 14.46 41.73 91.63
C LYS D 277 13.41 40.80 92.24
N PHE D 278 13.87 39.88 93.10
CA PHE D 278 13.02 38.95 93.84
C PHE D 278 12.33 39.67 95.00
N PHE D 279 11.07 39.28 95.26
CA PHE D 279 10.33 39.70 96.45
C PHE D 279 9.68 38.52 97.13
N SER D 280 9.72 38.55 98.46
CA SER D 280 8.97 37.60 99.25
C SER D 280 7.48 37.88 99.12
N GLN D 281 6.67 36.83 99.20
CA GLN D 281 5.23 37.01 99.26
C GLN D 281 4.81 37.83 100.48
N LYS D 282 5.68 37.93 101.50
CA LYS D 282 5.32 38.66 102.71
C LYS D 282 5.62 40.14 102.59
N LYS D 283 6.66 40.52 101.87
CA LYS D 283 7.11 41.88 101.91
C LYS D 283 6.02 42.77 101.42
N LYS D 284 5.67 43.81 102.16
CA LYS D 284 4.60 44.72 101.75
C LYS D 284 5.08 45.76 100.77
N LEU D 285 4.20 46.23 99.92
CA LEU D 285 4.64 47.01 98.80
C LEU D 285 4.15 48.39 98.92
N GLU D 286 4.90 49.28 98.31
CA GLU D 286 4.72 50.70 98.41
C GLU D 286 3.50 51.07 97.66
N GLU D 287 3.18 52.35 97.60
CA GLU D 287 1.85 52.73 97.16
C GLU D 287 1.64 52.31 95.70
N ASN D 288 0.60 51.49 95.57
CA ASN D 288 -0.03 51.21 94.33
C ASN D 288 1.00 50.62 93.35
N GLN D 289 2.07 50.07 93.90
CA GLN D 289 3.01 49.21 93.23
C GLN D 289 2.21 47.98 93.15
N ARG D 290 2.54 47.05 92.26
CA ARG D 290 1.81 45.79 92.13
C ARG D 290 2.67 44.60 91.70
N TYR D 291 2.21 43.40 92.05
CA TYR D 291 2.79 42.16 91.60
C TYR D 291 2.62 41.96 90.10
N ARG D 293 1.84 40.13 86.76
CA ARG D 293 0.91 39.05 86.43
C ARG D 293 1.58 38.05 85.50
N VAL D 294 1.04 36.83 85.48
CA VAL D 294 1.64 35.79 84.66
C VAL D 294 1.59 36.18 83.18
N ASP D 295 0.50 36.82 82.75
CA ASP D 295 0.45 37.26 81.36
C ASP D 295 1.58 38.22 81.04
N GLU D 296 1.87 39.18 81.93
CA GLU D 296 3.00 40.08 81.69
C GLU D 296 4.33 39.35 81.79
N TYR D 297 4.44 38.33 82.64
CA TYR D 297 5.69 37.58 82.75
C TYR D 297 6.03 36.89 81.43
N LEU D 298 5.09 36.20 80.86
CA LEU D 298 5.32 35.44 79.66
C LEU D 298 5.66 36.31 78.52
N LYS D 299 5.18 37.53 78.52
CA LYS D 299 5.40 38.44 77.42
C LYS D 299 6.62 39.24 77.51
N LEU D 300 7.41 39.06 78.54
CA LEU D 300 8.67 39.72 78.63
C LEU D 300 9.63 39.15 77.65
N ASP D 301 10.46 39.98 77.11
CA ASP D 301 11.29 39.55 75.98
C ASP D 301 12.21 38.41 76.39
N GLU D 302 12.88 38.55 77.53
CA GLU D 302 13.77 37.49 78.01
C GLU D 302 13.02 36.17 78.20
N VAL D 303 11.73 36.24 78.56
CA VAL D 303 10.96 35.03 78.75
C VAL D 303 10.55 34.43 77.42
N GLN D 304 10.13 35.28 76.47
CA GLN D 304 9.78 34.78 75.14
C GLN D 304 10.99 34.18 74.44
N LYS D 305 12.19 34.67 74.74
CA LYS D 305 13.39 34.18 74.06
C LYS D 305 13.74 32.76 74.48
N ARG D 306 13.33 32.35 75.68
CA ARG D 306 13.64 31.01 76.16
C ARG D 306 12.40 30.14 76.37
N PHE D 307 11.20 30.68 76.20
CA PHE D 307 9.97 29.94 76.38
C PHE D 307 8.96 30.32 75.30
N PRO D 308 8.55 29.38 74.46
CA PRO D 308 7.61 29.73 73.38
C PRO D 308 6.15 29.71 73.81
N GLY D 309 5.88 30.02 75.08
CA GLY D 309 4.51 29.97 75.58
C GLY D 309 3.67 31.18 75.27
N ALA D 310 4.26 32.27 74.79
CA ALA D 310 3.53 33.50 74.56
C ALA D 310 2.44 33.28 73.51
N GLY D 311 1.26 33.83 73.77
CA GLY D 311 0.15 33.74 72.84
C GLY D 311 -0.47 32.37 72.69
N LYS D 312 -0.01 31.39 73.45
CA LYS D 312 -0.43 30.01 73.28
C LYS D 312 -1.38 29.59 74.39
N LYS D 313 -2.32 28.72 74.05
CA LYS D 313 -3.28 28.16 75.01
C LYS D 313 -3.33 26.65 74.83
N LEU D 314 -3.29 25.92 75.94
CA LEU D 314 -3.48 24.48 75.96
C LEU D 314 -4.62 24.13 76.91
N ASP D 315 -5.44 23.16 76.52
CA ASP D 315 -6.59 22.76 77.31
C ASP D 315 -6.18 21.72 78.35
N GLY D 316 -6.77 21.82 79.55
CA GLY D 316 -6.58 20.81 80.56
C GLY D 316 -7.48 19.61 80.33
N GLY D 317 -7.24 18.58 81.13
CA GLY D 317 -8.06 17.39 80.99
C GLY D 317 -7.81 16.66 79.69
N LEU D 318 -8.76 15.82 79.32
CA LEU D 318 -8.65 15.00 78.13
C LEU D 318 -9.67 15.42 77.09
N PRO D 319 -9.26 15.58 75.83
CA PRO D 319 -10.20 16.03 74.79
C PRO D 319 -11.31 15.03 74.57
N GLY D 320 -12.53 15.55 74.43
CA GLY D 320 -13.70 14.70 74.29
C GLY D 320 -14.20 14.11 75.60
N LEU D 321 -13.70 14.59 76.73
CA LEU D 321 -14.18 14.19 78.04
C LEU D 321 -14.60 15.43 78.79
N LYS D 322 -15.81 15.43 79.34
CA LYS D 322 -16.19 16.57 80.15
C LYS D 322 -15.90 16.28 81.62
N GLU D 323 -15.81 17.36 82.41
CA GLU D 323 -15.13 17.31 83.70
C GLU D 323 -15.64 16.17 84.57
N TYR D 324 -16.92 15.83 84.49
CA TYR D 324 -17.46 14.77 85.34
C TYR D 324 -17.00 13.40 84.85
N GLN D 325 -16.73 13.25 83.56
CA GLN D 325 -16.15 12.00 83.06
C GLN D 325 -14.65 11.93 83.32
N TYR D 326 -13.95 13.06 83.12
CA TYR D 326 -12.53 13.11 83.45
C TYR D 326 -12.29 12.79 84.92
N LEU D 327 -13.14 13.31 85.80
CA LEU D 327 -12.92 13.12 87.23
C LEU D 327 -13.21 11.69 87.66
N GLN D 328 -14.16 11.02 87.00
CA GLN D 328 -14.34 9.59 87.26
C GLN D 328 -13.19 8.78 86.70
N ARG D 329 -12.59 9.23 85.59
CA ARG D 329 -11.38 8.60 85.09
C ARG D 329 -10.25 8.72 86.10
N LEU D 330 -10.06 9.92 86.65
CA LEU D 330 -8.99 10.13 87.62
C LEU D 330 -9.19 9.27 88.87
N ASN D 331 -10.43 8.90 89.18
CA ASN D 331 -10.73 8.05 90.31
C ASN D 331 -10.84 6.58 89.96
N SER D 332 -10.57 6.21 88.70
CA SER D 332 -10.66 4.82 88.28
C SER D 332 -9.69 3.95 89.07
N ILE D 333 -9.98 2.65 89.10
CA ILE D 333 -9.09 1.70 89.76
C ILE D 333 -7.78 1.56 89.01
N ASN D 334 -7.77 1.89 87.72
CA ASN D 334 -6.52 1.90 86.97
C ASN D 334 -5.51 2.87 87.55
N ARG D 335 -5.99 3.90 88.26
CA ARG D 335 -5.07 4.78 88.98
C ARG D 335 -4.24 4.00 89.98
N ALA D 336 -4.90 3.16 90.81
CA ALA D 336 -4.16 2.39 91.80
C ALA D 336 -3.37 1.25 91.16
N ARG D 337 -3.85 0.71 90.04
CA ARG D 337 -3.07 -0.29 89.32
C ARG D 337 -1.76 0.30 88.83
N CYS D 338 -1.79 1.55 88.36
CA CYS D 338 -0.55 2.24 88.01
C CYS D 338 0.35 2.43 89.23
N GLU D 339 -0.24 2.60 90.42
CA GLU D 339 0.54 2.84 91.62
C GLU D 339 1.02 1.56 92.29
N ASN D 340 0.45 0.42 91.93
CA ASN D 340 0.75 -0.84 92.61
C ASN D 340 1.24 -1.95 91.68
N ASP D 341 1.08 -1.82 90.36
CA ASP D 341 1.40 -2.88 89.41
C ASP D 341 2.46 -2.37 88.44
N VAL D 342 3.70 -2.84 88.61
CA VAL D 342 4.81 -2.40 87.76
C VAL D 342 4.52 -2.69 86.30
N ASP D 343 4.05 -3.90 86.00
CA ASP D 343 3.84 -4.29 84.61
C ASP D 343 2.70 -3.50 83.98
N PHE D 344 1.64 -3.23 84.75
CA PHE D 344 0.53 -2.46 84.23
C PHE D 344 0.92 -1.00 83.97
N CYS D 345 1.68 -0.41 84.90
CA CYS D 345 2.08 0.99 84.73
C CYS D 345 3.08 1.15 83.60
N LEU D 346 4.00 0.19 83.46
CA LEU D 346 4.92 0.23 82.32
C LEU D 346 4.18 0.04 81.01
N GLY D 347 3.13 -0.77 81.00
CA GLY D 347 2.36 -0.96 79.79
C GLY D 347 1.61 0.29 79.36
N GLN D 348 1.05 1.02 80.33
CA GLN D 348 0.42 2.30 80.02
C GLN D 348 1.44 3.29 79.45
N LEU D 349 2.62 3.36 80.05
CA LEU D 349 3.63 4.28 79.56
C LEU D 349 4.13 3.88 78.18
N GLN D 350 4.35 2.58 77.95
CA GLN D 350 4.84 2.13 76.66
C GLN D 350 3.88 2.49 75.54
N THR D 351 2.58 2.27 75.77
CA THR D 351 1.59 2.61 74.74
C THR D 351 1.59 4.11 74.47
N ALA D 352 1.73 4.92 75.52
CA ALA D 352 1.79 6.37 75.32
C ALA D 352 3.09 6.76 74.61
N HIS D 353 4.21 6.15 75.01
CA HIS D 353 5.48 6.41 74.32
C HIS D 353 5.40 6.04 72.85
N HIS D 354 4.81 4.88 72.53
CA HIS D 354 4.72 4.48 71.14
C HIS D 354 3.87 5.46 70.34
N GLN D 355 2.74 5.88 70.91
CA GLN D 355 1.84 6.78 70.20
C GLN D 355 2.50 8.11 69.85
N THR D 356 3.35 8.63 70.74
CA THR D 356 4.02 9.90 70.44
C THR D 356 5.01 9.81 69.30
N LYS D 357 5.35 8.61 68.84
CA LYS D 357 6.18 8.47 67.65
C LYS D 357 5.35 8.51 66.37
N ILE D 358 4.04 8.33 66.47
CA ILE D 358 3.16 8.26 65.31
C ILE D 358 2.38 9.55 65.11
N THR D 359 1.89 10.13 66.21
CA THR D 359 1.08 11.34 66.10
C THR D 359 1.78 12.49 65.39
N PRO D 360 3.07 12.78 65.60
CA PRO D 360 3.71 13.84 64.81
C PRO D 360 3.79 13.53 63.33
N ILE D 361 3.86 12.25 62.95
CA ILE D 361 3.91 11.90 61.53
C ILE D 361 2.59 12.23 60.86
N LYS D 362 1.49 11.71 61.43
CA LYS D 362 0.16 11.98 60.85
C LYS D 362 -0.15 13.47 60.84
N ARG D 363 0.41 14.22 61.80
CA ARG D 363 0.14 15.65 61.88
C ARG D 363 0.68 16.39 60.65
N ALA D 364 1.77 15.90 60.08
CA ALA D 364 2.49 16.60 59.02
C ALA D 364 1.95 16.33 57.62
N PHE D 365 0.90 15.52 57.47
CA PHE D 365 0.42 15.16 56.14
C PHE D 365 -1.10 15.33 56.07
N GLN D 366 -1.57 15.58 54.86
CA GLN D 366 -3.01 15.61 54.63
C GLN D 366 -3.60 14.25 54.95
N SER D 367 -4.61 14.25 55.81
CA SER D 367 -5.24 13.01 56.21
C SER D 367 -6.21 12.52 55.13
N SER D 368 -6.62 11.27 55.26
CA SER D 368 -7.63 10.69 54.41
C SER D 368 -8.55 9.82 55.24
N SER D 369 -9.83 9.80 54.88
CA SER D 369 -10.78 8.91 55.53
C SER D 369 -10.96 7.59 54.78
N GLU D 370 -10.37 7.46 53.59
CA GLU D 370 -10.49 6.23 52.80
C GLU D 370 -9.30 5.32 53.08
N LYS D 371 -9.57 4.10 53.54
CA LYS D 371 -8.51 3.13 53.79
C LYS D 371 -8.27 2.20 52.62
N ALA D 372 -9.21 2.12 51.68
CA ALA D 372 -9.09 1.23 50.54
C ALA D 372 -8.24 1.86 49.45
N ARG D 373 -7.81 1.03 48.49
CA ARG D 373 -7.17 1.58 47.31
C ARG D 373 -8.17 2.40 46.52
N ARG D 374 -7.65 3.36 45.77
CA ARG D 374 -8.51 4.19 44.94
C ARG D 374 -9.09 3.37 43.78
N GLN D 375 -10.04 3.97 43.07
CA GLN D 375 -10.62 3.35 41.89
C GLN D 375 -9.62 3.38 40.74
N PRO D 376 -9.82 2.57 39.71
CA PRO D 376 -8.87 2.55 38.59
C PRO D 376 -8.86 3.87 37.83
N ASN D 377 -7.68 4.26 37.38
CA ASN D 377 -7.57 5.32 36.38
C ASN D 377 -7.69 4.70 34.99
N ASP D 379 -5.67 4.36 32.50
CA ASP D 379 -4.60 3.52 32.00
C ASP D 379 -4.57 2.16 32.69
N GLU D 380 -4.92 2.11 33.98
CA GLU D 380 -5.06 0.82 34.64
C GLU D 380 -6.20 0.02 34.02
N ILE D 381 -7.27 0.71 33.62
CA ILE D 381 -8.36 0.04 32.93
C ILE D 381 -7.90 -0.50 31.57
N ALA D 382 -7.16 0.32 30.82
CA ALA D 382 -6.65 -0.12 29.53
C ALA D 382 -5.60 -1.21 29.70
N ALA D 383 -4.73 -1.07 30.70
CA ALA D 383 -3.72 -2.10 30.96
C ALA D 383 -4.36 -3.45 31.26
N ALA D 384 -5.42 -3.44 32.07
CA ALA D 384 -6.12 -4.69 32.38
C ALA D 384 -6.71 -5.33 31.12
N ARG D 385 -7.27 -4.51 30.21
CA ARG D 385 -7.82 -5.06 28.97
C ARG D 385 -6.73 -5.72 28.14
N ILE D 386 -5.55 -5.10 28.06
CA ILE D 386 -4.45 -5.67 27.30
C ILE D 386 -3.98 -6.96 27.92
N VAL D 387 -4.00 -7.05 29.25
CA VAL D 387 -3.60 -8.28 29.93
C VAL D 387 -4.57 -9.41 29.59
N GLN D 388 -5.87 -9.12 29.59
CA GLN D 388 -6.85 -10.14 29.29
C GLN D 388 -6.75 -10.64 27.85
N GLN D 389 -6.39 -9.76 26.92
CA GLN D 389 -6.29 -10.19 25.53
C GLN D 389 -5.05 -11.02 25.29
N ILE D 390 -3.93 -10.67 25.94
CA ILE D 390 -2.74 -11.51 25.85
C ILE D 390 -3.01 -12.89 26.42
N ALA D 392 -5.80 -14.34 26.64
CA ALA D 392 -6.74 -15.02 25.76
C ALA D 392 -6.05 -15.55 24.51
N ASN D 393 -5.01 -14.86 24.05
CA ASN D 393 -4.31 -15.22 22.81
C ASN D 393 -2.81 -15.24 23.05
N PRO D 394 -2.30 -16.25 23.76
CA PRO D 394 -0.84 -16.35 23.96
C PRO D 394 -0.08 -16.58 22.66
N ASP D 395 -0.78 -17.00 21.60
CA ASP D 395 -0.21 -17.03 20.25
C ASP D 395 0.52 -15.73 19.93
N CYS D 396 0.12 -14.62 20.56
CA CYS D 396 0.69 -13.31 20.30
C CYS D 396 2.09 -13.13 20.89
N ILE D 397 2.57 -14.08 21.67
CA ILE D 397 3.83 -13.91 22.38
C ILE D 397 4.98 -14.38 21.50
N HIS D 398 5.90 -13.47 21.19
CA HIS D 398 7.12 -13.77 20.45
C HIS D 398 8.33 -13.54 21.36
N ASP D 399 9.51 -13.72 20.80
CA ASP D 399 10.72 -13.68 21.63
C ASP D 399 11.15 -12.26 21.96
N ASP D 400 10.94 -11.32 21.03
CA ASP D 400 11.30 -9.91 21.20
C ASP D 400 10.13 -9.11 21.76
N HIS D 401 8.91 -9.38 21.29
CA HIS D 401 7.80 -8.47 21.48
C HIS D 401 6.52 -9.27 21.69
N VAL D 402 5.44 -8.55 21.95
CA VAL D 402 4.08 -9.05 21.82
C VAL D 402 3.49 -8.38 20.59
N PHE D 403 2.87 -9.16 19.72
CA PHE D 403 2.15 -8.63 18.57
C PHE D 403 0.68 -8.99 18.72
N LEU D 404 -0.18 -7.99 18.90
CA LEU D 404 -1.60 -8.25 19.10
C LEU D 404 -2.41 -7.17 18.39
N ASN D 405 -3.34 -7.57 17.53
CA ASN D 405 -4.25 -6.67 16.83
C ASN D 405 -3.49 -5.59 16.05
N GLY D 406 -2.44 -6.04 15.35
CA GLY D 406 -1.65 -5.18 14.50
C GLY D 406 -0.69 -4.27 15.24
N GLN D 407 -0.54 -4.41 16.56
CA GLN D 407 0.29 -3.52 17.36
C GLN D 407 1.41 -4.30 18.02
N LYS D 408 2.59 -3.67 18.09
CA LYS D 408 3.79 -4.28 18.63
C LYS D 408 4.09 -3.68 20.00
N LEU D 409 4.11 -4.52 21.03
CA LEU D 409 4.39 -4.11 22.40
C LEU D 409 5.71 -4.73 22.84
N GLU D 410 6.70 -3.89 23.08
CA GLU D 410 8.05 -4.36 23.38
C GLU D 410 8.32 -4.29 24.88
N GLU D 411 9.55 -4.63 25.26
CA GLU D 411 9.90 -4.74 26.68
C GLU D 411 9.58 -3.45 27.44
N LYS D 412 9.74 -2.31 26.79
CA LYS D 412 9.55 -1.02 27.47
C LYS D 412 8.10 -0.83 27.89
N PHE D 413 7.16 -1.25 27.05
CA PHE D 413 5.74 -1.07 27.40
C PHE D 413 5.39 -1.80 28.68
N PHE D 414 5.85 -3.04 28.83
CA PHE D 414 5.49 -3.81 29.99
C PHE D 414 6.21 -3.33 31.24
N ARG D 415 7.43 -2.80 31.08
CA ARG D 415 8.11 -2.18 32.22
C ARG D 415 7.41 -0.90 32.66
N ASP D 416 6.78 -0.19 31.71
CA ASP D 416 6.03 1.01 32.09
C ASP D 416 4.80 0.65 32.92
N LEU D 417 4.10 -0.42 32.53
CA LEU D 417 2.95 -0.88 33.30
C LEU D 417 3.35 -1.22 34.72
N LEU D 418 4.45 -1.96 34.89
CA LEU D 418 4.93 -2.33 36.22
C LEU D 418 5.23 -1.09 37.08
N ALA D 419 5.68 0.00 36.45
CA ALA D 419 6.14 1.17 37.21
C ALA D 419 5.06 2.22 37.43
N LYS D 420 4.05 2.28 36.55
CA LYS D 420 3.05 3.34 36.60
C LYS D 420 1.67 2.87 37.03
N CYS D 421 1.29 1.62 36.73
CA CYS D 421 0.01 1.09 37.16
C CYS D 421 0.09 0.55 38.58
N ASP D 422 -0.99 0.69 39.33
CA ASP D 422 -1.18 -0.10 40.54
C ASP D 422 -1.62 -1.49 40.08
N ALA D 424 -2.17 -4.13 41.62
CA ALA D 424 -3.24 -4.71 42.39
C ALA D 424 -4.59 -4.18 41.92
N ILE D 425 -4.64 -2.90 41.54
CA ILE D 425 -5.88 -2.36 40.96
C ILE D 425 -6.16 -3.02 39.62
N VAL D 426 -5.13 -3.18 38.81
CA VAL D 426 -5.27 -3.91 37.54
C VAL D 426 -5.82 -5.30 37.79
N GLY D 427 -5.24 -6.01 38.77
CA GLY D 427 -5.69 -7.36 39.07
C GLY D 427 -7.15 -7.42 39.47
N SER D 428 -7.67 -6.36 40.08
CA SER D 428 -9.07 -6.36 40.45
C SER D 428 -9.99 -6.18 39.24
N LEU D 429 -9.45 -5.81 38.09
CA LEU D 429 -10.24 -5.75 36.85
C LEU D 429 -10.15 -7.03 36.02
N LEU D 430 -9.36 -8.00 36.46
CA LEU D 430 -9.30 -9.30 35.79
C LEU D 430 -10.37 -10.22 36.38
N ASN D 431 -10.66 -11.30 35.64
CA ASN D 431 -11.73 -12.21 36.01
C ASN D 431 -11.23 -13.65 36.00
N ASP D 432 -12.12 -14.58 36.32
CA ASP D 432 -11.72 -15.99 36.44
C ASP D 432 -11.37 -16.61 35.10
N THR D 433 -11.85 -16.05 34.00
CA THR D 433 -11.40 -16.52 32.69
C THR D 433 -9.92 -16.22 32.49
N ASP D 434 -9.47 -15.03 32.88
CA ASP D 434 -8.04 -14.71 32.78
C ASP D 434 -7.20 -15.63 33.64
N ILE D 435 -7.71 -16.03 34.81
CA ILE D 435 -7.00 -16.94 35.68
C ILE D 435 -6.95 -18.34 35.06
N ARG D 436 -8.08 -18.78 34.52
CA ARG D 436 -8.11 -20.08 33.86
C ARG D 436 -7.14 -20.13 32.69
N ASN D 437 -6.97 -19.01 31.99
CA ASN D 437 -6.06 -18.93 30.86
C ASN D 437 -4.60 -18.91 31.28
N ILE D 438 -4.30 -18.95 32.58
CA ILE D 438 -2.92 -19.01 33.01
C ILE D 438 -2.22 -20.24 32.43
N ASP D 439 -2.94 -21.36 32.35
CA ASP D 439 -2.28 -22.59 31.92
C ASP D 439 -2.03 -22.58 30.42
N THR D 440 -2.97 -22.05 29.63
CA THR D 440 -2.75 -21.96 28.19
C THR D 440 -1.59 -21.01 27.87
N LEU D 441 -1.40 -19.97 28.69
CA LEU D 441 -0.20 -19.17 28.58
C LEU D 441 1.04 -19.99 28.92
N GLN D 443 1.40 -23.38 28.85
CA GLN D 443 1.69 -24.37 27.82
C GLN D 443 2.32 -23.73 26.60
N HIS D 444 1.94 -22.49 26.28
CA HIS D 444 2.61 -21.77 25.21
C HIS D 444 4.05 -21.45 25.59
N GLU D 445 4.35 -21.35 26.88
CA GLU D 445 5.68 -21.08 27.39
C GLU D 445 6.31 -22.30 28.03
N ARG D 446 5.98 -23.49 27.53
CA ARG D 446 6.47 -24.74 28.12
C ARG D 446 7.99 -24.72 28.28
N ASN D 447 8.70 -24.23 27.27
CA ASN D 447 10.16 -24.28 27.24
C ASN D 447 10.81 -22.92 27.40
N THR D 448 10.05 -21.89 27.79
CA THR D 448 10.65 -20.61 28.11
C THR D 448 11.45 -20.72 29.40
N GLU D 449 12.74 -20.42 29.32
CA GLU D 449 13.63 -20.57 30.47
C GLU D 449 13.60 -19.30 31.33
N PHE D 450 13.35 -19.48 32.62
CA PHE D 450 13.52 -18.41 33.59
C PHE D 450 14.87 -18.53 34.27
N HIS D 451 15.46 -17.38 34.62
CA HIS D 451 16.76 -17.32 35.24
C HIS D 451 16.64 -16.65 36.59
N SER D 452 17.00 -17.37 37.65
CA SER D 452 17.12 -16.79 38.97
C SER D 452 18.19 -15.69 38.94
N THR D 453 18.00 -14.68 39.80
CA THR D 453 19.01 -13.63 39.94
C THR D 453 20.32 -14.18 40.49
N ASP D 454 20.29 -15.37 41.10
CA ASP D 454 21.50 -16.09 41.47
C ASP D 454 22.04 -16.79 40.23
N ALA D 455 23.24 -16.39 39.80
CA ALA D 455 23.77 -16.86 38.52
C ALA D 455 24.19 -18.32 38.55
N LYS D 456 24.51 -18.88 39.72
CA LYS D 456 24.89 -20.28 39.79
C LYS D 456 23.68 -21.22 39.67
N ALA D 457 22.47 -20.70 39.85
CA ALA D 457 21.28 -21.51 39.68
C ALA D 457 21.05 -21.84 38.21
N LYS D 458 20.56 -23.04 37.94
CA LYS D 458 20.40 -23.42 36.55
C LYS D 458 19.08 -22.90 35.99
N PRO D 459 19.03 -22.51 34.71
CA PRO D 459 17.78 -22.00 34.13
C PRO D 459 16.66 -23.03 34.21
N VAL D 460 15.44 -22.53 34.40
CA VAL D 460 14.27 -23.38 34.60
C VAL D 460 13.24 -23.05 33.52
N LYS D 461 12.72 -24.08 32.86
CA LYS D 461 11.67 -23.87 31.85
C LYS D 461 10.34 -23.57 32.55
N LEU D 462 9.76 -22.41 32.24
CA LEU D 462 8.62 -21.90 32.97
C LEU D 462 7.39 -22.79 32.90
N GLY D 463 6.79 -22.89 31.71
CA GLY D 463 5.53 -23.61 31.60
C GLY D 463 5.63 -25.09 31.91
N GLU D 464 6.78 -25.71 31.61
CA GLU D 464 6.94 -27.12 31.89
C GLU D 464 6.99 -27.37 33.39
N THR D 465 7.84 -26.64 34.11
CA THR D 465 7.82 -26.73 35.57
C THR D 465 6.41 -26.53 36.10
N TRP D 466 5.73 -25.46 35.68
CA TRP D 466 4.36 -25.20 36.09
C TRP D 466 3.46 -26.43 35.95
N GLU D 467 3.52 -27.12 34.81
CA GLU D 467 2.56 -28.19 34.55
C GLU D 467 2.89 -29.45 35.36
N LYS D 468 4.18 -29.73 35.58
CA LYS D 468 4.56 -30.99 36.20
C LYS D 468 4.92 -30.85 37.68
N THR D 469 5.08 -29.63 38.19
CA THR D 469 5.42 -29.48 39.60
C THR D 469 4.45 -28.62 40.42
N ILE D 470 3.70 -27.69 39.82
CA ILE D 470 2.91 -26.71 40.55
C ILE D 470 1.41 -26.97 40.43
N ARG D 471 0.91 -27.07 39.20
CA ARG D 471 -0.53 -27.11 38.95
C ARG D 471 -1.12 -28.44 39.39
N SER D 472 -2.23 -28.39 40.15
CA SER D 472 -2.86 -29.59 40.71
C SER D 472 -4.29 -29.78 40.22
N GLY D 473 -4.62 -29.23 39.06
CA GLY D 473 -5.97 -29.34 38.55
C GLY D 473 -6.95 -28.46 39.30
N GLY D 474 -8.22 -28.87 39.28
CA GLY D 474 -9.25 -28.19 40.04
C GLY D 474 -9.80 -26.96 39.37
N GLY D 475 -10.70 -26.29 40.10
CA GLY D 475 -11.30 -25.06 39.64
C GLY D 475 -10.37 -23.87 39.75
N VAL D 476 -10.93 -22.68 39.50
CA VAL D 476 -10.10 -21.48 39.40
C VAL D 476 -9.49 -21.11 40.74
N THR D 477 -10.17 -21.42 41.85
CA THR D 477 -9.57 -21.13 43.15
C THR D 477 -8.28 -21.92 43.34
N GLN D 478 -8.27 -23.19 42.91
CA GLN D 478 -7.06 -23.99 43.01
C GLN D 478 -5.95 -23.39 42.16
N ILE D 479 -6.29 -22.87 40.98
CA ILE D 479 -5.30 -22.18 40.15
C ILE D 479 -4.69 -21.03 40.91
N LYS D 480 -5.51 -20.26 41.62
CA LYS D 480 -5.00 -19.11 42.35
C LYS D 480 -4.01 -19.53 43.43
N HIS D 481 -4.32 -20.60 44.17
CA HIS D 481 -3.38 -21.08 45.18
C HIS D 481 -2.12 -21.66 44.56
N ASP D 482 -2.24 -22.31 43.38
CA ASP D 482 -1.04 -22.79 42.69
C ASP D 482 -0.15 -21.63 42.27
N LEU D 483 -0.73 -20.57 41.71
CA LEU D 483 0.05 -19.39 41.35
C LEU D 483 0.70 -18.79 42.58
N ILE D 484 -0.07 -18.63 43.65
CA ILE D 484 0.48 -18.12 44.91
C ILE D 484 1.58 -19.04 45.42
N PHE D 485 1.47 -20.34 45.15
CA PHE D 485 2.49 -21.29 45.60
C PHE D 485 3.78 -21.15 44.82
N LEU D 486 3.68 -21.02 43.49
CA LEU D 486 4.86 -20.80 42.66
C LEU D 486 5.63 -19.57 43.12
N GLN D 488 5.62 -18.25 46.18
CA GLN D 488 6.20 -18.46 47.51
C GLN D 488 7.31 -19.50 47.50
N ASN D 489 7.27 -20.46 46.58
CA ASN D 489 8.11 -21.63 46.68
C ASN D 489 9.34 -21.59 45.78
N ASP D 490 9.25 -20.99 44.60
CA ASP D 490 10.27 -21.14 43.57
C ASP D 490 11.09 -19.88 43.46
N ALA D 491 12.34 -19.94 43.94
CA ALA D 491 13.18 -18.75 43.97
C ALA D 491 13.65 -18.36 42.58
N TRP D 492 13.84 -19.33 41.68
CA TRP D 492 14.16 -19.00 40.30
C TRP D 492 13.09 -18.12 39.68
N TYR D 493 11.86 -18.19 40.20
CA TYR D 493 10.76 -17.40 39.65
C TYR D 493 10.63 -16.06 40.36
N HIS D 494 10.50 -16.06 41.69
CA HIS D 494 10.16 -14.81 42.36
C HIS D 494 11.34 -13.85 42.44
N THR D 495 12.60 -14.32 42.37
CA THR D 495 13.72 -13.39 42.36
C THR D 495 13.74 -12.58 41.07
N ARG D 496 13.52 -13.24 39.94
CA ARG D 496 13.45 -12.52 38.67
C ARG D 496 12.24 -11.60 38.65
N VAL D 497 11.09 -12.11 39.07
CA VAL D 497 9.84 -11.34 39.02
C VAL D 497 9.96 -10.08 39.86
N ASN D 498 10.42 -10.22 41.11
CA ASN D 498 10.50 -9.05 41.99
C ASN D 498 11.53 -8.05 41.50
N ALA D 499 12.66 -8.54 41.00
CA ALA D 499 13.69 -7.65 40.48
C ALA D 499 13.18 -6.85 39.28
N ILE D 500 12.43 -7.50 38.40
CA ILE D 500 11.88 -6.80 37.24
C ILE D 500 10.78 -5.84 37.68
N ALA D 501 9.89 -6.29 38.56
CA ALA D 501 8.78 -5.46 39.00
C ALA D 501 9.26 -4.19 39.67
N GLN D 502 10.33 -4.28 40.45
CA GLN D 502 10.90 -3.11 41.12
C GLN D 502 11.96 -2.41 40.29
N ASN D 503 12.12 -2.81 39.03
CA ASN D 503 13.02 -2.12 38.10
C ASN D 503 14.45 -2.07 38.63
N ARG D 504 14.94 -3.22 39.13
CA ARG D 504 16.31 -3.33 39.63
C ARG D 504 16.96 -4.62 39.15
N ASP D 505 16.54 -5.12 38.00
CA ASP D 505 17.01 -6.38 37.44
C ASP D 505 18.14 -6.14 36.46
N LYS D 506 18.97 -7.17 36.28
CA LYS D 506 20.06 -7.12 35.30
C LYS D 506 19.98 -8.31 34.37
N ASP D 507 20.14 -8.06 33.08
CA ASP D 507 20.21 -9.10 32.06
C ASP D 507 19.00 -10.02 32.11
N SER D 508 17.81 -9.42 32.04
CA SER D 508 16.56 -10.17 31.98
C SER D 508 16.10 -10.29 30.53
N THR D 509 15.52 -11.43 30.20
CA THR D 509 14.93 -11.64 28.88
C THR D 509 13.60 -10.91 28.78
N PHE D 510 13.18 -10.67 27.54
CA PHE D 510 11.90 -10.01 27.32
C PHE D 510 10.75 -10.84 27.89
N LYS D 511 10.79 -12.15 27.68
CA LYS D 511 9.76 -13.02 28.22
C LYS D 511 9.68 -12.88 29.74
N GLU D 512 10.84 -12.78 30.40
CA GLU D 512 10.83 -12.58 31.84
C GLU D 512 10.13 -11.27 32.21
N VAL D 513 10.35 -10.21 31.42
CA VAL D 513 9.66 -8.95 31.67
C VAL D 513 8.16 -9.12 31.48
N LEU D 514 7.75 -9.71 30.35
CA LEU D 514 6.34 -9.86 30.05
C LEU D 514 5.64 -10.72 31.10
N ILE D 515 6.23 -11.88 31.44
CA ILE D 515 5.65 -12.75 32.44
C ILE D 515 5.46 -12.00 33.77
N THR D 516 6.47 -11.23 34.17
CA THR D 516 6.33 -10.39 35.35
C THR D 516 5.17 -9.43 35.21
N ALA D 517 5.03 -8.80 34.04
CA ALA D 517 3.93 -7.85 33.84
C ALA D 517 2.57 -8.53 33.88
N LEU D 518 2.48 -9.77 33.38
CA LEU D 518 1.20 -10.47 33.38
C LEU D 518 0.88 -11.08 34.74
N THR D 520 2.02 -10.23 37.83
CA THR D 520 1.85 -9.34 38.99
C THR D 520 0.38 -8.99 39.22
N PRO D 521 -0.40 -8.48 38.24
CA PRO D 521 -1.85 -8.31 38.52
C PRO D 521 -2.56 -9.63 38.76
N LEU D 522 -2.23 -10.69 38.03
CA LEU D 522 -2.93 -11.96 38.23
C LEU D 522 -2.63 -12.52 39.60
N THR D 523 -1.40 -12.38 40.08
CA THR D 523 -1.08 -12.83 41.43
C THR D 523 -1.85 -12.01 42.48
N ASN D 524 -1.96 -10.70 42.28
CA ASN D 524 -2.71 -9.88 43.22
C ASN D 524 -4.18 -10.32 43.28
N LYS D 525 -4.79 -10.58 42.10
CA LYS D 525 -6.16 -11.08 42.11
C LYS D 525 -6.26 -12.40 42.87
N SER D 526 -5.30 -13.30 42.64
CA SER D 526 -5.29 -14.58 43.34
C SER D 526 -5.25 -14.37 44.84
N LEU D 527 -4.37 -13.47 45.30
CA LEU D 527 -4.27 -13.16 46.73
C LEU D 527 -5.56 -12.55 47.24
N ASP D 529 -8.72 -12.66 46.09
CA ASP D 529 -9.87 -13.57 46.13
C ASP D 529 -9.69 -14.65 47.19
N THR D 530 -8.46 -15.06 47.49
CA THR D 530 -8.25 -16.20 48.37
C THR D 530 -8.08 -15.84 49.83
N SER D 531 -7.53 -14.65 50.13
CA SER D 531 -7.18 -14.35 51.52
C SER D 531 -8.44 -14.21 52.37
N ARG D 532 -8.48 -14.95 53.46
CA ARG D 532 -9.61 -14.95 54.38
C ARG D 532 -9.32 -14.22 55.69
N SER D 533 -8.14 -14.44 56.27
CA SER D 533 -7.84 -13.91 57.59
C SER D 533 -7.92 -12.38 57.58
N PRO D 534 -8.36 -11.79 58.69
CA PRO D 534 -8.23 -10.34 58.83
C PRO D 534 -6.77 -9.95 58.93
N ALA D 535 -6.47 -8.75 58.45
CA ALA D 535 -5.09 -8.35 58.23
C ALA D 535 -4.33 -8.25 59.55
N PRO D 536 -3.14 -8.82 59.65
CA PRO D 536 -2.28 -8.53 60.81
C PRO D 536 -1.83 -7.09 60.80
N LYS D 537 -1.52 -6.57 61.99
CA LYS D 537 -1.11 -5.18 62.14
C LYS D 537 0.38 -5.02 62.39
N THR D 538 1.11 -6.11 62.57
CA THR D 538 2.57 -6.11 62.57
C THR D 538 3.05 -7.16 61.58
N LEU D 539 3.91 -6.75 60.66
CA LEU D 539 4.50 -7.65 59.68
C LEU D 539 6.00 -7.42 59.63
N PHE D 540 6.75 -8.46 59.30
CA PHE D 540 8.21 -8.40 59.23
C PHE D 540 8.67 -8.81 57.85
N ARG D 541 9.57 -8.02 57.27
CA ARG D 541 10.12 -8.27 55.94
C ARG D 541 11.64 -8.34 56.04
N GLY D 542 12.23 -9.35 55.40
CA GLY D 542 13.67 -9.52 55.37
C GLY D 542 14.25 -9.04 54.06
N LEU D 543 15.41 -8.41 54.13
CA LEU D 543 16.15 -7.99 52.94
C LEU D 543 17.62 -8.32 53.14
N ASP D 544 18.32 -8.50 52.03
CA ASP D 544 19.76 -8.64 52.03
C ASP D 544 20.32 -7.45 51.26
N LEU D 545 20.73 -6.42 51.99
CA LEU D 545 21.19 -5.17 51.40
C LEU D 545 22.70 -5.10 51.46
N SER D 546 23.28 -4.43 50.46
CA SER D 546 24.70 -4.13 50.51
C SER D 546 25.00 -3.21 51.69
N GLU D 547 26.24 -3.27 52.17
CA GLU D 547 26.65 -2.41 53.26
C GLU D 547 26.37 -0.95 52.94
N GLU D 548 26.75 -0.52 51.74
CA GLU D 548 26.56 0.87 51.34
C GLU D 548 25.09 1.25 51.29
N PHE D 549 24.24 0.35 50.78
CA PHE D 549 22.83 0.67 50.68
C PHE D 549 22.16 0.69 52.04
N LYS D 550 22.52 -0.25 52.92
CA LYS D 550 21.93 -0.23 54.26
C LYS D 550 22.31 1.03 55.01
N ASN D 551 23.57 1.46 54.87
CA ASN D 551 24.01 2.70 55.50
C ASN D 551 23.20 3.89 55.00
N LYS D 552 22.85 3.90 53.72
CA LYS D 552 22.02 4.99 53.19
C LYS D 552 20.66 4.99 53.85
N LEU D 553 20.08 3.80 54.07
CA LEU D 553 18.76 3.72 54.67
C LEU D 553 18.80 4.11 56.14
N ILE D 554 19.87 3.73 56.84
CA ILE D 554 20.03 4.15 58.23
C ILE D 554 20.04 5.67 58.32
N ASN D 555 20.92 6.31 57.55
CA ASN D 555 20.97 7.77 57.52
C ASN D 555 19.61 8.38 57.24
N GLN D 556 18.92 7.89 56.20
CA GLN D 556 17.64 8.48 55.85
C GLN D 556 16.61 8.28 56.96
N ALA D 557 16.62 7.11 57.57
CA ALA D 557 15.69 6.87 58.68
C ALA D 557 16.02 7.75 59.89
N GLU D 558 17.31 7.92 60.20
CA GLU D 558 17.67 8.74 61.36
C GLU D 558 17.31 10.20 61.13
N THR D 559 17.51 10.70 59.90
CA THR D 559 17.12 12.06 59.58
C THR D 559 15.63 12.27 59.76
N ILE D 560 14.83 11.29 59.32
CA ILE D 560 13.38 11.40 59.48
C ILE D 560 13.00 11.39 60.95
N ILE D 561 13.56 10.46 61.72
CA ILE D 561 13.25 10.35 63.14
C ILE D 561 13.65 11.64 63.88
N ALA D 562 14.80 12.20 63.54
CA ALA D 562 15.26 13.40 64.23
C ALA D 562 14.40 14.61 63.92
N ASN D 563 13.65 14.59 62.82
CA ASN D 563 12.77 15.69 62.45
C ASN D 563 11.30 15.31 62.61
N THR D 564 11.01 14.35 63.47
CA THR D 564 9.67 13.99 63.87
C THR D 564 9.63 14.12 65.39
N THR D 565 8.96 15.14 65.89
CA THR D 565 8.95 15.41 67.32
C THR D 565 7.57 15.86 67.74
N GLU D 566 7.13 15.37 68.90
CA GLU D 566 5.99 15.97 69.55
C GLU D 566 6.31 17.40 69.91
N HIS D 567 5.26 18.20 70.07
CA HIS D 567 5.43 19.61 70.39
C HIS D 567 4.31 20.04 71.32
N LEU D 568 4.59 21.11 72.07
CA LEU D 568 3.60 21.78 72.89
C LEU D 568 3.04 23.02 72.20
N PHE D 569 3.92 23.93 71.77
CA PHE D 569 3.54 25.21 71.21
C PHE D 569 4.04 25.45 69.79
N THR D 570 5.17 24.86 69.40
CA THR D 570 5.82 25.12 68.12
C THR D 570 5.68 23.88 67.24
N ASP D 571 4.68 23.90 66.36
CA ASP D 571 4.45 22.81 65.41
C ASP D 571 5.52 22.85 64.32
N LEU D 572 6.36 21.81 64.23
CA LEU D 572 7.38 21.69 63.19
C LEU D 572 6.99 20.66 62.15
N SER D 573 5.68 20.49 61.93
CA SER D 573 5.18 19.51 60.98
C SER D 573 5.70 19.78 59.57
N THR D 574 5.90 21.05 59.21
CA THR D 574 6.38 21.35 57.88
C THR D 574 7.79 20.83 57.66
N GLU D 575 8.62 20.80 58.71
CA GLU D 575 9.95 20.24 58.56
C GLU D 575 9.92 18.72 58.51
N ALA D 576 8.97 18.09 59.21
CA ALA D 576 8.81 16.65 59.13
C ALA D 576 8.35 16.23 57.74
N PHE D 577 7.42 17.00 57.16
CA PHE D 577 6.99 16.81 55.78
C PHE D 577 8.18 16.91 54.83
N LYS D 578 8.99 17.97 54.99
CA LYS D 578 10.11 18.18 54.07
C LYS D 578 11.15 17.07 54.18
N GLN D 579 11.47 16.64 55.40
CA GLN D 579 12.50 15.61 55.56
C GLN D 579 12.00 14.23 55.17
N ILE D 580 10.73 13.92 55.41
CA ILE D 580 10.21 12.60 55.02
C ILE D 580 10.19 12.47 53.50
N LYS D 581 9.84 13.54 52.79
CA LYS D 581 9.87 13.48 51.32
C LYS D 581 11.30 13.35 50.81
N LEU D 582 12.25 14.01 51.47
CA LEU D 582 13.64 13.92 51.02
C LEU D 582 14.23 12.54 51.29
N ASN D 583 13.77 11.85 52.33
CA ASN D 583 14.44 10.65 52.80
C ASN D 583 13.60 9.38 52.72
N ASP D 584 12.37 9.46 52.21
CA ASP D 584 11.49 8.30 52.20
C ASP D 584 12.10 7.17 51.36
N PHE D 585 12.08 5.96 51.91
CA PHE D 585 12.51 4.79 51.15
C PHE D 585 11.39 3.76 51.06
N SER D 586 10.14 4.24 50.98
CA SER D 586 8.99 3.34 50.80
C SER D 586 9.13 2.50 49.52
N GLN D 587 9.78 3.05 48.49
CA GLN D 587 9.88 2.33 47.23
C GLN D 587 10.66 1.03 47.34
N VAL D 588 11.45 0.86 48.40
CA VAL D 588 12.14 -0.41 48.61
C VAL D 588 11.14 -1.54 48.78
N SER D 589 9.91 -1.22 49.19
CA SER D 589 8.88 -2.23 49.44
C SER D 589 7.70 -2.11 48.48
N ALA D 590 7.89 -1.46 47.34
CA ALA D 590 6.79 -1.14 46.45
C ALA D 590 6.92 -1.90 45.14
N ARG D 591 5.89 -1.76 44.29
CA ARG D 591 5.84 -2.20 42.90
C ARG D 591 5.81 -3.73 42.73
N THR D 592 5.81 -4.52 43.80
CA THR D 592 5.79 -5.96 43.65
C THR D 592 5.05 -6.60 44.80
N CYS D 593 4.65 -7.86 44.60
CA CYS D 593 4.00 -8.61 45.67
C CYS D 593 5.03 -8.98 46.73
N ALA D 594 5.21 -8.11 47.72
CA ALA D 594 6.31 -8.23 48.66
C ALA D 594 5.98 -9.22 49.77
N SER D 595 6.90 -10.13 50.03
CA SER D 595 6.68 -11.16 51.03
C SER D 595 7.02 -10.64 52.42
N THR D 596 6.14 -10.92 53.37
CA THR D 596 6.33 -10.58 54.78
C THR D 596 5.88 -11.76 55.62
N SER D 597 6.26 -11.75 56.89
CA SER D 597 5.80 -12.78 57.83
C SER D 597 5.38 -12.12 59.13
N THR D 598 4.37 -12.70 59.78
CA THR D 598 4.03 -12.23 61.12
C THR D 598 5.05 -12.68 62.16
N ASN D 599 5.98 -13.55 61.78
CA ASN D 599 6.97 -14.11 62.70
C ASN D 599 8.34 -13.60 62.30
N ILE D 600 8.91 -12.72 63.12
CA ILE D 600 10.20 -12.09 62.80
C ILE D 600 11.29 -13.12 62.57
N GLU D 601 11.15 -14.32 63.14
CA GLU D 601 12.19 -15.32 62.98
C GLU D 601 12.23 -15.93 61.58
N VAL D 602 11.22 -15.70 60.76
CA VAL D 602 11.28 -16.19 59.39
C VAL D 602 12.32 -15.38 58.63
N PRO D 603 12.24 -14.09 58.59
CA PRO D 603 13.35 -13.29 58.13
C PRO D 603 14.58 -13.28 58.99
N ARG D 604 14.51 -13.22 60.30
CA ARG D 604 15.72 -13.21 61.08
C ARG D 604 16.51 -14.47 61.13
N THR D 605 15.87 -15.59 61.39
CA THR D 605 16.57 -16.81 61.63
C THR D 605 16.65 -17.74 60.47
N ILE D 606 15.58 -18.02 59.78
CA ILE D 606 15.61 -18.89 58.63
C ILE D 606 16.32 -18.38 57.41
N PHE D 607 16.09 -17.18 57.01
CA PHE D 607 16.72 -16.61 55.83
C PHE D 607 17.94 -15.75 56.15
N GLY D 608 18.14 -15.39 57.41
CA GLY D 608 19.36 -14.70 57.81
C GLY D 608 19.52 -13.32 57.20
N SER D 609 18.43 -12.60 56.99
CA SER D 609 18.51 -11.26 56.43
C SER D 609 19.30 -10.33 57.35
N ASN D 610 20.07 -9.43 56.76
CA ASN D 610 20.77 -8.40 57.53
C ASN D 610 19.91 -7.16 57.71
N THR D 611 18.74 -7.12 57.09
CA THR D 611 17.82 -5.99 57.19
C THR D 611 16.42 -6.50 57.47
N ILE D 612 15.79 -5.97 58.50
CA ILE D 612 14.43 -6.35 58.84
C ILE D 612 13.59 -5.09 58.95
N PHE D 613 12.50 -5.04 58.19
CA PHE D 613 11.51 -3.98 58.30
C PHE D 613 10.40 -4.49 59.22
N GLU D 614 10.27 -3.90 60.39
CA GLU D 614 9.10 -4.15 61.25
C GLU D 614 8.03 -3.19 60.79
N ILE D 615 7.07 -3.69 60.03
CA ILE D 615 6.06 -2.87 59.39
C ILE D 615 4.83 -2.86 60.27
N LEU D 616 4.54 -1.70 60.86
CA LEU D 616 3.33 -1.50 61.65
C LEU D 616 2.26 -0.84 60.78
N ASP D 617 1.07 -1.45 60.77
CA ASP D 617 -0.09 -0.94 60.04
C ASP D 617 -1.27 -0.83 61.01
N PRO D 618 -1.23 0.09 61.97
CA PRO D 618 -2.33 0.17 62.94
C PRO D 618 -3.65 0.66 62.34
N ASP D 619 -3.62 1.37 61.22
CA ASP D 619 -4.82 1.89 60.60
C ASP D 619 -5.33 1.03 59.46
N GLY D 620 -4.73 -0.14 59.23
CA GLY D 620 -5.21 -1.06 58.21
C GLY D 620 -5.17 -0.54 56.78
N LEU D 621 -4.00 -0.04 56.35
CA LEU D 621 -3.84 0.57 55.04
C LEU D 621 -3.09 -0.30 54.05
N LEU D 622 -2.44 -1.37 54.50
CA LEU D 622 -1.59 -2.13 53.62
C LEU D 622 -2.31 -3.24 52.87
N HIS D 623 -3.45 -3.71 53.39
CA HIS D 623 -4.20 -4.81 52.77
C HIS D 623 -3.34 -6.04 52.51
N PRO D 624 -2.65 -6.56 53.53
CA PRO D 624 -1.86 -7.78 53.34
C PRO D 624 -2.76 -8.96 53.04
N LYS D 625 -2.27 -9.86 52.21
CA LYS D 625 -3.00 -11.03 51.80
C LYS D 625 -2.25 -12.28 52.25
N GLN D 626 -2.99 -13.23 52.83
CA GLN D 626 -2.37 -14.47 53.28
C GLN D 626 -1.75 -15.23 52.10
N VAL D 627 -0.60 -15.85 52.38
CA VAL D 627 0.13 -16.65 51.41
C VAL D 627 0.27 -18.06 51.96
N GLY D 628 -0.34 -19.02 51.26
CA GLY D 628 -0.15 -20.41 51.65
C GLY D 628 -0.84 -20.76 52.96
N THR D 629 -0.23 -21.68 53.70
CA THR D 629 -0.74 -22.15 54.97
C THR D 629 -0.08 -21.41 56.13
N HIS D 630 -0.70 -21.53 57.30
CA HIS D 630 -0.19 -20.89 58.51
C HIS D 630 -0.17 -21.85 59.69
N VAL D 631 0.07 -23.14 59.42
CA VAL D 631 0.27 -24.07 60.53
C VAL D 631 1.56 -23.73 61.26
N SER D 632 1.70 -24.30 62.46
CA SER D 632 2.92 -24.10 63.22
C SER D 632 4.11 -24.66 62.47
N GLY D 633 5.19 -23.88 62.42
CA GLY D 633 6.37 -24.25 61.65
C GLY D 633 6.37 -23.77 60.22
N SER D 634 5.26 -23.17 59.76
CA SER D 634 5.20 -22.60 58.43
C SER D 634 5.82 -21.20 58.44
N GLU D 635 5.85 -20.57 57.26
CA GLU D 635 6.46 -19.26 57.13
C GLU D 635 5.53 -18.13 57.54
N SER D 636 4.26 -18.42 57.85
CA SER D 636 3.28 -17.40 58.27
C SER D 636 3.31 -16.20 57.31
N GLU D 637 3.40 -16.49 56.02
CA GLU D 637 3.68 -15.47 55.03
C GLU D 637 2.44 -14.66 54.67
N TYR D 638 2.64 -13.38 54.42
CA TYR D 638 1.63 -12.46 53.91
C TYR D 638 2.27 -11.63 52.81
N SER D 639 1.45 -11.20 51.85
CA SER D 639 1.93 -10.45 50.69
C SER D 639 1.37 -9.03 50.73
N ILE D 640 2.24 -8.06 50.43
CA ILE D 640 1.90 -6.64 50.40
C ILE D 640 2.22 -6.11 49.02
N TYR D 641 1.24 -5.48 48.38
CA TYR D 641 1.48 -4.66 47.20
C TYR D 641 1.18 -3.23 47.63
N LEU D 642 2.24 -2.44 47.83
CA LEU D 642 2.10 -1.15 48.51
C LEU D 642 1.20 -0.20 47.74
N PRO D 643 0.13 0.30 48.34
CA PRO D 643 -0.69 1.31 47.66
C PRO D 643 0.12 2.56 47.36
N GLU D 644 -0.24 3.24 46.27
CA GLU D 644 0.56 4.35 45.76
C GLU D 644 0.65 5.53 46.72
N ASP D 645 -0.31 5.67 47.65
CA ASP D 645 -0.37 6.80 48.55
C ASP D 645 -0.06 6.42 49.99
N VAL D 646 0.59 5.28 50.20
CA VAL D 646 1.01 4.85 51.52
C VAL D 646 2.52 4.94 51.59
N ALA D 647 3.00 5.55 52.66
CA ALA D 647 4.42 5.64 52.96
C ALA D 647 4.72 4.78 54.18
N LEU D 648 5.88 4.12 54.16
CA LEU D 648 6.34 3.35 55.32
C LEU D 648 7.36 4.23 56.04
N VAL D 649 6.87 5.05 56.97
CA VAL D 649 7.71 6.09 57.59
C VAL D 649 8.48 5.48 58.76
N PRO D 650 9.80 5.64 58.81
CA PRO D 650 10.57 5.04 59.90
C PRO D 650 10.38 5.78 61.21
N ILE D 651 10.28 5.02 62.29
CA ILE D 651 10.18 5.58 63.63
C ILE D 651 11.28 5.07 64.56
N LYS D 652 12.01 4.01 64.20
CA LYS D 652 13.09 3.50 65.03
C LYS D 652 14.06 2.71 64.17
N VAL D 653 15.35 2.83 64.48
CA VAL D 653 16.41 2.03 63.87
C VAL D 653 17.24 1.42 64.98
N SER D 654 17.26 0.10 65.06
CA SER D 654 17.99 -0.61 66.09
C SER D 654 19.02 -1.54 65.47
N PHE D 655 20.23 -1.55 66.04
CA PHE D 655 21.18 -2.61 65.79
C PHE D 655 20.72 -3.84 66.55
N ASP D 656 20.70 -5.00 65.87
CA ASP D 656 20.06 -6.20 66.38
C ASP D 656 21.03 -7.37 66.52
N GLY D 657 22.32 -7.13 66.38
CA GLY D 657 23.30 -8.19 66.41
C GLY D 657 23.76 -8.57 65.02
N LYS D 658 24.32 -9.77 64.92
CA LYS D 658 24.92 -10.25 63.68
C LYS D 658 24.20 -11.48 63.17
N THR D 659 24.19 -11.62 61.84
CA THR D 659 23.62 -12.79 61.19
C THR D 659 24.61 -13.94 61.24
N GLY D 660 24.16 -15.11 60.76
CA GLY D 660 25.01 -16.29 60.76
C GLY D 660 26.30 -16.09 59.98
N LYS D 661 26.28 -15.25 58.95
CA LYS D 661 27.46 -14.94 58.17
C LYS D 661 28.30 -13.82 58.79
N GLY D 662 27.90 -13.30 59.95
CA GLY D 662 28.68 -12.28 60.62
C GLY D 662 28.42 -10.86 60.18
N LYS D 663 27.42 -10.64 59.32
CA LYS D 663 27.06 -9.30 58.91
C LYS D 663 26.19 -8.62 59.97
N ASP D 664 26.31 -7.31 60.08
CA ASP D 664 25.45 -6.55 60.98
C ASP D 664 23.99 -6.68 60.55
N ARG D 665 23.10 -6.79 61.54
CA ARG D 665 21.67 -6.82 61.30
C ARG D 665 21.00 -5.62 61.97
N HIS D 666 20.17 -4.91 61.22
CA HIS D 666 19.42 -3.78 61.73
C HIS D 666 17.93 -3.99 61.50
N ILE D 667 17.12 -3.60 62.47
CA ILE D 667 15.68 -3.61 62.33
C ILE D 667 15.20 -2.16 62.20
N PHE D 668 14.48 -1.88 61.11
CA PHE D 668 13.81 -0.61 60.90
C PHE D 668 12.34 -0.81 61.25
N THR D 669 11.83 -0.02 62.19
CA THR D 669 10.41 -0.02 62.50
C THR D 669 9.75 1.06 61.66
N LEU D 670 8.75 0.67 60.87
CA LEU D 670 8.10 1.60 59.94
C LEU D 670 6.59 1.58 60.18
N VAL D 671 5.98 2.77 60.10
CA VAL D 671 4.54 2.93 60.26
C VAL D 671 3.96 3.26 58.90
N ALA D 672 2.91 2.53 58.52
CA ALA D 672 2.22 2.81 57.27
C ALA D 672 1.31 4.02 57.47
N VAL D 673 1.53 5.06 56.66
CA VAL D 673 0.73 6.28 56.72
C VAL D 673 0.20 6.56 55.33
N LYS D 674 -1.10 6.84 55.24
CA LYS D 674 -1.76 7.10 53.96
C LYS D 674 -2.07 8.58 53.84
N SER D 675 -1.79 9.17 52.67
CA SER D 675 -2.00 10.60 52.48
C SER D 675 -1.98 10.93 51.01
N PRO D 676 -2.85 11.83 50.55
CA PRO D 676 -2.71 12.34 49.17
C PRO D 676 -1.37 12.97 48.90
N ASP D 677 -0.64 13.38 49.94
CA ASP D 677 0.69 13.94 49.75
C ASP D 677 1.68 12.93 49.18
N PHE D 678 1.39 11.64 49.30
CA PHE D 678 2.31 10.61 48.82
C PHE D 678 1.96 10.11 47.42
N THR D 679 0.88 10.60 46.83
CA THR D 679 0.47 10.17 45.51
C THR D 679 1.53 10.56 44.47
N PRO D 680 1.94 9.65 43.61
CA PRO D 680 2.81 10.03 42.48
C PRO D 680 1.99 10.64 41.37
N ARG D 681 2.65 11.46 40.57
CA ARG D 681 2.04 12.02 39.37
C ARG D 681 2.70 11.37 38.15
N HIS D 682 1.91 10.58 37.43
CA HIS D 682 2.33 9.95 36.19
C HIS D 682 1.69 10.69 35.02
N GLU D 683 2.39 10.68 33.89
CA GLU D 683 1.76 11.12 32.66
C GLU D 683 0.92 9.99 32.07
N SER D 684 -0.33 10.27 31.77
CA SER D 684 -1.28 9.28 31.28
C SER D 684 -1.07 9.00 29.81
N GLY D 685 -1.71 7.92 29.33
CA GLY D 685 -1.72 7.55 27.93
C GLY D 685 -0.90 6.32 27.59
N TYR D 686 0.02 5.91 28.46
CA TYR D 686 0.96 4.85 28.12
C TYR D 686 0.26 3.54 27.81
N ALA D 687 -0.95 3.32 28.36
CA ALA D 687 -1.69 2.10 28.10
C ALA D 687 -2.92 2.30 27.24
N VAL D 688 -3.59 3.46 27.33
CA VAL D 688 -4.79 3.68 26.53
C VAL D 688 -4.43 3.79 25.05
N GLY D 689 -3.34 4.47 24.73
CA GLY D 689 -2.91 4.63 23.36
C GLY D 689 -2.80 3.33 22.61
N PRO D 690 -1.91 2.44 23.07
CA PRO D 690 -1.80 1.12 22.42
C PRO D 690 -3.13 0.39 22.33
N LEU D 691 -3.95 0.43 23.38
CA LEU D 691 -5.24 -0.24 23.34
C LEU D 691 -6.13 0.33 22.25
N LEU D 692 -6.05 1.65 22.04
CA LEU D 692 -6.86 2.26 20.98
C LEU D 692 -6.41 1.79 19.60
N LYS D 693 -5.10 1.62 19.41
CA LYS D 693 -4.59 1.10 18.15
C LYS D 693 -5.17 -0.27 17.85
N GLN D 695 -8.03 -1.59 18.76
CA GLN D 695 -9.43 -1.53 18.39
C GLN D 695 -9.63 -1.14 16.93
N THR D 696 -8.58 -0.70 16.25
CA THR D 696 -8.69 -0.27 14.86
C THR D 696 -9.28 -1.39 14.01
N PRO D 697 -10.29 -1.11 13.19
CA PRO D 697 -10.88 -2.15 12.34
C PRO D 697 -9.99 -2.45 11.14
N LYS D 698 -9.95 -3.73 10.77
CA LYS D 698 -9.21 -4.11 9.57
C LYS D 698 -9.86 -3.55 8.32
N LEU D 699 -11.20 -3.57 8.27
CA LEU D 699 -11.96 -3.05 7.14
C LEU D 699 -11.54 -3.72 5.83
N GLU D 700 -11.56 -5.05 5.85
CA GLU D 700 -11.05 -5.82 4.72
C GLU D 700 -12.02 -5.82 3.53
N GLU D 701 -13.32 -5.86 3.80
CA GLU D 701 -14.30 -5.87 2.71
C GLU D 701 -14.20 -4.60 1.88
N ILE D 702 -14.05 -3.46 2.53
CA ILE D 702 -13.94 -2.20 1.79
C ILE D 702 -12.64 -2.17 1.00
N GLN D 703 -11.57 -2.72 1.57
CA GLN D 703 -10.34 -2.86 0.80
C GLN D 703 -10.55 -3.72 -0.43
N ARG D 704 -11.46 -4.69 -0.37
CA ARG D 704 -11.75 -5.53 -1.53
C ARG D 704 -12.74 -4.85 -2.47
N LEU D 705 -13.57 -3.94 -1.95
CA LEU D 705 -14.41 -3.14 -2.84
C LEU D 705 -13.57 -2.27 -3.75
N VAL D 706 -12.47 -1.70 -3.23
CA VAL D 706 -11.65 -0.81 -4.04
C VAL D 706 -10.76 -1.60 -4.98
N GLU D 707 -10.17 -2.71 -4.51
CA GLU D 707 -9.34 -3.53 -5.39
C GLU D 707 -10.16 -4.03 -6.58
N GLN D 708 -11.42 -4.38 -6.32
CA GLN D 708 -12.31 -4.79 -7.41
C GLN D 708 -12.79 -3.60 -8.23
N ALA D 709 -12.92 -2.42 -7.63
CA ALA D 709 -13.24 -1.22 -8.40
C ALA D 709 -12.07 -0.73 -9.24
N ARG D 710 -10.92 -1.40 -9.18
CA ARG D 710 -9.75 -1.02 -9.95
C ARG D 710 -9.36 -2.09 -10.97
N GLU D 711 -10.22 -3.07 -11.22
CA GLU D 711 -9.93 -4.08 -12.24
C GLU D 711 -10.14 -3.48 -13.62
N GLU D 712 -9.16 -3.68 -14.50
CA GLU D 712 -9.38 -3.35 -15.89
C GLU D 712 -10.54 -4.18 -16.42
N PRO D 713 -11.49 -3.58 -17.14
CA PRO D 713 -12.52 -4.39 -17.78
C PRO D 713 -11.87 -5.37 -18.74
N ASP D 714 -12.54 -6.49 -18.96
CA ASP D 714 -11.98 -7.48 -19.86
C ASP D 714 -12.62 -7.22 -21.23
N LEU D 715 -11.93 -6.40 -22.03
CA LEU D 715 -12.40 -6.09 -23.38
C LEU D 715 -11.96 -7.15 -24.36
N GLU D 716 -11.08 -8.06 -23.95
CA GLU D 716 -10.81 -9.28 -24.71
C GLU D 716 -12.09 -10.00 -25.10
N ARG D 717 -12.99 -10.20 -24.13
CA ARG D 717 -14.22 -10.96 -24.41
C ARG D 717 -15.19 -10.17 -25.27
N VAL D 718 -15.22 -8.84 -25.15
CA VAL D 718 -16.10 -8.07 -26.01
C VAL D 718 -15.61 -8.11 -27.45
N PHE D 719 -14.28 -8.06 -27.65
CA PHE D 719 -13.74 -8.26 -28.98
C PHE D 719 -14.04 -9.66 -29.50
N ASN D 720 -13.96 -10.66 -28.60
CA ASN D 720 -14.23 -12.03 -28.99
C ASN D 720 -15.62 -12.17 -29.59
N LEU D 721 -16.62 -11.55 -28.96
CA LEU D 721 -17.99 -11.63 -29.47
C LEU D 721 -18.21 -10.71 -30.67
N GLN D 722 -17.49 -9.59 -30.75
CA GLN D 722 -17.54 -8.79 -31.95
C GLN D 722 -17.09 -9.59 -33.17
N SER D 723 -15.95 -10.29 -33.03
CA SER D 723 -15.45 -11.12 -34.12
C SER D 723 -16.37 -12.29 -34.38
N ARG D 724 -16.95 -12.88 -33.33
CA ARG D 724 -17.92 -13.95 -33.51
C ARG D 724 -19.18 -13.45 -34.22
N VAL D 725 -19.64 -12.25 -33.86
CA VAL D 725 -20.81 -11.69 -34.54
C VAL D 725 -20.46 -11.37 -36.00
N ALA D 726 -19.26 -10.84 -36.24
CA ALA D 726 -18.87 -10.47 -37.59
C ALA D 726 -18.82 -11.67 -38.52
N ARG D 727 -18.27 -12.79 -38.06
CA ARG D 727 -18.22 -13.98 -38.89
C ARG D 727 -19.62 -14.49 -39.24
N GLN D 728 -20.52 -14.49 -38.25
CA GLN D 728 -21.91 -14.85 -38.50
C GLN D 728 -22.70 -13.74 -39.18
N ALA D 729 -22.17 -12.50 -39.21
CA ALA D 729 -22.83 -11.37 -39.84
C ALA D 729 -22.34 -11.08 -41.24
N LYS D 730 -21.33 -11.79 -41.72
CA LYS D 730 -21.04 -11.77 -43.16
C LYS D 730 -21.79 -12.88 -43.85
N PHE D 731 -21.81 -13.99 -43.16
CA PHE D 731 -22.24 -15.20 -43.71
C PHE D 731 -23.46 -15.55 -42.92
N SER D 732 -24.63 -15.37 -43.49
CA SER D 732 -25.80 -16.06 -42.94
C SER D 732 -26.83 -16.14 -44.02
N THR D 733 -27.16 -17.34 -44.48
CA THR D 733 -28.24 -17.43 -45.44
C THR D 733 -29.61 -17.08 -44.89
N GLU D 734 -29.94 -17.49 -43.66
CA GLU D 734 -31.15 -16.98 -43.02
C GLU D 734 -31.14 -15.46 -43.01
N SER D 735 -32.25 -14.86 -43.46
CA SER D 735 -32.32 -13.41 -43.63
C SER D 735 -32.54 -12.71 -42.30
N GLY D 736 -33.50 -13.16 -41.50
CA GLY D 736 -33.87 -12.44 -40.28
C GLY D 736 -32.82 -12.48 -39.19
N TYR D 737 -32.01 -13.53 -39.16
CA TYR D 737 -30.97 -13.64 -38.14
C TYR D 737 -29.86 -12.63 -38.38
N LYS D 738 -29.51 -12.40 -39.64
CA LYS D 738 -28.47 -11.45 -39.98
C LYS D 738 -28.90 -10.00 -39.78
N THR D 739 -30.18 -9.68 -40.04
CA THR D 739 -30.68 -8.36 -39.71
C THR D 739 -30.60 -8.10 -38.21
N PHE D 740 -30.93 -9.12 -37.40
CA PHE D 740 -30.90 -8.97 -35.96
C PHE D 740 -29.47 -8.87 -35.43
N LEU D 741 -28.53 -9.61 -36.03
CA LEU D 741 -27.14 -9.55 -35.60
C LEU D 741 -26.51 -8.22 -35.95
N ASN D 742 -26.80 -7.70 -37.14
CA ASN D 742 -26.21 -6.44 -37.57
C ASN D 742 -26.91 -5.23 -36.95
N GLU D 743 -28.21 -5.34 -36.64
CA GLU D 743 -28.93 -4.23 -36.02
C GLU D 743 -28.78 -4.24 -34.51
N LYS D 744 -29.19 -5.32 -33.86
CA LYS D 744 -29.43 -5.29 -32.42
C LYS D 744 -28.25 -5.74 -31.58
N VAL D 745 -27.35 -6.56 -32.13
CA VAL D 745 -26.26 -7.14 -31.36
C VAL D 745 -24.95 -6.39 -31.59
N ALA D 746 -24.56 -6.19 -32.84
CA ALA D 746 -23.28 -5.55 -33.11
C ALA D 746 -23.19 -4.11 -32.61
N PRO D 747 -24.21 -3.25 -32.76
CA PRO D 747 -24.10 -1.89 -32.19
C PRO D 747 -23.95 -1.88 -30.68
N VAL D 748 -24.64 -2.78 -29.97
CA VAL D 748 -24.48 -2.84 -28.52
C VAL D 748 -23.06 -3.21 -28.14
N LEU D 749 -22.43 -4.11 -28.91
CA LEU D 749 -21.09 -4.55 -28.58
C LEU D 749 -20.06 -3.46 -28.87
N GLU D 750 -20.19 -2.77 -30.00
CA GLU D 750 -19.28 -1.66 -30.29
C GLU D 750 -19.48 -0.52 -29.30
N GLN D 751 -20.74 -0.26 -28.93
CA GLN D 751 -21.03 0.80 -27.98
C GLN D 751 -20.57 0.42 -26.57
N SER D 752 -20.66 -0.88 -26.23
CA SER D 752 -20.16 -1.34 -24.94
C SER D 752 -18.64 -1.29 -24.88
N LEU D 753 -17.97 -1.61 -26.00
CA LEU D 753 -16.51 -1.59 -26.03
C LEU D 753 -15.99 -0.18 -25.75
N ASN D 754 -16.49 0.81 -26.48
CA ASN D 754 -16.09 2.19 -26.22
C ASN D 754 -16.46 2.62 -24.81
N GLY D 755 -17.58 2.10 -24.28
CA GLY D 755 -17.96 2.47 -22.92
C GLY D 755 -17.03 1.91 -21.88
N LEU D 756 -16.65 0.64 -22.01
CA LEU D 756 -15.64 0.08 -21.13
C LEU D 756 -14.28 0.77 -21.33
N LEU D 757 -13.92 1.03 -22.59
CA LEU D 757 -12.64 1.64 -22.88
C LEU D 757 -12.56 3.04 -22.29
N ASP D 758 -13.62 3.84 -22.48
CA ASP D 758 -13.63 5.23 -22.11
C ASP D 758 -13.98 5.48 -20.65
N ASN D 759 -14.40 4.45 -19.92
CA ASN D 759 -14.86 4.62 -18.55
C ASN D 759 -15.98 5.66 -18.48
N ASN D 760 -16.85 5.63 -19.48
CA ASN D 760 -17.95 6.59 -19.58
C ASN D 760 -19.19 5.94 -18.98
N VAL D 761 -19.72 6.55 -17.91
CA VAL D 761 -20.90 6.01 -17.26
C VAL D 761 -22.14 6.22 -18.12
N THR D 762 -22.30 7.44 -18.66
CA THR D 762 -23.46 7.76 -19.47
C THR D 762 -23.69 6.72 -20.57
N ILE D 763 -22.63 6.30 -21.23
CA ILE D 763 -22.79 5.31 -22.30
C ILE D 763 -23.16 3.95 -21.71
N LEU D 764 -22.55 3.58 -20.58
CA LEU D 764 -22.77 2.23 -20.04
C LEU D 764 -24.18 2.07 -19.51
N GLY D 765 -24.67 3.05 -18.76
CA GLY D 765 -26.01 2.98 -18.21
C GLY D 765 -27.11 2.90 -19.25
N LYS D 766 -26.81 3.21 -20.50
CA LYS D 766 -27.83 3.19 -21.54
C LYS D 766 -27.62 2.11 -22.60
N VAL D 767 -26.42 1.54 -22.73
CA VAL D 767 -26.30 0.35 -23.58
C VAL D 767 -27.03 -0.81 -22.95
N LEU D 768 -27.27 -0.74 -21.64
CA LEU D 768 -28.00 -1.79 -20.94
C LEU D 768 -29.39 -1.97 -21.51
N SER D 769 -30.09 -0.86 -21.79
CA SER D 769 -31.42 -0.96 -22.36
C SER D 769 -31.40 -1.56 -23.76
N ALA D 770 -30.31 -1.37 -24.50
CA ALA D 770 -30.21 -1.82 -25.88
C ALA D 770 -29.99 -3.32 -26.00
N PHE D 771 -29.64 -4.01 -24.92
CA PHE D 771 -29.39 -5.45 -24.98
C PHE D 771 -30.69 -6.17 -25.35
N PRO D 772 -30.66 -7.04 -26.37
CA PRO D 772 -31.88 -7.77 -26.76
C PRO D 772 -32.37 -8.68 -25.64
N SER D 773 -33.68 -8.89 -25.62
CA SER D 773 -34.30 -9.75 -24.63
C SER D 773 -33.98 -11.21 -24.90
N ASP D 774 -34.28 -12.06 -23.92
CA ASP D 774 -34.15 -13.50 -24.12
C ASP D 774 -35.10 -14.00 -25.19
N GLY D 775 -36.29 -13.41 -25.30
CA GLY D 775 -37.24 -13.81 -26.32
C GLY D 775 -36.84 -13.40 -27.71
N GLN D 776 -36.20 -12.24 -27.86
CA GLN D 776 -35.67 -11.86 -29.16
C GLN D 776 -34.54 -12.80 -29.58
N TRP D 777 -33.73 -13.24 -28.61
CA TRP D 777 -32.69 -14.23 -28.89
C TRP D 777 -33.30 -15.59 -29.21
N SER D 778 -34.39 -15.95 -28.54
CA SER D 778 -35.03 -17.25 -28.71
C SER D 778 -35.68 -17.42 -30.07
N ALA D 779 -35.64 -16.42 -30.94
CA ALA D 779 -36.20 -16.56 -32.27
C ALA D 779 -35.39 -17.53 -33.14
N PHE D 780 -34.14 -17.78 -32.79
CA PHE D 780 -33.22 -18.57 -33.60
C PHE D 780 -32.69 -19.73 -32.77
N ASN D 781 -33.08 -20.95 -33.15
CA ASN D 781 -32.69 -22.16 -32.43
C ASN D 781 -31.41 -22.78 -32.98
N SER D 782 -30.43 -21.96 -33.32
CA SER D 782 -29.15 -22.47 -33.78
C SER D 782 -28.20 -22.68 -32.60
N VAL D 783 -27.24 -23.59 -32.79
CA VAL D 783 -26.29 -23.88 -31.73
C VAL D 783 -25.46 -22.64 -31.42
N GLU D 784 -25.01 -21.92 -32.46
CA GLU D 784 -24.16 -20.76 -32.23
C GLU D 784 -24.95 -19.58 -31.67
N ALA D 785 -26.23 -19.44 -32.03
CA ALA D 785 -27.02 -18.33 -31.52
C ALA D 785 -27.25 -18.46 -30.01
N ARG D 786 -27.52 -19.69 -29.54
CA ARG D 786 -27.62 -19.92 -28.10
C ARG D 786 -26.31 -19.61 -27.40
N GLN D 787 -25.19 -20.01 -28.01
CA GLN D 787 -23.88 -19.77 -27.40
C GLN D 787 -23.59 -18.28 -27.32
N LYS D 789 -25.91 -15.93 -27.17
CA LYS D 789 -26.83 -15.41 -26.16
C LYS D 789 -26.21 -15.51 -24.77
N ILE D 790 -25.53 -16.62 -24.48
CA ILE D 790 -24.83 -16.77 -23.21
C ILE D 790 -23.60 -15.87 -23.16
N GLN D 791 -22.97 -15.60 -24.31
CA GLN D 791 -21.86 -14.65 -24.33
C GLN D 791 -22.35 -13.22 -24.09
N ASP D 793 -25.03 -12.21 -22.43
CA ASP D 793 -25.44 -12.03 -21.04
C ASP D 793 -24.23 -11.74 -20.15
N ALA D 794 -23.13 -12.46 -20.36
CA ALA D 794 -21.93 -12.23 -19.57
C ALA D 794 -21.34 -10.85 -19.83
N ILE D 795 -21.33 -10.41 -21.10
CA ILE D 795 -20.91 -9.05 -21.41
C ILE D 795 -21.86 -8.04 -20.79
N LYS D 796 -23.16 -8.38 -20.74
CA LYS D 796 -24.15 -7.47 -20.18
C LYS D 796 -23.97 -7.33 -18.67
N GLN D 797 -23.68 -8.43 -17.97
CA GLN D 797 -23.48 -8.32 -16.53
C GLN D 797 -22.22 -7.52 -16.22
N VAL D 799 -20.98 -5.09 -18.03
CA VAL D 799 -21.23 -3.66 -18.25
C VAL D 799 -22.09 -3.09 -17.13
N GLU D 800 -23.08 -3.86 -16.64
CA GLU D 800 -23.95 -3.34 -15.60
C GLU D 800 -23.21 -3.16 -14.27
N LYS D 801 -22.36 -4.12 -13.91
CA LYS D 801 -21.63 -4.01 -12.65
C LYS D 801 -20.77 -2.75 -12.60
N LYS D 802 -20.16 -2.38 -13.74
CA LYS D 802 -19.37 -1.16 -13.77
C LYS D 802 -20.25 0.08 -13.73
N ALA D 803 -21.38 0.06 -14.45
CA ALA D 803 -22.29 1.20 -14.41
C ALA D 803 -22.86 1.41 -13.01
N VAL D 804 -23.13 0.32 -12.29
CA VAL D 804 -23.64 0.42 -10.93
C VAL D 804 -22.53 0.81 -9.95
N LEU D 805 -21.32 0.27 -10.13
CA LEU D 805 -20.22 0.64 -9.26
C LEU D 805 -19.88 2.11 -9.42
N GLU D 806 -19.40 2.49 -10.61
CA GLU D 806 -18.92 3.85 -10.82
C GLU D 806 -20.06 4.87 -10.87
N GLY D 807 -21.27 4.46 -11.19
CA GLY D 807 -22.36 5.42 -11.34
C GLY D 807 -23.32 5.49 -10.17
N GLN D 808 -23.39 4.41 -9.38
CA GLN D 808 -24.35 4.31 -8.28
C GLN D 808 -23.65 4.20 -6.93
N ILE D 809 -22.79 3.19 -6.74
CA ILE D 809 -22.29 2.87 -5.41
C ILE D 809 -21.12 3.76 -5.02
N LEU D 810 -20.13 3.88 -5.93
CA LEU D 810 -18.97 4.72 -5.63
C LEU D 810 -19.34 6.18 -5.38
N PRO D 811 -20.24 6.82 -6.12
CA PRO D 811 -20.62 8.18 -5.74
C PRO D 811 -21.31 8.24 -4.39
N ALA D 812 -22.12 7.24 -4.03
CA ALA D 812 -22.80 7.26 -2.74
C ALA D 812 -21.82 7.16 -1.58
N LEU D 813 -20.77 6.35 -1.72
CA LEU D 813 -19.73 6.30 -0.70
C LEU D 813 -19.05 7.66 -0.54
N ALA D 814 -18.71 8.30 -1.66
CA ALA D 814 -18.08 9.61 -1.60
C ALA D 814 -18.99 10.64 -0.95
N GLN D 815 -20.27 10.65 -1.33
CA GLN D 815 -21.25 11.53 -0.69
C GLN D 815 -21.43 11.17 0.78
N CYS D 816 -21.43 9.88 1.08
CA CYS D 816 -21.49 9.44 2.48
C CYS D 816 -20.26 9.92 3.24
N GLN D 817 -19.07 9.69 2.68
CA GLN D 817 -17.84 10.10 3.36
C GLN D 817 -17.82 11.60 3.58
N ASN D 818 -18.17 12.37 2.54
CA ASN D 818 -18.09 13.83 2.66
C ASN D 818 -19.07 14.35 3.71
N ALA D 819 -20.21 13.69 3.89
CA ALA D 819 -21.10 14.07 4.98
C ALA D 819 -20.45 13.79 6.34
N LEU D 820 -19.62 12.74 6.43
CA LEU D 820 -18.98 12.37 7.68
C LEU D 820 -17.85 13.32 8.06
N GLU D 821 -17.14 13.89 7.08
CA GLU D 821 -16.14 14.91 7.38
C GLU D 821 -16.76 16.26 7.68
N LYS D 822 -18.07 16.43 7.45
CA LYS D 822 -18.83 17.57 7.93
C LYS D 822 -19.67 17.23 9.16
N GLN D 823 -19.58 16.00 9.65
CA GLN D 823 -20.32 15.51 10.82
C GLN D 823 -21.82 15.62 10.64
N ASN D 824 -22.25 15.55 9.39
CA ASN D 824 -23.65 15.41 9.02
C ASN D 824 -23.94 13.91 9.00
N ILE D 825 -24.09 13.35 10.20
CA ILE D 825 -24.22 11.90 10.34
C ILE D 825 -25.44 11.39 9.59
N ALA D 826 -26.61 11.97 9.88
CA ALA D 826 -27.84 11.56 9.21
C ALA D 826 -27.76 11.78 7.70
N GLY D 827 -26.92 12.71 7.25
CA GLY D 827 -26.69 12.84 5.82
C GLY D 827 -25.84 11.72 5.27
N ALA D 828 -24.86 11.25 6.04
CA ALA D 828 -24.03 10.14 5.61
C ALA D 828 -24.85 8.88 5.43
N LEU D 829 -25.77 8.60 6.37
CA LEU D 829 -26.73 7.52 6.18
C LEU D 829 -27.57 7.76 4.95
N GLN D 830 -27.98 9.01 4.74
CA GLN D 830 -28.87 9.36 3.64
C GLN D 830 -28.24 9.02 2.29
N ALA D 831 -26.93 9.20 2.18
CA ALA D 831 -26.23 8.91 0.92
C ALA D 831 -26.36 7.42 0.57
N LEU D 832 -26.32 6.55 1.57
CA LEU D 832 -26.53 5.13 1.33
C LEU D 832 -28.01 4.82 1.09
N ARG D 833 -28.88 5.34 1.94
CA ARG D 833 -30.32 5.14 1.79
C ARG D 833 -30.80 5.62 0.43
N ASN D 834 -30.65 6.92 0.16
CA ASN D 834 -31.23 7.52 -1.02
C ASN D 834 -30.19 7.51 -2.12
N ILE D 835 -30.29 6.49 -2.97
CA ILE D 835 -29.43 6.29 -4.11
C ILE D 835 -30.25 6.45 -5.36
N PRO D 836 -29.83 7.26 -6.29
CA PRO D 836 -30.69 7.44 -7.47
C PRO D 836 -30.44 6.39 -8.55
N SER D 837 -31.52 6.07 -9.26
CA SER D 837 -31.44 5.14 -10.38
C SER D 837 -30.78 5.82 -11.58
N LEU D 838 -30.49 5.02 -12.59
CA LEU D 838 -29.76 5.50 -13.77
C LEU D 838 -30.69 6.16 -14.80
#